data_6BOJ
#
_entry.id   6BOJ
#
_cell.length_a   81.780
_cell.length_b   81.890
_cell.length_c   116.790
_cell.angle_alpha   90.00
_cell.angle_beta   110.41
_cell.angle_gamma   90.00
#
_symmetry.space_group_name_H-M   'P 1 21 1'
#
loop_
_entity.id
_entity.type
_entity.pdbx_description
1 polymer "cAMP-specific 3',5'-cyclic phosphodiesterase 4D"
2 non-polymer 'ZINC ION'
3 non-polymer 'MAGNESIUM ION'
4 non-polymer 2-(4-{[2-(3-chlorophenyl)-6-ethylpyrimidin-4-yl]methyl}phenyl)acetamide
5 non-polymer 'CHLORIDE ION'
6 non-polymer (4S)-2-METHYL-2,4-PENTANEDIOL
7 water water
#
_entity_poly.entity_id   1
_entity_poly.type   'polypeptide(L)'
_entity_poly.pdbx_seq_one_letter_code
;MSIPRFGVKTEQEDVLAKELEDVNKWGLHVFRIAELSGNRPLTVIMHTIFQERDLLKTFKIPVDTLITYLMTLEDHYHAD
VAYHNNIHAADVVQSTHVLLSTPALEAVFTDLEILAAIFASAIHDVDHPGVSNQFLINTNSELALMYNDSSVLENHHLAV
GFKLLQEENCDIFQNLTKKQRQSLRKMVIDIVLATDMSKHMNLLADLKTMVETKKVTSSGVLLLDNYSDRIQVLQNMVHC
ADLSNPTKPLQLYRQWTDRIMEEFFRQGDRERERGMEISPMCDKHNASVEKSQVGFIDYIVHPLWETWADLVHPDAQDIL
DTLEDNREWYQSTIPQAPAPPLDEQNRDSQGNQVSEFISNTFLDENLYFQ
;
_entity_poly.pdbx_strand_id   A,B,C,D
#
loop_
_chem_comp.id
_chem_comp.type
_chem_comp.name
_chem_comp.formula
CL non-polymer 'CHLORIDE ION' 'Cl -1'
E31 non-polymer 2-(4-{[2-(3-chlorophenyl)-6-ethylpyrimidin-4-yl]methyl}phenyl)acetamide 'C21 H20 Cl N3 O'
MG non-polymer 'MAGNESIUM ION' 'Mg 2'
MPD non-polymer (4S)-2-METHYL-2,4-PENTANEDIOL 'C6 H14 O2'
ZN non-polymer 'ZINC ION' 'Zn 2'
#
# COMPACT_ATOMS: atom_id res chain seq x y z
N GLN A 12 15.58 -41.08 -10.35
CA GLN A 12 14.88 -40.06 -9.58
C GLN A 12 13.38 -40.25 -9.69
N GLU A 13 12.89 -40.17 -10.92
CA GLU A 13 11.44 -40.23 -11.21
C GLU A 13 10.77 -41.51 -10.71
N ASP A 14 11.45 -42.65 -10.88
CA ASP A 14 10.90 -43.94 -10.46
C ASP A 14 10.84 -44.02 -8.94
N VAL A 15 11.88 -43.52 -8.29
CA VAL A 15 11.98 -43.59 -6.82
C VAL A 15 10.91 -42.68 -6.21
N LEU A 16 10.73 -41.51 -6.82
CA LEU A 16 9.70 -40.55 -6.36
C LEU A 16 8.31 -41.20 -6.49
N ALA A 17 8.06 -41.80 -7.65
CA ALA A 17 6.78 -42.47 -7.89
C ALA A 17 6.52 -43.57 -6.87
N LYS A 18 7.56 -44.32 -6.52
CA LYS A 18 7.44 -45.41 -5.54
C LYS A 18 7.06 -44.87 -4.16
N GLU A 19 7.71 -43.79 -3.72
CA GLU A 19 7.31 -43.13 -2.45
C GLU A 19 5.85 -42.66 -2.50
N LEU A 20 5.44 -42.11 -3.63
CA LEU A 20 4.09 -41.52 -3.79
C LEU A 20 2.97 -42.57 -3.79
N GLU A 21 3.35 -43.85 -3.90
CA GLU A 21 2.42 -44.97 -3.68
C GLU A 21 1.84 -45.02 -2.28
N ASP A 22 2.52 -44.39 -1.34
CA ASP A 22 2.07 -44.32 0.05
C ASP A 22 1.20 -43.09 0.33
N VAL A 23 0.73 -42.42 -0.69
CA VAL A 23 0.00 -41.14 -0.49
C VAL A 23 -1.29 -41.34 0.33
N ASN A 24 -1.86 -42.55 0.32
CA ASN A 24 -3.05 -42.81 1.12
C ASN A 24 -2.77 -43.34 2.50
N LYS A 25 -1.49 -43.38 2.89
CA LYS A 25 -1.06 -43.93 4.15
C LYS A 25 -0.65 -42.86 5.16
N TRP A 26 -1.06 -43.08 6.40
CA TRP A 26 -0.56 -42.29 7.52
C TRP A 26 0.90 -42.64 7.71
N GLY A 27 1.79 -41.69 7.61
CA GLY A 27 3.23 -42.03 7.71
C GLY A 27 4.00 -42.02 6.41
N LEU A 28 3.39 -41.46 5.38
CA LEU A 28 4.10 -41.13 4.16
C LEU A 28 5.48 -40.52 4.45
N HIS A 29 6.49 -40.90 3.66
CA HIS A 29 7.86 -40.36 3.84
C HIS A 29 7.98 -38.99 3.23
N VAL A 30 7.42 -37.99 3.90
CA VAL A 30 7.22 -36.68 3.26
C VAL A 30 8.55 -35.95 3.10
N PHE A 31 9.50 -36.21 4.00
CA PHE A 31 10.81 -35.56 3.89
C PHE A 31 11.59 -36.15 2.70
N ARG A 32 11.46 -37.47 2.50
CA ARG A 32 12.10 -38.12 1.34
C ARG A 32 11.49 -37.59 0.03
N ILE A 33 10.18 -37.40 0.01
CA ILE A 33 9.50 -36.81 -1.14
C ILE A 33 9.98 -35.40 -1.42
N ALA A 34 10.18 -34.62 -0.36
CA ALA A 34 10.70 -33.29 -0.52
C ALA A 34 12.09 -33.34 -1.20
N GLU A 35 12.95 -34.26 -0.75
CA GLU A 35 14.32 -34.39 -1.32
C GLU A 35 14.22 -34.81 -2.77
N LEU A 36 13.43 -35.85 -3.03
CA LEU A 36 13.31 -36.46 -4.36
C LEU A 36 12.68 -35.56 -5.42
N SER A 37 11.84 -34.62 -4.99
CA SER A 37 11.15 -33.77 -5.91
C SER A 37 11.86 -32.43 -6.13
N GLY A 38 13.07 -32.26 -5.61
CA GLY A 38 13.78 -30.99 -5.67
C GLY A 38 13.13 -29.88 -4.86
N ASN A 39 12.73 -30.26 -3.64
CA ASN A 39 11.99 -29.41 -2.71
C ASN A 39 10.63 -28.94 -3.23
N ARG A 40 9.91 -29.85 -3.88
CA ARG A 40 8.54 -29.58 -4.34
C ARG A 40 7.53 -30.55 -3.75
N PRO A 41 7.65 -30.87 -2.45
CA PRO A 41 6.67 -31.80 -1.91
C PRO A 41 5.21 -31.34 -2.05
N LEU A 42 4.93 -30.06 -1.87
CA LEU A 42 3.51 -29.60 -1.89
C LEU A 42 2.93 -29.77 -3.29
N THR A 43 3.71 -29.41 -4.27
CA THR A 43 3.28 -29.53 -5.67
C THR A 43 3.03 -30.99 -6.06
N VAL A 44 3.97 -31.86 -5.73
CA VAL A 44 3.85 -33.26 -6.17
C VAL A 44 2.75 -33.97 -5.41
N ILE A 45 2.64 -33.68 -4.12
CA ILE A 45 1.61 -34.34 -3.29
C ILE A 45 0.21 -33.86 -3.68
N MET A 46 0.04 -32.54 -3.82
CA MET A 46 -1.21 -31.99 -4.28
C MET A 46 -1.61 -32.54 -5.65
N HIS A 47 -0.65 -32.60 -6.57
CA HIS A 47 -0.97 -33.12 -7.91
C HIS A 47 -1.43 -34.58 -7.83
N THR A 48 -0.72 -35.38 -7.05
CA THR A 48 -1.10 -36.80 -6.85
C THR A 48 -2.52 -36.94 -6.29
N ILE A 49 -2.81 -36.14 -5.28
CA ILE A 49 -4.11 -36.21 -4.62
C ILE A 49 -5.23 -35.73 -5.54
N PHE A 50 -4.99 -34.65 -6.29
CA PHE A 50 -6.02 -34.17 -7.21
C PHE A 50 -6.31 -35.23 -8.31
N GLN A 51 -5.27 -35.90 -8.80
CA GLN A 51 -5.43 -36.99 -9.79
C GLN A 51 -6.21 -38.16 -9.19
N GLU A 52 -5.78 -38.63 -8.03
CA GLU A 52 -6.42 -39.75 -7.33
C GLU A 52 -7.87 -39.52 -7.03
N ARG A 53 -8.22 -38.29 -6.61
CA ARG A 53 -9.59 -37.95 -6.28
C ARG A 53 -10.44 -37.49 -7.49
N ASP A 54 -9.82 -37.49 -8.66
CA ASP A 54 -10.45 -37.04 -9.93
C ASP A 54 -10.92 -35.60 -9.91
N LEU A 55 -10.23 -34.75 -9.15
CA LEU A 55 -10.70 -33.42 -8.97
C LEU A 55 -10.50 -32.54 -10.21
N LEU A 56 -9.48 -32.85 -11.01
CA LEU A 56 -9.28 -32.08 -12.24
C LEU A 56 -10.48 -32.26 -13.20
N LYS A 57 -10.94 -33.49 -13.35
CA LYS A 57 -12.09 -33.75 -14.19
C LYS A 57 -13.38 -33.16 -13.63
N THR A 58 -13.66 -33.38 -12.33
CA THR A 58 -14.87 -32.90 -11.70
C THR A 58 -15.05 -31.41 -11.81
N PHE A 59 -13.95 -30.67 -11.59
CA PHE A 59 -14.02 -29.22 -11.54
C PHE A 59 -13.41 -28.55 -12.78
N LYS A 60 -13.18 -29.35 -13.83
CA LYS A 60 -12.62 -28.87 -15.11
C LYS A 60 -11.38 -28.00 -14.89
N ILE A 61 -10.45 -28.50 -14.09
CA ILE A 61 -9.23 -27.76 -13.78
C ILE A 61 -8.20 -28.19 -14.80
N PRO A 62 -7.72 -27.25 -15.63
CA PRO A 62 -6.62 -27.64 -16.50
C PRO A 62 -5.37 -28.04 -15.78
N VAL A 63 -4.71 -29.10 -16.23
CA VAL A 63 -3.57 -29.65 -15.47
C VAL A 63 -2.42 -28.63 -15.40
N ASP A 64 -2.19 -27.89 -16.48
CA ASP A 64 -1.14 -26.87 -16.53
C ASP A 64 -1.43 -25.73 -15.52
N THR A 65 -2.71 -25.38 -15.37
CA THR A 65 -3.17 -24.36 -14.42
C THR A 65 -2.94 -24.83 -13.01
N LEU A 66 -3.31 -26.10 -12.75
CA LEU A 66 -3.06 -26.65 -11.43
C LEU A 66 -1.57 -26.61 -11.04
N ILE A 67 -0.71 -27.08 -11.92
CA ILE A 67 0.70 -27.14 -11.64
CA ILE A 67 0.70 -27.14 -11.64
C ILE A 67 1.28 -25.73 -11.46
N THR A 68 0.83 -24.80 -12.29
CA THR A 68 1.31 -23.42 -12.21
C THR A 68 0.92 -22.80 -10.89
N TYR A 69 -0.33 -22.99 -10.50
CA TYR A 69 -0.76 -22.50 -9.17
C TYR A 69 -0.01 -23.13 -8.05
N LEU A 70 0.16 -24.45 -8.09
CA LEU A 70 0.85 -25.15 -7.03
C LEU A 70 2.27 -24.70 -6.89
N MET A 71 2.95 -24.54 -8.02
CA MET A 71 4.34 -24.10 -7.96
CA MET A 71 4.35 -24.09 -7.96
C MET A 71 4.44 -22.69 -7.37
N THR A 72 3.52 -21.83 -7.73
CA THR A 72 3.43 -20.48 -7.22
C THR A 72 3.18 -20.50 -5.71
N LEU A 73 2.18 -21.30 -5.32
CA LEU A 73 1.86 -21.42 -3.89
C LEU A 73 3.09 -21.92 -3.09
N GLU A 74 3.71 -22.97 -3.57
CA GLU A 74 4.82 -23.56 -2.91
C GLU A 74 5.99 -22.53 -2.78
N ASP A 75 6.18 -21.73 -3.82
CA ASP A 75 7.21 -20.67 -3.82
C ASP A 75 6.98 -19.65 -2.70
N HIS A 76 5.71 -19.46 -2.28
CA HIS A 76 5.35 -18.48 -1.25
C HIS A 76 5.41 -19.04 0.18
N TYR A 77 5.79 -20.31 0.34
CA TYR A 77 6.21 -20.82 1.61
C TYR A 77 7.71 -20.54 1.71
N HIS A 78 8.15 -20.13 2.89
CA HIS A 78 9.55 -19.77 3.06
C HIS A 78 10.36 -21.04 3.32
N ALA A 79 11.23 -21.39 2.37
CA ALA A 79 12.04 -22.59 2.57
C ALA A 79 12.98 -22.51 3.77
N ASP A 80 13.39 -21.31 4.18
CA ASP A 80 14.29 -21.08 5.35
C ASP A 80 13.64 -21.09 6.71
N VAL A 81 12.33 -21.18 6.76
CA VAL A 81 11.62 -21.30 8.01
C VAL A 81 11.61 -22.79 8.36
N ALA A 82 12.06 -23.14 9.57
CA ALA A 82 12.38 -24.52 9.85
C ALA A 82 11.18 -25.44 9.89
N TYR A 83 10.07 -24.94 10.40
CA TYR A 83 8.86 -25.78 10.54
C TYR A 83 7.75 -25.34 9.60
N HIS A 84 7.37 -24.06 9.67
CA HIS A 84 6.24 -23.54 8.86
C HIS A 84 6.66 -23.25 7.44
N ASN A 85 6.96 -24.32 6.73
CA ASN A 85 7.42 -24.26 5.35
C ASN A 85 6.57 -25.18 4.45
N ASN A 86 7.01 -25.32 3.22
CA ASN A 86 6.27 -26.12 2.23
C ASN A 86 6.16 -27.61 2.57
N ILE A 87 7.12 -28.13 3.34
CA ILE A 87 7.06 -29.51 3.79
C ILE A 87 5.91 -29.72 4.79
N HIS A 88 5.81 -28.77 5.72
CA HIS A 88 4.66 -28.77 6.66
C HIS A 88 3.35 -28.69 5.89
N ALA A 89 3.27 -27.81 4.91
CA ALA A 89 2.01 -27.65 4.14
C ALA A 89 1.66 -28.93 3.44
N ALA A 90 2.67 -29.55 2.80
CA ALA A 90 2.48 -30.85 2.12
C ALA A 90 2.00 -31.96 3.09
N ASP A 91 2.57 -31.97 4.28
CA ASP A 91 2.19 -32.90 5.35
C ASP A 91 0.74 -32.73 5.81
N VAL A 92 0.32 -31.48 5.97
CA VAL A 92 -1.03 -31.23 6.40
C VAL A 92 -2.04 -31.58 5.29
N VAL A 93 -1.69 -31.27 4.04
CA VAL A 93 -2.51 -31.67 2.89
C VAL A 93 -2.68 -33.20 2.87
N GLN A 94 -1.58 -33.89 2.99
CA GLN A 94 -1.62 -35.34 2.85
C GLN A 94 -2.36 -35.98 4.02
N SER A 95 -2.21 -35.42 5.21
CA SER A 95 -2.90 -35.88 6.40
C SER A 95 -4.41 -35.68 6.30
N THR A 96 -4.82 -34.51 5.84
CA THR A 96 -6.22 -34.23 5.58
C THR A 96 -6.76 -35.24 4.54
N HIS A 97 -5.98 -35.49 3.51
CA HIS A 97 -6.37 -36.45 2.45
C HIS A 97 -6.67 -37.84 3.03
N VAL A 98 -5.84 -38.28 3.94
CA VAL A 98 -6.08 -39.56 4.65
C VAL A 98 -7.30 -39.49 5.54
N LEU A 99 -7.44 -38.45 6.34
CA LEU A 99 -8.60 -38.32 7.22
C LEU A 99 -9.91 -38.28 6.45
N LEU A 100 -9.90 -37.64 5.28
CA LEU A 100 -11.11 -37.54 4.48
C LEU A 100 -11.62 -38.93 4.07
N SER A 101 -10.72 -39.91 4.01
CA SER A 101 -11.08 -41.26 3.50
C SER A 101 -11.41 -42.23 4.59
N THR A 102 -11.49 -41.74 5.82
CA THR A 102 -11.76 -42.61 6.98
C THR A 102 -13.16 -43.26 6.77
N PRO A 103 -13.30 -44.56 7.09
CA PRO A 103 -14.59 -45.24 6.80
C PRO A 103 -15.80 -44.57 7.35
N ALA A 104 -15.70 -44.00 8.54
CA ALA A 104 -16.82 -43.32 9.19
C ALA A 104 -17.35 -42.13 8.41
N LEU A 105 -16.56 -41.59 7.49
CA LEU A 105 -16.95 -40.43 6.72
C LEU A 105 -17.27 -40.75 5.26
N GLU A 106 -17.37 -42.04 4.94
CA GLU A 106 -17.58 -42.47 3.56
C GLU A 106 -18.84 -41.86 2.95
N ALA A 107 -18.67 -41.21 1.80
CA ALA A 107 -19.75 -40.55 1.06
C ALA A 107 -20.39 -39.36 1.78
N VAL A 108 -19.85 -38.93 2.91
CA VAL A 108 -20.41 -37.84 3.68
C VAL A 108 -20.25 -36.47 2.98
N PHE A 109 -19.04 -36.19 2.51
CA PHE A 109 -18.74 -34.87 1.92
C PHE A 109 -18.87 -34.85 0.42
N THR A 110 -19.33 -33.72 -0.09
CA THR A 110 -19.37 -33.47 -1.51
C THR A 110 -17.96 -33.24 -2.06
N ASP A 111 -17.83 -33.35 -3.38
CA ASP A 111 -16.55 -33.10 -3.99
C ASP A 111 -16.06 -31.66 -3.69
N LEU A 112 -16.98 -30.72 -3.63
CA LEU A 112 -16.60 -29.32 -3.37
C LEU A 112 -16.06 -29.16 -1.94
N GLU A 113 -16.70 -29.86 -0.99
CA GLU A 113 -16.22 -29.86 0.41
C GLU A 113 -14.85 -30.47 0.49
N ILE A 114 -14.62 -31.59 -0.24
CA ILE A 114 -13.31 -32.23 -0.31
C ILE A 114 -12.25 -31.27 -0.88
N LEU A 115 -12.60 -30.61 -1.96
CA LEU A 115 -11.72 -29.64 -2.58
C LEU A 115 -11.41 -28.52 -1.59
N ALA A 116 -12.43 -28.03 -0.88
CA ALA A 116 -12.24 -26.96 0.12
C ALA A 116 -11.24 -27.39 1.19
N ALA A 117 -11.44 -28.60 1.73
CA ALA A 117 -10.56 -29.06 2.82
C ALA A 117 -9.11 -29.22 2.37
N ILE A 118 -8.92 -29.72 1.16
CA ILE A 118 -7.59 -29.96 0.64
C ILE A 118 -6.91 -28.63 0.25
N PHE A 119 -7.66 -27.76 -0.38
CA PHE A 119 -7.11 -26.45 -0.73
C PHE A 119 -6.80 -25.68 0.52
N ALA A 120 -7.72 -25.69 1.50
CA ALA A 120 -7.45 -24.99 2.79
C ALA A 120 -6.17 -25.49 3.44
N SER A 121 -5.98 -26.81 3.46
CA SER A 121 -4.75 -27.41 3.99
C SER A 121 -3.51 -26.91 3.26
N ALA A 122 -3.60 -26.81 1.96
CA ALA A 122 -2.43 -26.41 1.14
C ALA A 122 -2.03 -24.99 1.41
N ILE A 123 -3.02 -24.12 1.61
CA ILE A 123 -2.72 -22.66 1.78
C ILE A 123 -2.57 -22.22 3.24
N HIS A 124 -2.82 -23.13 4.19
CA HIS A 124 -3.11 -22.70 5.54
C HIS A 124 -2.00 -22.01 6.30
N ASP A 125 -0.77 -22.17 5.88
CA ASP A 125 0.42 -21.51 6.50
C ASP A 125 1.23 -20.70 5.47
N VAL A 126 0.69 -20.39 4.31
CA VAL A 126 1.50 -19.77 3.27
C VAL A 126 2.07 -18.40 3.68
N ASP A 127 3.33 -18.15 3.31
CA ASP A 127 4.00 -16.88 3.63
C ASP A 127 4.17 -16.68 5.16
N HIS A 128 4.26 -17.79 5.88
CA HIS A 128 4.53 -17.76 7.32
C HIS A 128 5.96 -17.23 7.53
N PRO A 129 6.10 -16.23 8.40
CA PRO A 129 7.43 -15.64 8.63
C PRO A 129 8.27 -16.35 9.66
N GLY A 130 7.72 -17.38 10.30
CA GLY A 130 8.44 -18.14 11.33
C GLY A 130 8.42 -17.54 12.73
N VAL A 131 7.50 -16.61 12.97
CA VAL A 131 7.26 -16.09 14.30
C VAL A 131 5.75 -16.17 14.54
N SER A 132 5.38 -16.12 15.83
CA SER A 132 3.98 -16.28 16.26
C SER A 132 3.13 -15.05 16.10
N ASN A 133 1.82 -15.25 16.21
CA ASN A 133 0.91 -14.12 16.24
C ASN A 133 1.25 -13.17 17.41
N GLN A 134 1.61 -13.74 18.54
CA GLN A 134 1.89 -12.90 19.72
C GLN A 134 3.16 -12.05 19.48
N PHE A 135 4.17 -12.62 18.84
CA PHE A 135 5.37 -11.85 18.48
C PHE A 135 5.01 -10.71 17.56
N LEU A 136 4.17 -11.00 16.56
CA LEU A 136 3.74 -9.95 15.63
C LEU A 136 2.95 -8.83 16.31
N ILE A 137 2.11 -9.20 17.23
CA ILE A 137 1.31 -8.24 17.98
C ILE A 137 2.20 -7.41 18.91
N ASN A 138 3.10 -8.08 19.61
CA ASN A 138 3.91 -7.44 20.65
C ASN A 138 4.93 -6.51 20.07
N THR A 139 5.33 -6.78 18.85
CA THR A 139 6.27 -5.92 18.15
C THR A 139 5.61 -4.85 17.29
N ASN A 140 4.30 -4.71 17.39
CA ASN A 140 3.58 -3.77 16.56
C ASN A 140 3.90 -3.90 15.06
N SER A 141 3.96 -5.14 14.59
CA SER A 141 4.34 -5.44 13.24
C SER A 141 3.36 -4.95 12.22
N GLU A 142 3.81 -4.84 10.97
CA GLU A 142 2.93 -4.43 9.86
C GLU A 142 1.71 -5.35 9.72
N LEU A 143 1.93 -6.66 9.83
CA LEU A 143 0.84 -7.57 9.67
C LEU A 143 -0.19 -7.42 10.80
N ALA A 144 0.27 -7.22 12.04
CA ALA A 144 -0.64 -7.08 13.16
C ALA A 144 -1.44 -5.78 13.02
N LEU A 145 -0.78 -4.74 12.51
CA LEU A 145 -1.48 -3.44 12.22
C LEU A 145 -2.54 -3.64 11.13
N MET A 146 -2.22 -4.40 10.10
N MET A 146 -2.22 -4.40 10.10
CA MET A 146 -3.12 -4.66 8.99
CA MET A 146 -3.13 -4.65 9.00
C MET A 146 -4.36 -5.41 9.46
C MET A 146 -4.36 -5.41 9.46
N TYR A 147 -4.14 -6.37 10.37
CA TYR A 147 -5.21 -7.28 10.81
C TYR A 147 -5.76 -7.06 12.20
N ASN A 148 -5.43 -5.95 12.79
CA ASN A 148 -6.06 -5.56 14.06
C ASN A 148 -5.91 -6.59 15.16
N ASP A 149 -4.72 -7.18 15.18
CA ASP A 149 -4.32 -8.18 16.18
C ASP A 149 -5.14 -9.49 16.22
N SER A 150 -6.00 -9.71 15.25
CA SER A 150 -6.95 -10.78 15.30
C SER A 150 -6.61 -11.84 14.26
N SER A 151 -6.29 -13.05 14.73
CA SER A 151 -5.85 -14.14 13.83
C SER A 151 -4.97 -13.60 12.72
N VAL A 152 -3.91 -12.95 13.13
CA VAL A 152 -3.09 -12.18 12.21
C VAL A 152 -2.53 -13.04 11.07
N LEU A 153 -1.79 -14.09 11.43
CA LEU A 153 -1.20 -14.96 10.41
C LEU A 153 -2.21 -15.65 9.60
N GLU A 154 -3.29 -16.13 10.23
CA GLU A 154 -4.25 -16.92 9.49
C GLU A 154 -5.07 -16.11 8.46
N ASN A 155 -5.38 -14.87 8.80
CA ASN A 155 -5.94 -13.98 7.84
C ASN A 155 -5.00 -13.74 6.68
N HIS A 156 -3.71 -13.56 7.02
CA HIS A 156 -2.68 -13.38 5.98
C HIS A 156 -2.52 -14.59 5.07
N HIS A 157 -2.55 -15.79 5.64
CA HIS A 157 -2.39 -17.03 4.82
C HIS A 157 -3.53 -17.11 3.81
N LEU A 158 -4.77 -16.85 4.26
CA LEU A 158 -5.91 -16.81 3.37
C LEU A 158 -5.75 -15.79 2.26
N ALA A 159 -5.41 -14.56 2.62
CA ALA A 159 -5.27 -13.48 1.67
C ALA A 159 -4.24 -13.83 0.57
N VAL A 160 -3.12 -14.40 0.95
CA VAL A 160 -2.09 -14.78 0.01
C VAL A 160 -2.55 -15.96 -0.84
N GLY A 161 -3.08 -17.01 -0.20
CA GLY A 161 -3.51 -18.19 -0.92
C GLY A 161 -4.56 -17.87 -2.00
N PHE A 162 -5.45 -16.93 -1.71
CA PHE A 162 -6.44 -16.52 -2.71
C PHE A 162 -5.86 -15.54 -3.76
N LYS A 163 -5.04 -14.60 -3.31
CA LYS A 163 -4.47 -13.64 -4.24
C LYS A 163 -3.66 -14.35 -5.32
N LEU A 164 -2.93 -15.40 -4.97
CA LEU A 164 -2.07 -16.11 -5.90
C LEU A 164 -2.85 -16.70 -7.07
N LEU A 165 -4.15 -16.96 -6.88
CA LEU A 165 -5.02 -17.44 -7.96
C LEU A 165 -5.03 -16.48 -9.16
N GLN A 166 -4.72 -15.20 -8.89
CA GLN A 166 -4.76 -14.14 -9.88
C GLN A 166 -3.50 -14.01 -10.74
N GLU A 167 -2.45 -14.74 -10.41
CA GLU A 167 -1.23 -14.74 -11.20
C GLU A 167 -1.46 -15.54 -12.51
N GLU A 168 -0.52 -15.37 -13.44
CA GLU A 168 -0.68 -15.93 -14.82
C GLU A 168 -0.96 -17.41 -14.78
N ASN A 169 -2.10 -17.79 -15.38
CA ASN A 169 -2.51 -19.19 -15.51
C ASN A 169 -2.58 -19.90 -14.18
N CYS A 170 -3.04 -19.18 -13.14
CA CYS A 170 -3.16 -19.75 -11.79
C CYS A 170 -4.55 -20.00 -11.27
N ASP A 171 -5.59 -19.61 -12.03
CA ASP A 171 -6.93 -19.70 -11.45
C ASP A 171 -7.52 -21.07 -11.60
N ILE A 172 -7.24 -21.90 -10.62
CA ILE A 172 -7.71 -23.28 -10.59
C ILE A 172 -9.22 -23.41 -10.36
N PHE A 173 -9.86 -22.32 -9.95
CA PHE A 173 -11.31 -22.35 -9.78
C PHE A 173 -12.07 -21.71 -10.93
N GLN A 174 -11.41 -21.47 -12.05
CA GLN A 174 -12.01 -20.68 -13.12
C GLN A 174 -13.29 -21.33 -13.68
N ASN A 175 -13.39 -22.65 -13.60
CA ASN A 175 -14.58 -23.39 -14.15
C ASN A 175 -15.58 -23.89 -13.11
N LEU A 176 -15.43 -23.45 -11.88
CA LEU A 176 -16.49 -23.60 -10.88
C LEU A 176 -17.62 -22.63 -11.24
N THR A 177 -18.83 -22.98 -10.87
CA THR A 177 -19.93 -22.05 -10.99
C THR A 177 -19.78 -20.93 -9.98
N LYS A 178 -20.53 -19.85 -10.16
CA LYS A 178 -20.49 -18.75 -9.18
C LYS A 178 -20.82 -19.23 -7.78
N LYS A 179 -21.87 -20.06 -7.68
CA LYS A 179 -22.29 -20.57 -6.39
C LYS A 179 -21.21 -21.46 -5.77
N GLN A 180 -20.60 -22.30 -6.56
CA GLN A 180 -19.55 -23.17 -6.07
C GLN A 180 -18.37 -22.33 -5.57
N ARG A 181 -18.00 -21.34 -6.34
CA ARG A 181 -16.82 -20.51 -5.97
C ARG A 181 -17.09 -19.78 -4.66
N GLN A 182 -18.31 -19.29 -4.50
CA GLN A 182 -18.70 -18.59 -3.25
C GLN A 182 -18.68 -19.53 -2.07
N SER A 183 -19.23 -20.73 -2.27
CA SER A 183 -19.30 -21.71 -1.21
CA SER A 183 -19.30 -21.74 -1.23
C SER A 183 -17.91 -22.16 -0.81
N LEU A 184 -17.10 -22.45 -1.79
CA LEU A 184 -15.73 -22.92 -1.54
C LEU A 184 -14.97 -21.85 -0.74
N ARG A 185 -15.10 -20.61 -1.18
CA ARG A 185 -14.37 -19.49 -0.51
C ARG A 185 -14.77 -19.36 0.94
N LYS A 186 -16.09 -19.38 1.22
CA LYS A 186 -16.60 -19.37 2.58
C LYS A 186 -16.09 -20.56 3.41
N MET A 187 -16.09 -21.77 2.87
CA MET A 187 -15.59 -22.93 3.59
C MET A 187 -14.10 -22.83 3.90
N VAL A 188 -13.33 -22.40 2.92
CA VAL A 188 -11.88 -22.31 3.09
C VAL A 188 -11.52 -21.28 4.14
N ILE A 189 -12.19 -20.13 4.10
CA ILE A 189 -11.99 -19.10 5.14
C ILE A 189 -12.28 -19.67 6.54
N ASP A 190 -13.46 -20.34 6.66
CA ASP A 190 -13.82 -20.92 7.93
C ASP A 190 -12.79 -21.93 8.43
N ILE A 191 -12.26 -22.74 7.52
CA ILE A 191 -11.30 -23.77 7.87
C ILE A 191 -9.95 -23.18 8.27
N VAL A 192 -9.40 -22.27 7.46
CA VAL A 192 -8.11 -21.71 7.80
C VAL A 192 -8.18 -20.84 9.05
N LEU A 193 -9.25 -20.09 9.24
CA LEU A 193 -9.36 -19.32 10.49
C LEU A 193 -9.38 -20.26 11.72
N ALA A 194 -9.90 -21.45 11.58
CA ALA A 194 -9.93 -22.42 12.66
C ALA A 194 -8.59 -23.03 12.97
N THR A 195 -7.58 -22.74 12.14
CA THR A 195 -6.23 -23.24 12.41
C THR A 195 -5.43 -22.32 13.32
N ASP A 196 -6.01 -21.17 13.66
CA ASP A 196 -5.44 -20.25 14.67
C ASP A 196 -5.40 -21.04 15.95
N MET A 197 -4.22 -21.26 16.52
CA MET A 197 -4.08 -22.17 17.67
C MET A 197 -4.85 -21.71 18.90
N SER A 198 -5.06 -20.39 18.99
CA SER A 198 -5.80 -19.78 20.10
C SER A 198 -7.26 -20.23 20.14
N LYS A 199 -7.78 -20.77 19.01
CA LYS A 199 -9.12 -21.28 18.94
C LYS A 199 -9.28 -22.76 19.32
N HIS A 200 -8.18 -23.39 19.69
CA HIS A 200 -8.14 -24.81 19.94
C HIS A 200 -9.17 -25.26 20.99
N MET A 201 -9.17 -24.59 22.13
CA MET A 201 -10.00 -25.07 23.23
C MET A 201 -11.44 -24.96 22.88
N ASN A 202 -11.83 -23.87 22.20
CA ASN A 202 -13.23 -23.72 21.74
C ASN A 202 -13.61 -24.72 20.67
N LEU A 203 -12.71 -24.97 19.71
CA LEU A 203 -12.98 -25.93 18.68
C LEU A 203 -13.21 -27.34 19.27
N LEU A 204 -12.34 -27.69 20.22
CA LEU A 204 -12.41 -29.01 20.83
C LEU A 204 -13.71 -29.14 21.63
N ALA A 205 -14.03 -28.11 22.39
CA ALA A 205 -15.22 -28.13 23.26
C ALA A 205 -16.41 -28.35 22.38
N ASP A 206 -16.43 -27.63 21.26
CA ASP A 206 -17.54 -27.76 20.31
C ASP A 206 -17.56 -29.11 19.61
N LEU A 207 -16.40 -29.69 19.32
CA LEU A 207 -16.36 -31.03 18.74
C LEU A 207 -16.89 -32.10 19.73
N LYS A 208 -16.51 -31.97 20.99
CA LYS A 208 -16.98 -32.92 22.02
C LYS A 208 -18.48 -32.92 22.05
N THR A 209 -19.04 -31.72 22.03
CA THR A 209 -20.50 -31.54 22.06
C THR A 209 -21.13 -32.18 20.85
N MET A 210 -20.51 -31.99 19.69
CA MET A 210 -20.96 -32.71 18.48
C MET A 210 -20.93 -34.22 18.57
N VAL A 211 -19.87 -34.76 19.17
CA VAL A 211 -19.71 -36.20 19.31
C VAL A 211 -20.82 -36.74 20.22
N GLU A 212 -21.17 -35.95 21.23
CA GLU A 212 -22.20 -36.39 22.21
C GLU A 212 -23.52 -36.63 21.58
N THR A 213 -23.82 -35.91 20.51
CA THR A 213 -25.12 -36.02 19.85
C THR A 213 -25.04 -36.60 18.44
N LYS A 214 -23.98 -37.34 18.16
CA LYS A 214 -23.76 -37.81 16.79
C LYS A 214 -24.76 -38.92 16.40
N LYS A 215 -25.10 -38.95 15.12
CA LYS A 215 -25.98 -39.97 14.55
C LYS A 215 -25.19 -40.76 13.50
N VAL A 216 -25.30 -42.08 13.53
CA VAL A 216 -24.64 -42.96 12.55
C VAL A 216 -25.69 -43.77 11.77
N THR A 217 -25.29 -44.31 10.62
CA THR A 217 -26.13 -45.23 9.86
C THR A 217 -26.11 -46.63 10.51
N VAL A 221 -21.11 -45.25 9.90
CA VAL A 221 -21.03 -44.04 9.03
C VAL A 221 -21.81 -42.84 9.58
N LEU A 222 -21.08 -41.73 9.76
CA LEU A 222 -21.59 -40.51 10.36
C LEU A 222 -22.68 -39.86 9.48
N LEU A 223 -23.72 -39.32 10.13
CA LEU A 223 -24.74 -38.55 9.47
C LEU A 223 -24.59 -37.06 9.81
N LEU A 224 -24.35 -36.23 8.80
CA LEU A 224 -24.19 -34.79 8.99
C LEU A 224 -25.19 -34.01 8.13
N ASP A 225 -26.19 -33.45 8.79
CA ASP A 225 -27.44 -32.95 8.17
C ASP A 225 -27.38 -31.52 7.63
N ASN A 226 -26.47 -30.72 8.14
CA ASN A 226 -26.52 -29.28 7.93
C ASN A 226 -25.10 -28.72 7.72
N TYR A 227 -25.00 -27.52 7.13
CA TYR A 227 -23.69 -26.86 6.88
C TYR A 227 -22.91 -26.79 8.19
N SER A 228 -23.59 -26.41 9.27
CA SER A 228 -22.89 -26.14 10.50
C SER A 228 -22.13 -27.39 10.98
N ASP A 229 -22.76 -28.56 10.92
CA ASP A 229 -22.11 -29.77 11.35
C ASP A 229 -20.97 -30.16 10.40
N ARG A 230 -21.22 -30.03 9.11
CA ARG A 230 -20.23 -30.42 8.11
C ARG A 230 -18.97 -29.56 8.24
N ILE A 231 -19.18 -28.25 8.32
CA ILE A 231 -18.01 -27.32 8.41
C ILE A 231 -17.28 -27.53 9.68
N GLN A 232 -18.00 -27.80 10.75
CA GLN A 232 -17.35 -28.10 12.04
CA GLN A 232 -17.33 -28.09 12.00
C GLN A 232 -16.43 -29.32 11.94
N VAL A 233 -16.91 -30.38 11.31
CA VAL A 233 -16.09 -31.54 11.14
C VAL A 233 -14.84 -31.22 10.26
N LEU A 234 -15.02 -30.47 9.20
CA LEU A 234 -13.88 -30.13 8.32
C LEU A 234 -12.85 -29.23 9.06
N GLN A 235 -13.35 -28.28 9.84
CA GLN A 235 -12.47 -27.43 10.69
C GLN A 235 -11.62 -28.25 11.60
N ASN A 236 -12.27 -29.19 12.32
CA ASN A 236 -11.57 -30.04 13.23
C ASN A 236 -10.65 -31.02 12.55
N MET A 237 -11.04 -31.47 11.36
CA MET A 237 -10.23 -32.38 10.59
C MET A 237 -8.88 -31.75 10.22
N VAL A 238 -8.95 -30.53 9.74
CA VAL A 238 -7.73 -29.83 9.33
C VAL A 238 -6.90 -29.40 10.54
N HIS A 239 -7.57 -29.02 11.65
CA HIS A 239 -6.86 -28.76 12.90
C HIS A 239 -6.14 -30.01 13.40
N CYS A 240 -6.79 -31.16 13.31
CA CYS A 240 -6.17 -32.44 13.67
C CYS A 240 -4.96 -32.73 12.78
N ALA A 241 -5.11 -32.50 11.48
CA ALA A 241 -3.98 -32.65 10.53
C ALA A 241 -2.82 -31.74 10.89
N ASP A 242 -3.11 -30.48 11.23
CA ASP A 242 -2.12 -29.51 11.65
C ASP A 242 -1.41 -29.96 12.94
N LEU A 243 -2.15 -30.65 13.83
CA LEU A 243 -1.61 -31.19 15.09
C LEU A 243 -1.42 -32.69 15.05
N SER A 244 -1.00 -33.20 13.91
CA SER A 244 -0.86 -34.66 13.70
C SER A 244 0.54 -35.15 13.90
N ASN A 245 1.51 -34.27 14.05
CA ASN A 245 2.93 -34.73 14.08
C ASN A 245 3.16 -35.83 15.15
N PRO A 246 2.61 -35.66 16.37
CA PRO A 246 2.92 -36.69 17.39
C PRO A 246 2.21 -38.02 17.21
N THR A 247 1.31 -38.06 16.25
CA THR A 247 0.58 -39.29 15.87
C THR A 247 1.27 -40.08 14.75
N LYS A 248 2.36 -39.54 14.22
CA LYS A 248 3.05 -40.15 13.10
C LYS A 248 4.11 -41.11 13.60
N PRO A 249 4.61 -41.96 12.70
CA PRO A 249 5.80 -42.78 13.05
C PRO A 249 6.90 -41.92 13.70
N LEU A 250 7.51 -42.45 14.74
CA LEU A 250 8.41 -41.69 15.57
C LEU A 250 9.56 -41.00 14.80
N GLN A 251 10.11 -41.67 13.80
CA GLN A 251 11.20 -41.10 13.00
C GLN A 251 10.73 -39.79 12.31
N LEU A 252 9.46 -39.73 11.92
CA LEU A 252 8.87 -38.46 11.39
C LEU A 252 8.62 -37.44 12.49
N TYR A 253 7.92 -37.88 13.55
CA TYR A 253 7.62 -37.01 14.68
C TYR A 253 8.86 -36.29 15.19
N ARG A 254 9.94 -37.05 15.40
CA ARG A 254 11.15 -36.43 15.94
C ARG A 254 11.73 -35.34 15.05
N GLN A 255 11.64 -35.53 13.74
CA GLN A 255 12.07 -34.51 12.79
C GLN A 255 11.18 -33.24 12.92
N TRP A 256 9.89 -33.44 13.09
CA TRP A 256 8.97 -32.27 13.27
C TRP A 256 9.28 -31.53 14.57
N THR A 257 9.52 -32.26 15.65
CA THR A 257 9.93 -31.64 16.92
C THR A 257 11.17 -30.81 16.74
N ASP A 258 12.17 -31.40 16.12
CA ASP A 258 13.44 -30.72 15.97
C ASP A 258 13.29 -29.43 15.16
N ARG A 259 12.44 -29.48 14.14
CA ARG A 259 12.15 -28.31 13.30
C ARG A 259 11.38 -27.21 14.05
N ILE A 260 10.35 -27.58 14.79
CA ILE A 260 9.62 -26.55 15.50
C ILE A 260 10.47 -25.90 16.59
N MET A 261 11.33 -26.68 17.26
CA MET A 261 12.21 -26.07 18.26
C MET A 261 13.23 -25.13 17.61
N GLU A 262 13.75 -25.49 16.47
CA GLU A 262 14.68 -24.60 15.75
C GLU A 262 13.98 -23.28 15.45
N GLU A 263 12.74 -23.39 14.99
CA GLU A 263 11.99 -22.19 14.63
C GLU A 263 11.70 -21.31 15.85
N PHE A 264 11.29 -21.92 16.93
CA PHE A 264 11.01 -21.24 18.14
C PHE A 264 12.28 -20.56 18.69
N PHE A 265 13.38 -21.28 18.72
CA PHE A 265 14.63 -20.71 19.21
C PHE A 265 15.10 -19.55 18.36
N ARG A 266 14.84 -19.59 17.06
CA ARG A 266 15.13 -18.41 16.23
C ARG A 266 14.29 -17.22 16.61
N GLN A 267 13.02 -17.42 16.94
CA GLN A 267 12.20 -16.32 17.42
C GLN A 267 12.77 -15.76 18.72
N GLY A 268 13.15 -16.64 19.63
CA GLY A 268 13.74 -16.24 20.89
C GLY A 268 15.03 -15.44 20.67
N ASP A 269 15.78 -15.81 19.68
CA ASP A 269 17.01 -15.07 19.33
C ASP A 269 16.67 -13.64 18.87
N ARG A 270 15.61 -13.49 18.09
CA ARG A 270 15.14 -12.18 17.67
C ARG A 270 14.68 -11.35 18.86
N GLU A 271 13.95 -11.98 19.78
CA GLU A 271 13.47 -11.34 20.97
C GLU A 271 14.65 -10.82 21.80
N ARG A 272 15.64 -11.67 21.95
CA ARG A 272 16.83 -11.36 22.74
C ARG A 272 17.53 -10.13 22.16
N GLU A 273 17.70 -10.11 20.84
CA GLU A 273 18.34 -8.97 20.17
C GLU A 273 17.58 -7.67 20.37
N ARG A 274 16.25 -7.76 20.51
CA ARG A 274 15.41 -6.58 20.68
C ARG A 274 15.26 -6.15 22.13
N GLY A 275 15.92 -6.86 23.03
CA GLY A 275 15.79 -6.63 24.47
C GLY A 275 14.42 -6.97 25.02
N MET A 276 13.70 -7.88 24.33
CA MET A 276 12.41 -8.37 24.79
C MET A 276 12.59 -9.56 25.72
N GLU A 277 11.61 -9.78 26.58
CA GLU A 277 11.57 -10.99 27.40
C GLU A 277 11.49 -12.17 26.40
N ILE A 278 12.27 -13.23 26.66
CA ILE A 278 12.25 -14.42 25.76
C ILE A 278 10.97 -15.21 26.05
N SER A 279 10.22 -15.50 25.00
CA SER A 279 8.95 -16.18 25.17
C SER A 279 9.14 -17.62 25.62
N PRO A 280 8.15 -18.16 26.31
CA PRO A 280 8.21 -19.56 26.70
C PRO A 280 8.41 -20.47 25.48
N MET A 281 9.29 -21.46 25.62
CA MET A 281 9.63 -22.44 24.59
C MET A 281 10.60 -21.92 23.55
N CYS A 282 10.97 -20.62 23.64
CA CYS A 282 11.81 -19.99 22.60
C CYS A 282 13.25 -19.72 23.03
N ASP A 283 13.63 -20.20 24.23
CA ASP A 283 14.97 -19.90 24.78
C ASP A 283 15.87 -21.11 24.66
N LYS A 284 16.78 -21.06 23.73
CA LYS A 284 17.67 -22.18 23.47
C LYS A 284 18.56 -22.47 24.68
N HIS A 285 18.69 -21.49 25.58
CA HIS A 285 19.55 -21.67 26.80
C HIS A 285 18.81 -22.27 27.96
N ASN A 286 17.50 -22.37 27.84
CA ASN A 286 16.68 -22.91 28.88
CA ASN A 286 16.65 -22.90 28.89
C ASN A 286 15.52 -23.69 28.28
N ALA A 287 15.86 -24.83 27.70
CA ALA A 287 14.88 -25.63 26.99
C ALA A 287 14.76 -27.02 27.56
N SER A 288 13.57 -27.58 27.45
CA SER A 288 13.33 -28.95 27.87
CA SER A 288 13.31 -28.94 27.87
C SER A 288 12.48 -29.61 26.79
N VAL A 289 13.13 -30.00 25.72
CA VAL A 289 12.42 -30.44 24.49
C VAL A 289 11.51 -31.61 24.76
N GLU A 290 12.04 -32.63 25.49
CA GLU A 290 11.28 -33.87 25.70
C GLU A 290 10.12 -33.65 26.62
N LYS A 291 10.34 -32.94 27.74
CA LYS A 291 9.28 -32.67 28.67
C LYS A 291 8.17 -31.85 28.02
N SER A 292 8.58 -30.93 27.15
CA SER A 292 7.64 -30.06 26.47
C SER A 292 6.73 -30.82 25.48
N GLN A 293 7.30 -31.81 24.79
CA GLN A 293 6.46 -32.69 23.94
C GLN A 293 5.49 -33.51 24.77
N VAL A 294 5.93 -34.02 25.91
CA VAL A 294 4.99 -34.76 26.76
C VAL A 294 3.81 -33.88 27.17
N GLY A 295 4.07 -32.62 27.56
CA GLY A 295 3.05 -31.68 27.91
C GLY A 295 2.12 -31.36 26.76
N PHE A 296 2.70 -31.17 25.57
CA PHE A 296 1.94 -30.98 24.33
C PHE A 296 0.98 -32.14 24.10
N ILE A 297 1.47 -33.34 24.25
CA ILE A 297 0.61 -34.52 24.05
C ILE A 297 -0.47 -34.59 25.13
N ASP A 298 -0.06 -34.46 26.40
CA ASP A 298 -1.02 -34.66 27.50
C ASP A 298 -2.15 -33.64 27.52
N TYR A 299 -1.85 -32.39 27.22
CA TYR A 299 -2.80 -31.31 27.37
C TYR A 299 -3.55 -30.93 26.12
N ILE A 300 -2.95 -31.19 24.96
CA ILE A 300 -3.46 -30.70 23.70
C ILE A 300 -3.75 -31.82 22.71
N VAL A 301 -2.73 -32.57 22.34
CA VAL A 301 -2.84 -33.53 21.20
C VAL A 301 -3.66 -34.77 21.54
N HIS A 302 -3.39 -35.36 22.69
CA HIS A 302 -4.20 -36.51 23.13
C HIS A 302 -5.69 -36.18 23.36
N PRO A 303 -6.01 -35.09 24.08
CA PRO A 303 -7.43 -34.72 24.19
C PRO A 303 -8.11 -34.51 22.84
N LEU A 304 -7.42 -33.86 21.91
CA LEU A 304 -8.01 -33.66 20.60
C LEU A 304 -8.24 -34.98 19.85
N TRP A 305 -7.20 -35.82 19.78
CA TRP A 305 -7.27 -37.01 18.96
C TRP A 305 -8.19 -38.04 19.62
N GLU A 306 -8.30 -38.01 20.95
CA GLU A 306 -9.24 -38.95 21.62
CA GLU A 306 -9.24 -38.93 21.62
C GLU A 306 -10.66 -38.60 21.19
N THR A 307 -10.94 -37.30 21.05
CA THR A 307 -12.24 -36.84 20.60
C THR A 307 -12.50 -37.15 19.13
N TRP A 308 -11.50 -36.90 18.27
CA TRP A 308 -11.64 -37.30 16.86
C TRP A 308 -11.90 -38.81 16.77
N ALA A 309 -11.16 -39.58 17.54
CA ALA A 309 -11.29 -41.07 17.50
C ALA A 309 -12.70 -41.49 17.91
N ASP A 310 -13.27 -40.80 18.88
CA ASP A 310 -14.69 -41.04 19.27
C ASP A 310 -15.62 -40.74 18.11
N LEU A 311 -15.38 -39.64 17.42
CA LEU A 311 -16.21 -39.23 16.28
C LEU A 311 -16.25 -40.28 15.19
N VAL A 312 -15.08 -40.87 14.89
CA VAL A 312 -14.92 -41.81 13.76
C VAL A 312 -14.73 -43.24 14.22
N HIS A 313 -15.13 -43.52 15.45
CA HIS A 313 -14.82 -44.81 16.08
C HIS A 313 -15.26 -45.96 15.16
N PRO A 314 -14.39 -46.98 14.96
CA PRO A 314 -13.09 -47.23 15.56
C PRO A 314 -11.91 -46.84 14.64
N ASP A 315 -12.16 -45.97 13.65
CA ASP A 315 -11.21 -45.76 12.55
C ASP A 315 -9.83 -45.24 12.99
N ALA A 316 -9.78 -44.47 14.06
CA ALA A 316 -8.53 -43.81 14.44
C ALA A 316 -7.78 -44.48 15.56
N GLN A 317 -8.14 -45.74 15.88
CA GLN A 317 -7.50 -46.40 17.01
C GLN A 317 -6.00 -46.50 16.86
N ASP A 318 -5.51 -46.81 15.67
CA ASP A 318 -4.09 -46.98 15.49
C ASP A 318 -3.35 -45.63 15.64
N ILE A 319 -4.02 -44.56 15.26
CA ILE A 319 -3.46 -43.19 15.45
C ILE A 319 -3.24 -42.93 16.93
N LEU A 320 -4.24 -43.23 17.75
CA LEU A 320 -4.10 -43.10 19.21
C LEU A 320 -3.03 -43.97 19.82
N ASP A 321 -2.94 -45.23 19.36
CA ASP A 321 -1.95 -46.14 19.89
C ASP A 321 -0.54 -45.60 19.62
N THR A 322 -0.33 -45.08 18.43
CA THR A 322 0.96 -44.50 18.06
C THR A 322 1.27 -43.29 18.91
N LEU A 323 0.28 -42.44 19.05
CA LEU A 323 0.40 -41.24 19.86
C LEU A 323 0.85 -41.60 21.30
N GLU A 324 0.23 -42.63 21.88
CA GLU A 324 0.60 -43.07 23.22
C GLU A 324 2.00 -43.68 23.29
N ASP A 325 2.40 -44.46 22.30
CA ASP A 325 3.76 -44.96 22.22
C ASP A 325 4.78 -43.82 22.15
N ASN A 326 4.45 -42.80 21.36
CA ASN A 326 5.37 -41.71 21.15
C ASN A 326 5.51 -40.86 22.42
N ARG A 327 4.43 -40.69 23.16
CA ARG A 327 4.48 -40.01 24.43
C ARG A 327 5.47 -40.71 25.37
N GLU A 328 5.39 -42.03 25.40
CA GLU A 328 6.28 -42.85 26.23
C GLU A 328 7.71 -42.70 25.82
N TRP A 329 7.96 -42.69 24.52
CA TRP A 329 9.31 -42.50 24.06
C TRP A 329 9.87 -41.15 24.59
N TYR A 330 9.13 -40.06 24.40
CA TYR A 330 9.62 -38.75 24.90
C TYR A 330 9.76 -38.73 26.41
N GLN A 331 8.79 -39.26 27.13
CA GLN A 331 8.84 -39.34 28.60
C GLN A 331 10.12 -40.08 29.03
N SER A 332 10.43 -41.17 28.33
CA SER A 332 11.58 -42.05 28.63
C SER A 332 12.94 -41.43 28.32
N THR A 333 12.96 -40.42 27.45
CA THR A 333 14.22 -39.76 27.07
C THR A 333 14.42 -38.36 27.72
N ILE A 334 13.56 -38.01 28.68
CA ILE A 334 13.79 -36.79 29.49
C ILE A 334 15.13 -37.01 30.24
N PRO A 335 16.14 -36.15 30.02
CA PRO A 335 17.47 -36.38 30.65
C PRO A 335 17.54 -36.28 32.18
N GLY A 351 6.94 -26.46 32.88
CA GLY A 351 7.22 -25.81 34.21
C GLY A 351 6.43 -24.55 34.45
N ASN A 352 7.08 -23.38 34.53
CA ASN A 352 6.30 -22.28 34.08
C ASN A 352 6.23 -22.45 32.56
N GLN A 353 7.32 -22.86 31.88
CA GLN A 353 7.35 -22.76 30.39
C GLN A 353 6.27 -23.53 29.60
N VAL A 354 6.10 -24.82 29.86
CA VAL A 354 5.05 -25.59 29.18
C VAL A 354 3.70 -24.99 29.44
N SER A 355 3.42 -24.77 30.72
CA SER A 355 2.15 -24.23 31.13
CA SER A 355 2.13 -24.24 31.14
C SER A 355 1.89 -22.85 30.54
N GLU A 356 2.92 -21.97 30.55
CA GLU A 356 2.78 -20.62 30.04
C GLU A 356 2.59 -20.66 28.51
N PHE A 357 3.35 -21.51 27.87
CA PHE A 357 3.23 -21.68 26.39
C PHE A 357 1.84 -22.14 26.02
N ILE A 358 1.33 -23.15 26.71
CA ILE A 358 -0.02 -23.66 26.44
C ILE A 358 -1.09 -22.62 26.66
N SER A 359 -1.03 -21.95 27.81
CA SER A 359 -1.97 -20.86 28.09
C SER A 359 -1.95 -19.73 27.08
N ASN A 360 -0.76 -19.35 26.62
CA ASN A 360 -0.62 -18.26 25.69
C ASN A 360 -0.98 -18.65 24.26
N THR A 361 -0.94 -19.94 23.98
CA THR A 361 -1.04 -20.45 22.60
C THR A 361 -2.42 -21.01 22.22
N PHE A 362 -2.99 -21.81 23.11
CA PHE A 362 -4.14 -22.66 22.73
C PHE A 362 -5.46 -22.21 23.33
N LEU A 363 -5.44 -21.09 24.06
CA LEU A 363 -6.64 -20.50 24.65
C LEU A 363 -6.91 -19.15 24.04
N ASP A 364 -8.18 -18.75 24.04
CA ASP A 364 -8.61 -17.55 23.31
C ASP A 364 -8.16 -16.26 24.02
N GLN B 12 -13.22 35.26 9.82
CA GLN B 12 -13.43 33.82 9.71
C GLN B 12 -13.23 33.19 11.07
N GLU B 13 -12.07 33.48 11.65
CA GLU B 13 -11.63 32.90 12.92
C GLU B 13 -12.61 33.12 14.08
N ASP B 14 -13.16 34.33 14.18
CA ASP B 14 -14.10 34.66 15.27
C ASP B 14 -15.42 33.93 15.09
N VAL B 15 -15.89 33.84 13.86
CA VAL B 15 -17.15 33.19 13.56
C VAL B 15 -17.02 31.68 13.82
N LEU B 16 -15.88 31.13 13.43
CA LEU B 16 -15.62 29.69 13.65
C LEU B 16 -15.59 29.41 15.18
N ALA B 17 -14.87 30.24 15.92
CA ALA B 17 -14.80 30.12 17.38
C ALA B 17 -16.19 30.17 18.00
N LYS B 18 -17.04 31.05 17.48
CA LYS B 18 -18.40 31.19 17.99
C LYS B 18 -19.22 29.93 17.79
N GLU B 19 -19.14 29.33 16.60
CA GLU B 19 -19.83 28.07 16.33
C GLU B 19 -19.31 26.96 17.24
N LEU B 20 -18.00 26.96 17.47
CA LEU B 20 -17.35 25.90 18.31
C LEU B 20 -17.70 25.99 19.80
N GLU B 21 -18.29 27.11 20.22
CA GLU B 21 -18.92 27.20 21.54
C GLU B 21 -20.05 26.20 21.79
N ASP B 22 -20.66 25.68 20.72
CA ASP B 22 -21.75 24.69 20.80
C ASP B 22 -21.24 23.24 20.79
N VAL B 23 -19.94 23.06 20.96
CA VAL B 23 -19.32 21.72 20.84
C VAL B 23 -19.92 20.73 21.85
N ASN B 24 -20.45 21.24 22.97
CA ASN B 24 -21.09 20.32 23.94
C ASN B 24 -22.59 20.12 23.75
N LYS B 25 -23.14 20.63 22.65
CA LYS B 25 -24.54 20.58 22.36
C LYS B 25 -24.91 19.60 21.26
N TRP B 26 -26.00 18.84 21.48
CA TRP B 26 -26.57 17.98 20.43
C TRP B 26 -27.17 18.86 19.38
N GLY B 27 -26.69 18.79 18.15
CA GLY B 27 -27.19 19.77 17.16
C GLY B 27 -26.23 20.87 16.79
N LEU B 28 -24.97 20.72 17.18
CA LEU B 28 -23.89 21.54 16.63
C LEU B 28 -24.04 21.72 15.12
N HIS B 29 -23.75 22.91 14.62
CA HIS B 29 -23.84 23.23 13.18
C HIS B 29 -22.59 22.73 12.45
N VAL B 30 -22.53 21.42 12.26
CA VAL B 30 -21.28 20.79 11.80
C VAL B 30 -20.94 21.12 10.35
N PHE B 31 -21.95 21.31 9.52
CA PHE B 31 -21.74 21.72 8.12
C PHE B 31 -21.22 23.14 8.02
N ARG B 32 -21.75 24.01 8.90
CA ARG B 32 -21.26 25.39 8.96
C ARG B 32 -19.78 25.41 9.43
N ILE B 33 -19.45 24.57 10.41
CA ILE B 33 -18.09 24.45 10.87
C ILE B 33 -17.17 23.95 9.76
N ALA B 34 -17.66 22.99 8.99
CA ALA B 34 -16.86 22.48 7.87
C ALA B 34 -16.56 23.61 6.87
N GLU B 35 -17.57 24.43 6.58
CA GLU B 35 -17.41 25.57 5.65
C GLU B 35 -16.43 26.59 6.21
N LEU B 36 -16.65 26.98 7.46
CA LEU B 36 -15.82 28.02 8.12
C LEU B 36 -14.38 27.65 8.36
N SER B 37 -14.09 26.35 8.49
CA SER B 37 -12.73 25.88 8.80
C SER B 37 -11.94 25.53 7.53
N GLY B 38 -12.51 25.80 6.36
CA GLY B 38 -11.86 25.45 5.10
C GLY B 38 -11.83 23.94 4.91
N ASN B 39 -12.96 23.33 5.20
CA ASN B 39 -13.16 21.86 5.16
C ASN B 39 -12.25 21.08 6.12
N ARG B 40 -12.11 21.60 7.32
CA ARG B 40 -11.34 20.92 8.37
C ARG B 40 -12.21 20.66 9.62
N PRO B 41 -13.44 20.19 9.47
CA PRO B 41 -14.27 19.99 10.68
C PRO B 41 -13.72 18.95 11.66
N LEU B 42 -13.15 17.87 11.14
CA LEU B 42 -12.65 16.83 12.04
C LEU B 42 -11.48 17.35 12.85
N THR B 43 -10.58 18.04 12.22
CA THR B 43 -9.43 18.57 12.90
C THR B 43 -9.87 19.60 13.98
N VAL B 44 -10.74 20.54 13.60
CA VAL B 44 -11.06 21.62 14.54
C VAL B 44 -11.93 21.14 15.67
N ILE B 45 -12.84 20.20 15.37
CA ILE B 45 -13.71 19.62 16.39
C ILE B 45 -12.88 18.72 17.35
N MET B 46 -12.00 17.86 16.79
CA MET B 46 -11.14 17.03 17.65
C MET B 46 -10.28 17.91 18.53
N HIS B 47 -9.67 18.93 17.95
CA HIS B 47 -8.77 19.78 18.73
C HIS B 47 -9.55 20.42 19.88
N THR B 48 -10.73 20.94 19.59
CA THR B 48 -11.57 21.57 20.59
C THR B 48 -11.91 20.60 21.73
N ILE B 49 -12.29 19.39 21.36
CA ILE B 49 -12.67 18.36 22.33
C ILE B 49 -11.48 17.94 23.17
N PHE B 50 -10.33 17.75 22.54
CA PHE B 50 -9.13 17.36 23.28
C PHE B 50 -8.75 18.45 24.30
N GLN B 51 -8.89 19.71 23.93
CA GLN B 51 -8.59 20.84 24.85
C GLN B 51 -9.58 20.86 25.99
N GLU B 52 -10.86 20.78 25.64
CA GLU B 52 -11.96 20.81 26.61
CA GLU B 52 -11.95 20.81 26.63
C GLU B 52 -11.85 19.69 27.65
N ARG B 53 -11.44 18.50 27.20
CA ARG B 53 -11.30 17.34 28.08
C ARG B 53 -9.94 17.23 28.72
N ASP B 54 -9.06 18.19 28.44
CA ASP B 54 -7.68 18.20 28.97
C ASP B 54 -6.85 16.97 28.57
N LEU B 55 -7.12 16.41 27.39
CA LEU B 55 -6.45 15.21 26.97
C LEU B 55 -5.00 15.39 26.55
N LEU B 56 -4.65 16.57 26.07
CA LEU B 56 -3.28 16.84 25.74
C LEU B 56 -2.38 16.77 26.99
N LYS B 57 -2.84 17.40 28.07
CA LYS B 57 -2.09 17.42 29.32
C LYS B 57 -2.05 16.05 29.97
N THR B 58 -3.19 15.38 30.05
CA THR B 58 -3.26 14.06 30.67
C THR B 58 -2.36 13.03 30.03
N PHE B 59 -2.30 13.04 28.70
CA PHE B 59 -1.52 12.04 27.95
C PHE B 59 -0.27 12.60 27.29
N LYS B 60 0.11 13.80 27.71
CA LYS B 60 1.34 14.43 27.25
C LYS B 60 1.45 14.43 25.72
N ILE B 61 0.37 14.83 25.07
CA ILE B 61 0.32 14.88 23.61
C ILE B 61 0.77 16.26 23.16
N PRO B 62 1.85 16.32 22.40
CA PRO B 62 2.24 17.66 21.89
C PRO B 62 1.23 18.22 20.89
N VAL B 63 0.93 19.51 21.01
CA VAL B 63 -0.18 20.07 20.25
C VAL B 63 0.11 20.00 18.74
N ASP B 64 1.36 20.23 18.35
CA ASP B 64 1.77 20.15 16.95
C ASP B 64 1.61 18.72 16.40
N THR B 65 1.91 17.74 17.24
CA THR B 65 1.72 16.31 16.90
C THR B 65 0.22 16.00 16.71
N LEU B 66 -0.61 16.49 17.62
CA LEU B 66 -2.05 16.31 17.49
C LEU B 66 -2.61 16.90 16.19
N ILE B 67 -2.24 18.15 15.91
CA ILE B 67 -2.72 18.79 14.69
C ILE B 67 -2.21 18.12 13.43
N THR B 68 -0.95 17.67 13.46
CA THR B 68 -0.35 16.99 12.29
C THR B 68 -1.07 15.68 12.03
N TYR B 69 -1.32 14.92 13.09
CA TYR B 69 -2.08 13.66 12.95
C TYR B 69 -3.48 13.93 12.43
N LEU B 70 -4.16 14.89 13.02
CA LEU B 70 -5.54 15.16 12.65
C LEU B 70 -5.64 15.58 11.18
N MET B 71 -4.72 16.44 10.75
CA MET B 71 -4.74 16.88 9.38
C MET B 71 -4.52 15.70 8.41
N THR B 72 -3.62 14.81 8.75
CA THR B 72 -3.40 13.66 7.85
CA THR B 72 -3.31 13.60 7.97
C THR B 72 -4.55 12.67 7.94
N LEU B 73 -5.12 12.48 9.13
CA LEU B 73 -6.34 11.67 9.23
C LEU B 73 -7.48 12.23 8.39
N GLU B 74 -7.71 13.53 8.51
CA GLU B 74 -8.75 14.17 7.78
C GLU B 74 -8.53 14.13 6.25
N ASP B 75 -7.27 14.25 5.84
CA ASP B 75 -6.89 14.07 4.42
C ASP B 75 -7.20 12.71 3.84
N HIS B 76 -7.25 11.69 4.68
CA HIS B 76 -7.58 10.29 4.28
C HIS B 76 -9.08 9.96 4.28
N TYR B 77 -9.93 10.92 4.64
CA TYR B 77 -11.33 10.88 4.33
C TYR B 77 -11.54 11.58 2.96
N HIS B 78 -12.43 11.05 2.13
CA HIS B 78 -12.64 11.55 0.76
C HIS B 78 -13.80 12.49 0.65
N ALA B 79 -13.53 13.78 0.36
CA ALA B 79 -14.59 14.77 0.27
C ALA B 79 -15.59 14.48 -0.84
N ASP B 80 -15.15 13.74 -1.86
CA ASP B 80 -16.04 13.35 -2.97
C ASP B 80 -16.99 12.18 -2.65
N VAL B 81 -16.80 11.55 -1.50
CA VAL B 81 -17.73 10.57 -1.01
C VAL B 81 -18.78 11.34 -0.23
N ALA B 82 -20.03 11.20 -0.66
CA ALA B 82 -21.07 12.17 -0.23
C ALA B 82 -21.40 12.11 1.24
N TYR B 83 -21.41 10.91 1.81
CA TYR B 83 -21.78 10.75 3.20
C TYR B 83 -20.60 10.35 4.08
N HIS B 84 -19.91 9.27 3.67
CA HIS B 84 -18.78 8.76 4.47
C HIS B 84 -17.49 9.54 4.26
N ASN B 85 -17.50 10.76 4.77
CA ASN B 85 -16.41 11.70 4.62
C ASN B 85 -16.03 12.33 5.97
N ASN B 86 -15.14 13.33 5.93
CA ASN B 86 -14.62 13.96 7.15
C ASN B 86 -15.69 14.69 7.97
N ILE B 87 -16.74 15.16 7.31
CA ILE B 87 -17.87 15.78 8.04
C ILE B 87 -18.63 14.75 8.88
N HIS B 88 -18.88 13.58 8.29
CA HIS B 88 -19.48 12.47 9.04
C HIS B 88 -18.57 12.07 10.22
N ALA B 89 -17.29 11.95 9.99
CA ALA B 89 -16.37 11.56 11.07
C ALA B 89 -16.43 12.61 12.22
N ALA B 90 -16.37 13.89 11.85
CA ALA B 90 -16.45 15.00 12.82
C ALA B 90 -17.75 14.92 13.63
N ASP B 91 -18.82 14.63 12.94
CA ASP B 91 -20.15 14.46 13.55
C ASP B 91 -20.25 13.34 14.56
N VAL B 92 -19.70 12.18 14.20
CA VAL B 92 -19.66 11.03 15.10
C VAL B 92 -18.77 11.33 16.29
N VAL B 93 -17.62 11.95 16.07
CA VAL B 93 -16.72 12.39 17.16
C VAL B 93 -17.51 13.28 18.15
N GLN B 94 -18.16 14.27 17.60
CA GLN B 94 -18.83 15.29 18.44
C GLN B 94 -20.02 14.69 19.18
N SER B 95 -20.71 13.79 18.53
CA SER B 95 -21.86 13.13 19.11
C SER B 95 -21.42 12.20 20.24
N THR B 96 -20.34 11.47 20.04
CA THR B 96 -19.75 10.65 21.11
C THR B 96 -19.34 11.53 22.29
N HIS B 97 -18.70 12.66 21.99
CA HIS B 97 -18.31 13.62 23.00
C HIS B 97 -19.51 14.05 23.90
N VAL B 98 -20.63 14.30 23.28
CA VAL B 98 -21.85 14.65 24.05
C VAL B 98 -22.36 13.46 24.86
N LEU B 99 -22.45 12.28 24.23
CA LEU B 99 -22.94 11.09 24.94
C LEU B 99 -22.07 10.73 26.13
N LEU B 100 -20.77 10.98 26.03
CA LEU B 100 -19.84 10.66 27.11
C LEU B 100 -20.15 11.49 28.36
N SER B 101 -20.77 12.63 28.15
CA SER B 101 -21.06 13.57 29.26
C SER B 101 -22.44 13.40 29.85
N THR B 102 -23.18 12.39 29.44
CA THR B 102 -24.56 12.20 29.89
C THR B 102 -24.52 11.96 31.42
N PRO B 103 -25.44 12.56 32.18
CA PRO B 103 -25.37 12.41 33.66
C PRO B 103 -25.25 11.01 34.20
N ALA B 104 -25.97 10.07 33.59
CA ALA B 104 -25.93 8.67 34.00
C ALA B 104 -24.54 8.03 33.93
N LEU B 105 -23.63 8.63 33.17
CA LEU B 105 -22.28 8.10 33.01
C LEU B 105 -21.21 8.93 33.72
N GLU B 106 -21.63 9.86 34.57
CA GLU B 106 -20.69 10.78 35.24
C GLU B 106 -19.63 10.03 36.06
N ALA B 107 -18.37 10.33 35.76
CA ALA B 107 -17.20 9.70 36.40
C ALA B 107 -17.02 8.18 36.15
N VAL B 108 -17.83 7.59 35.28
CA VAL B 108 -17.79 6.15 35.02
C VAL B 108 -16.51 5.72 34.27
N PHE B 109 -16.17 6.45 33.22
CA PHE B 109 -15.03 6.08 32.37
C PHE B 109 -13.76 6.79 32.73
N THR B 110 -12.67 6.07 32.62
CA THR B 110 -11.33 6.64 32.75
C THR B 110 -10.98 7.56 31.60
N ASP B 111 -9.97 8.38 31.78
CA ASP B 111 -9.50 9.25 30.72
C ASP B 111 -9.04 8.41 29.51
N LEU B 112 -8.42 7.29 29.76
CA LEU B 112 -7.99 6.41 28.62
C LEU B 112 -9.19 5.86 27.84
N GLU B 113 -10.25 5.48 28.55
CA GLU B 113 -11.48 5.01 27.92
C GLU B 113 -12.15 6.09 27.10
N ILE B 114 -12.15 7.33 27.63
CA ILE B 114 -12.64 8.50 26.92
C ILE B 114 -11.82 8.73 25.64
N LEU B 115 -10.51 8.75 25.78
CA LEU B 115 -9.63 8.90 24.64
C LEU B 115 -9.90 7.82 23.60
N ALA B 116 -10.05 6.59 24.07
CA ALA B 116 -10.40 5.48 23.13
C ALA B 116 -11.67 5.71 22.35
N ALA B 117 -12.74 6.11 23.04
CA ALA B 117 -14.02 6.31 22.39
C ALA B 117 -13.95 7.43 21.35
N ILE B 118 -13.25 8.50 21.70
CA ILE B 118 -13.16 9.67 20.84
C ILE B 118 -12.26 9.36 19.63
N PHE B 119 -11.13 8.74 19.90
CA PHE B 119 -10.20 8.37 18.83
C PHE B 119 -10.89 7.35 17.90
N ALA B 120 -11.55 6.36 18.47
CA ALA B 120 -12.29 5.37 17.61
C ALA B 120 -13.27 6.11 16.70
N SER B 121 -14.02 7.06 17.28
CA SER B 121 -15.01 7.80 16.51
C SER B 121 -14.34 8.56 15.36
N ALA B 122 -13.18 9.12 15.61
CA ALA B 122 -12.45 9.91 14.59
C ALA B 122 -12.01 9.06 13.41
N ILE B 123 -11.58 7.84 13.69
CA ILE B 123 -11.01 6.97 12.64
C ILE B 123 -11.99 6.03 12.05
N HIS B 124 -13.22 5.97 12.56
CA HIS B 124 -14.06 4.82 12.30
C HIS B 124 -14.51 4.59 10.88
N ASP B 125 -14.44 5.64 10.02
CA ASP B 125 -14.74 5.50 8.58
C ASP B 125 -13.63 5.95 7.66
N VAL B 126 -12.42 6.03 8.17
CA VAL B 126 -11.34 6.64 7.36
C VAL B 126 -11.06 5.84 6.08
N ASP B 127 -10.80 6.59 4.99
CA ASP B 127 -10.52 5.98 3.67
C ASP B 127 -11.70 5.18 3.14
N HIS B 128 -12.92 5.58 3.50
CA HIS B 128 -14.10 4.91 3.01
C HIS B 128 -14.22 5.23 1.52
N PRO B 129 -14.41 4.21 0.67
CA PRO B 129 -14.50 4.42 -0.78
C PRO B 129 -15.86 4.84 -1.27
N GLY B 130 -16.87 4.85 -0.38
CA GLY B 130 -18.25 5.19 -0.79
C GLY B 130 -19.08 4.06 -1.35
N VAL B 131 -18.66 2.82 -1.10
CA VAL B 131 -19.43 1.62 -1.45
C VAL B 131 -19.41 0.70 -0.24
N SER B 132 -20.37 -0.21 -0.19
CA SER B 132 -20.59 -1.08 0.94
C SER B 132 -19.64 -2.29 1.00
N ASN B 133 -19.60 -2.92 2.16
CA ASN B 133 -18.89 -4.20 2.26
C ASN B 133 -19.37 -5.21 1.24
N GLN B 134 -20.68 -5.29 1.05
CA GLN B 134 -21.23 -6.28 0.11
C GLN B 134 -20.82 -5.98 -1.34
N PHE B 135 -20.78 -4.69 -1.69
CA PHE B 135 -20.24 -4.31 -3.02
C PHE B 135 -18.78 -4.75 -3.17
N LEU B 136 -17.97 -4.50 -2.16
CA LEU B 136 -16.57 -4.87 -2.19
C LEU B 136 -16.38 -6.37 -2.35
N ILE B 137 -17.22 -7.14 -1.67
CA ILE B 137 -17.14 -8.58 -1.72
C ILE B 137 -17.59 -9.04 -3.08
N ASN B 138 -18.70 -8.52 -3.54
CA ASN B 138 -19.33 -8.96 -4.83
C ASN B 138 -18.52 -8.61 -6.06
N THR B 139 -17.72 -7.58 -5.96
CA THR B 139 -16.86 -7.18 -7.05
C THR B 139 -15.45 -7.75 -6.92
N ASN B 140 -15.26 -8.67 -6.00
CA ASN B 140 -13.93 -9.26 -5.79
C ASN B 140 -12.83 -8.22 -5.63
N SER B 141 -13.09 -7.23 -4.79
CA SER B 141 -12.18 -6.15 -4.59
C SER B 141 -10.95 -6.59 -3.81
N GLU B 142 -9.88 -5.83 -3.96
CA GLU B 142 -8.65 -6.06 -3.23
C GLU B 142 -8.88 -6.00 -1.72
N LEU B 143 -9.71 -5.07 -1.26
CA LEU B 143 -9.95 -4.99 0.17
C LEU B 143 -10.66 -6.25 0.72
N ALA B 144 -11.63 -6.77 -0.03
CA ALA B 144 -12.36 -7.94 0.41
C ALA B 144 -11.41 -9.16 0.43
N LEU B 145 -10.51 -9.20 -0.52
CA LEU B 145 -9.50 -10.28 -0.57
C LEU B 145 -8.55 -10.19 0.62
N MET B 146 -8.13 -8.97 0.95
N MET B 146 -8.13 -8.97 0.95
CA MET B 146 -7.23 -8.76 2.08
CA MET B 146 -7.23 -8.76 2.08
C MET B 146 -7.87 -9.22 3.38
C MET B 146 -7.87 -9.22 3.38
N TYR B 147 -9.17 -8.91 3.53
CA TYR B 147 -9.88 -9.13 4.80
C TYR B 147 -10.80 -10.33 4.85
N ASN B 148 -10.73 -11.19 3.84
CA ASN B 148 -11.48 -12.45 3.88
C ASN B 148 -12.98 -12.26 4.08
N ASP B 149 -13.48 -11.22 3.43
CA ASP B 149 -14.89 -10.87 3.37
C ASP B 149 -15.52 -10.49 4.71
N SER B 150 -14.72 -10.31 5.77
CA SER B 150 -15.32 -10.12 7.11
CA SER B 150 -15.23 -10.14 7.12
C SER B 150 -14.99 -8.72 7.62
N SER B 151 -16.07 -7.98 7.91
CA SER B 151 -15.95 -6.55 8.35
C SER B 151 -14.87 -5.87 7.56
N VAL B 152 -15.02 -5.95 6.23
CA VAL B 152 -13.98 -5.51 5.31
C VAL B 152 -13.58 -4.04 5.54
N LEU B 153 -14.55 -3.15 5.43
CA LEU B 153 -14.27 -1.72 5.63
C LEU B 153 -13.79 -1.42 7.03
N GLU B 154 -14.44 -2.00 8.03
CA GLU B 154 -14.12 -1.64 9.41
C GLU B 154 -12.73 -2.06 9.81
N ASN B 155 -12.29 -3.23 9.34
CA ASN B 155 -10.90 -3.62 9.53
C ASN B 155 -9.98 -2.62 8.86
N HIS B 156 -10.35 -2.19 7.66
CA HIS B 156 -9.54 -1.26 6.89
C HIS B 156 -9.45 0.12 7.62
N HIS B 157 -10.56 0.58 8.16
CA HIS B 157 -10.58 1.90 8.81
C HIS B 157 -9.62 1.86 10.01
N LEU B 158 -9.66 0.78 10.77
CA LEU B 158 -8.72 0.57 11.87
C LEU B 158 -7.30 0.59 11.41
N ALA B 159 -7.01 -0.22 10.39
CA ALA B 159 -5.64 -0.33 9.90
C ALA B 159 -5.06 0.99 9.47
N VAL B 160 -5.85 1.79 8.74
CA VAL B 160 -5.43 3.09 8.29
C VAL B 160 -5.26 4.05 9.48
N GLY B 161 -6.25 4.09 10.35
CA GLY B 161 -6.17 5.02 11.49
C GLY B 161 -4.95 4.79 12.37
N PHE B 162 -4.56 3.55 12.57
CA PHE B 162 -3.37 3.23 13.36
C PHE B 162 -2.08 3.40 12.56
N LYS B 163 -2.10 3.05 11.28
CA LYS B 163 -0.93 3.25 10.44
C LYS B 163 -0.51 4.68 10.34
N LEU B 164 -1.48 5.60 10.32
CA LEU B 164 -1.17 7.03 10.16
C LEU B 164 -0.39 7.59 11.34
N LEU B 165 -0.48 6.92 12.49
CA LEU B 165 0.28 7.32 13.68
C LEU B 165 1.77 7.28 13.40
N GLN B 166 2.17 6.46 12.41
CA GLN B 166 3.59 6.25 12.06
C GLN B 166 4.17 7.32 11.13
N GLU B 167 3.33 8.18 10.59
CA GLU B 167 3.79 9.23 9.69
C GLU B 167 4.54 10.28 10.49
N GLU B 168 5.28 11.11 9.77
CA GLU B 168 6.11 12.12 10.40
C GLU B 168 5.35 13.00 11.40
N ASN B 169 5.81 12.95 12.65
CA ASN B 169 5.25 13.75 13.74
C ASN B 169 3.75 13.54 13.93
N CYS B 170 3.33 12.28 13.75
CA CYS B 170 1.90 11.92 13.91
C CYS B 170 1.60 11.04 15.11
N ASP B 171 2.62 10.62 15.89
CA ASP B 171 2.32 9.67 16.97
C ASP B 171 1.78 10.36 18.23
N ILE B 172 0.47 10.54 18.22
CA ILE B 172 -0.20 11.20 19.36
C ILE B 172 -0.20 10.33 20.63
N PHE B 173 0.13 9.05 20.52
CA PHE B 173 0.23 8.19 21.69
C PHE B 173 1.67 7.94 22.14
N GLN B 174 2.61 8.75 21.67
CA GLN B 174 4.04 8.51 21.95
C GLN B 174 4.39 8.50 23.44
N ASN B 175 3.61 9.22 24.26
CA ASN B 175 3.90 9.35 25.69
C ASN B 175 2.95 8.54 26.56
N LEU B 176 2.13 7.70 25.94
CA LEU B 176 1.44 6.66 26.68
C LEU B 176 2.44 5.57 27.07
N THR B 177 2.20 4.88 28.17
CA THR B 177 3.00 3.71 28.50
C THR B 177 2.63 2.58 27.55
N LYS B 178 3.47 1.55 27.50
CA LYS B 178 3.17 0.35 26.68
C LYS B 178 1.81 -0.22 27.11
N LYS B 179 1.56 -0.32 28.42
CA LYS B 179 0.29 -0.84 28.92
C LYS B 179 -0.92 0.02 28.50
N GLN B 180 -0.78 1.33 28.59
CA GLN B 180 -1.85 2.22 28.16
C GLN B 180 -2.09 2.04 26.68
N ARG B 181 -1.00 2.00 25.90
CA ARG B 181 -1.13 1.90 24.44
CA ARG B 181 -1.12 1.87 24.45
C ARG B 181 -1.83 0.59 24.07
N GLN B 182 -1.50 -0.49 24.75
CA GLN B 182 -2.13 -1.80 24.48
C GLN B 182 -3.60 -1.79 24.81
N SER B 183 -3.93 -1.19 25.95
CA SER B 183 -5.32 -1.14 26.38
CA SER B 183 -5.33 -1.12 26.41
C SER B 183 -6.15 -0.27 25.46
N LEU B 184 -5.61 0.88 25.10
CA LEU B 184 -6.28 1.80 24.19
C LEU B 184 -6.51 1.08 22.85
N ARG B 185 -5.48 0.42 22.36
CA ARG B 185 -5.62 -0.26 21.03
C ARG B 185 -6.72 -1.32 21.05
N LYS B 186 -6.73 -2.17 22.07
CA LYS B 186 -7.77 -3.16 22.25
C LYS B 186 -9.17 -2.54 22.25
N MET B 187 -9.36 -1.47 23.01
CA MET B 187 -10.66 -0.83 23.09
C MET B 187 -11.07 -0.26 21.74
N VAL B 188 -10.12 0.39 21.07
CA VAL B 188 -10.46 1.07 19.81
C VAL B 188 -10.86 0.03 18.78
N ILE B 189 -10.13 -1.07 18.76
CA ILE B 189 -10.49 -2.15 17.80
C ILE B 189 -11.89 -2.68 18.09
N ASP B 190 -12.20 -2.92 19.36
CA ASP B 190 -13.49 -3.44 19.74
C ASP B 190 -14.61 -2.47 19.37
N ILE B 191 -14.35 -1.19 19.56
CA ILE B 191 -15.32 -0.16 19.21
C ILE B 191 -15.54 -0.05 17.70
N VAL B 192 -14.46 0.10 16.92
CA VAL B 192 -14.67 0.26 15.48
C VAL B 192 -15.28 -0.99 14.84
N LEU B 193 -14.86 -2.17 15.29
CA LEU B 193 -15.47 -3.35 14.72
C LEU B 193 -16.97 -3.41 15.00
N ALA B 194 -17.39 -2.84 16.11
CA ALA B 194 -18.81 -2.79 16.48
C ALA B 194 -19.58 -1.79 15.63
N THR B 195 -18.89 -1.01 14.79
CA THR B 195 -19.57 -0.09 13.88
C THR B 195 -19.94 -0.73 12.56
N ASP B 196 -19.53 -1.97 12.31
CA ASP B 196 -20.00 -2.77 11.18
C ASP B 196 -21.48 -2.90 11.34
N MET B 197 -22.26 -2.40 10.38
CA MET B 197 -23.73 -2.34 10.56
C MET B 197 -24.36 -3.73 10.70
N SER B 198 -23.72 -4.73 10.13
CA SER B 198 -24.21 -6.11 10.18
C SER B 198 -24.25 -6.64 11.63
N LYS B 199 -23.56 -5.98 12.55
CA LYS B 199 -23.53 -6.38 13.97
C LYS B 199 -24.62 -5.72 14.82
N HIS B 200 -25.43 -4.88 14.17
CA HIS B 200 -26.37 -4.05 14.85
C HIS B 200 -27.38 -4.87 15.69
N MET B 201 -27.95 -5.89 15.09
CA MET B 201 -29.02 -6.64 15.83
C MET B 201 -28.46 -7.37 17.04
N ASN B 202 -27.24 -7.93 16.92
CA ASN B 202 -26.59 -8.56 18.07
C ASN B 202 -26.19 -7.54 19.15
N LEU B 203 -25.68 -6.38 18.73
CA LEU B 203 -25.28 -5.36 19.67
C LEU B 203 -26.50 -4.90 20.48
N LEU B 204 -27.60 -4.69 19.76
CA LEU B 204 -28.83 -4.21 20.40
C LEU B 204 -29.40 -5.25 21.37
N ALA B 205 -29.39 -6.52 20.96
CA ALA B 205 -29.90 -7.62 21.81
C ALA B 205 -29.10 -7.68 23.10
N ASP B 206 -27.79 -7.58 22.96
CA ASP B 206 -26.94 -7.58 24.11
C ASP B 206 -27.11 -6.32 25.00
N LEU B 207 -27.36 -5.16 24.39
CA LEU B 207 -27.57 -3.94 25.15
C LEU B 207 -28.87 -4.05 25.97
N LYS B 208 -29.91 -4.62 25.37
CA LYS B 208 -31.18 -4.84 26.08
C LYS B 208 -30.98 -5.71 27.31
N THR B 209 -30.20 -6.76 27.14
CA THR B 209 -29.87 -7.68 28.23
C THR B 209 -29.11 -6.93 29.35
N MET B 210 -28.15 -6.09 28.97
CA MET B 210 -27.43 -5.26 29.92
C MET B 210 -28.36 -4.31 30.68
N VAL B 211 -29.31 -3.72 29.99
CA VAL B 211 -30.25 -2.80 30.59
C VAL B 211 -31.12 -3.55 31.65
N GLU B 212 -31.51 -4.76 31.32
CA GLU B 212 -32.35 -5.57 32.24
C GLU B 212 -31.73 -5.78 33.60
N THR B 213 -30.41 -5.84 33.64
CA THR B 213 -29.70 -6.15 34.88
C THR B 213 -28.80 -5.01 35.34
N LYS B 214 -29.11 -3.80 34.91
CA LYS B 214 -28.24 -2.65 35.21
C LYS B 214 -28.26 -2.27 36.68
N LYS B 215 -27.13 -1.78 37.17
CA LYS B 215 -26.97 -1.37 38.55
C LYS B 215 -26.63 0.10 38.59
N VAL B 216 -27.31 0.85 39.43
CA VAL B 216 -27.05 2.28 39.60
C VAL B 216 -26.62 2.59 41.04
N THR B 217 -26.01 3.78 41.23
CA THR B 217 -25.70 4.30 42.58
C THR B 217 -26.97 4.84 43.23
N VAL B 221 -26.68 7.12 38.61
CA VAL B 221 -25.37 6.86 37.94
C VAL B 221 -25.00 5.38 37.80
N LEU B 222 -24.66 4.99 36.56
CA LEU B 222 -24.44 3.58 36.25
C LEU B 222 -23.22 3.02 36.91
N LEU B 223 -23.31 1.75 37.28
CA LEU B 223 -22.18 1.00 37.81
C LEU B 223 -21.71 -0.03 36.82
N LEU B 224 -20.48 0.13 36.37
CA LEU B 224 -19.90 -0.79 35.40
C LEU B 224 -18.60 -1.38 35.96
N ASP B 225 -18.67 -2.64 36.36
CA ASP B 225 -17.68 -3.33 37.20
C ASP B 225 -16.48 -3.92 36.50
N ASN B 226 -16.66 -4.21 35.22
CA ASN B 226 -15.74 -5.08 34.51
C ASN B 226 -15.53 -4.55 33.10
N TYR B 227 -14.44 -4.97 32.47
CA TYR B 227 -14.11 -4.55 31.09
C TYR B 227 -15.28 -4.83 30.18
N SER B 228 -15.85 -6.01 30.29
CA SER B 228 -16.90 -6.42 29.39
C SER B 228 -18.06 -5.43 29.37
N ASP B 229 -18.52 -5.00 30.55
CA ASP B 229 -19.65 -4.08 30.62
C ASP B 229 -19.26 -2.68 30.10
N ARG B 230 -18.06 -2.24 30.47
CA ARG B 230 -17.55 -0.91 30.07
C ARG B 230 -17.40 -0.82 28.55
N ILE B 231 -16.79 -1.83 27.98
CA ILE B 231 -16.59 -1.83 26.51
C ILE B 231 -17.89 -1.97 25.75
N GLN B 232 -18.83 -2.75 26.27
CA GLN B 232 -20.13 -2.85 25.67
C GLN B 232 -20.86 -1.51 25.60
N VAL B 233 -20.80 -0.74 26.71
CA VAL B 233 -21.41 0.55 26.71
C VAL B 233 -20.73 1.50 25.67
N LEU B 234 -19.41 1.47 25.61
CA LEU B 234 -18.67 2.30 24.64
C LEU B 234 -18.98 1.91 23.19
N GLN B 235 -19.04 0.62 22.92
CA GLN B 235 -19.44 0.11 21.59
C GLN B 235 -20.79 0.63 21.21
N ASN B 236 -21.77 0.51 22.12
CA ASN B 236 -23.11 0.94 21.81
C ASN B 236 -23.21 2.44 21.70
N MET B 237 -22.40 3.13 22.48
CA MET B 237 -22.36 4.60 22.46
C MET B 237 -21.90 5.14 21.10
N VAL B 238 -20.82 4.58 20.61
CA VAL B 238 -20.30 5.00 19.30
C VAL B 238 -21.27 4.55 18.18
N HIS B 239 -21.86 3.36 18.30
CA HIS B 239 -22.82 2.91 17.32
C HIS B 239 -24.08 3.85 17.28
N CYS B 240 -24.50 4.27 18.47
CA CYS B 240 -25.58 5.26 18.58
C CYS B 240 -25.15 6.58 17.87
N ALA B 241 -23.93 7.02 18.14
CA ALA B 241 -23.39 8.23 17.46
C ALA B 241 -23.41 8.08 15.94
N ASP B 242 -22.98 6.91 15.45
CA ASP B 242 -22.96 6.58 14.00
C ASP B 242 -24.39 6.62 13.43
N LEU B 243 -25.36 6.22 14.23
CA LEU B 243 -26.79 6.18 13.81
C LEU B 243 -27.59 7.34 14.48
N SER B 244 -26.97 8.49 14.62
CA SER B 244 -27.59 9.61 15.34
C SER B 244 -28.25 10.61 14.45
N ASN B 245 -28.05 10.52 13.12
CA ASN B 245 -28.55 11.57 12.22
C ASN B 245 -30.07 11.86 12.42
N PRO B 246 -30.91 10.83 12.54
CA PRO B 246 -32.36 11.14 12.67
C PRO B 246 -32.76 11.75 13.99
N THR B 247 -31.85 11.75 14.96
CA THR B 247 -32.11 12.35 16.31
C THR B 247 -31.69 13.80 16.37
N LYS B 248 -31.14 14.32 15.28
CA LYS B 248 -30.64 15.68 15.26
C LYS B 248 -31.71 16.64 14.78
N PRO B 249 -31.50 17.93 15.01
CA PRO B 249 -32.41 18.92 14.37
C PRO B 249 -32.66 18.63 12.90
N LEU B 250 -33.91 18.78 12.49
CA LEU B 250 -34.35 18.38 11.17
C LEU B 250 -33.52 18.95 10.00
N GLN B 251 -33.07 20.20 10.10
CA GLN B 251 -32.27 20.83 9.04
C GLN B 251 -30.95 20.06 8.84
N LEU B 252 -30.41 19.51 9.93
CA LEU B 252 -29.18 18.67 9.83
C LEU B 252 -29.54 17.31 9.26
N TYR B 253 -30.54 16.68 9.84
CA TYR B 253 -30.94 15.33 9.45
C TYR B 253 -31.22 15.26 7.96
N ARG B 254 -31.96 16.24 7.43
CA ARG B 254 -32.24 16.21 6.00
C ARG B 254 -30.97 16.24 5.14
N GLN B 255 -30.01 17.02 5.55
CA GLN B 255 -28.75 17.10 4.81
C GLN B 255 -28.05 15.71 4.83
N TRP B 256 -28.09 15.05 5.99
CA TRP B 256 -27.47 13.68 6.07
C TRP B 256 -28.20 12.72 5.16
N THR B 257 -29.54 12.77 5.15
CA THR B 257 -30.32 11.93 4.27
C THR B 257 -29.94 12.15 2.80
N ASP B 258 -29.87 13.41 2.40
CA ASP B 258 -29.57 13.71 1.01
C ASP B 258 -28.17 13.21 0.62
N ARG B 259 -27.22 13.34 1.54
CA ARG B 259 -25.85 12.81 1.34
C ARG B 259 -25.83 11.30 1.22
N ILE B 260 -26.54 10.57 2.10
CA ILE B 260 -26.45 9.12 2.03
C ILE B 260 -27.11 8.59 0.78
N MET B 261 -28.21 9.23 0.34
CA MET B 261 -28.83 8.81 -0.89
C MET B 261 -27.94 9.07 -2.11
N GLU B 262 -27.25 10.18 -2.13
CA GLU B 262 -26.32 10.45 -3.21
C GLU B 262 -25.24 9.34 -3.27
N GLU B 263 -24.74 9.00 -2.10
CA GLU B 263 -23.70 7.97 -2.04
C GLU B 263 -24.23 6.65 -2.50
N PHE B 264 -25.39 6.26 -2.01
CA PHE B 264 -26.01 5.00 -2.39
C PHE B 264 -26.28 4.94 -3.90
N PHE B 265 -26.83 6.02 -4.46
CA PHE B 265 -27.12 6.06 -5.89
C PHE B 265 -25.84 5.95 -6.72
N ARG B 266 -24.74 6.52 -6.24
CA ARG B 266 -23.46 6.41 -6.95
C ARG B 266 -23.01 4.94 -6.98
N GLN B 267 -23.22 4.20 -5.88
CA GLN B 267 -22.90 2.78 -5.88
C GLN B 267 -23.78 2.05 -6.88
N GLY B 268 -25.06 2.37 -6.87
CA GLY B 268 -26.00 1.78 -7.81
C GLY B 268 -25.56 2.01 -9.26
N ASP B 269 -25.06 3.20 -9.54
CA ASP B 269 -24.58 3.53 -10.91
C ASP B 269 -23.42 2.63 -11.31
N ARG B 270 -22.53 2.32 -10.37
CA ARG B 270 -21.43 1.39 -10.64
C ARG B 270 -21.96 -0.01 -10.87
N GLU B 271 -22.95 -0.42 -10.08
CA GLU B 271 -23.56 -1.73 -10.23
C GLU B 271 -24.21 -1.87 -11.63
N ARG B 272 -24.90 -0.81 -12.02
CA ARG B 272 -25.58 -0.75 -13.33
C ARG B 272 -24.56 -0.89 -14.47
N GLU B 273 -23.44 -0.17 -14.38
CA GLU B 273 -22.38 -0.28 -15.38
C GLU B 273 -21.76 -1.68 -15.46
N ARG B 274 -21.73 -2.41 -14.34
CA ARG B 274 -21.17 -3.75 -14.28
C ARG B 274 -22.17 -4.82 -14.68
N GLY B 275 -23.38 -4.41 -14.99
CA GLY B 275 -24.46 -5.36 -15.30
C GLY B 275 -24.93 -6.17 -14.10
N MET B 276 -24.70 -5.63 -12.90
CA MET B 276 -25.20 -6.24 -11.67
C MET B 276 -26.62 -5.82 -11.38
N GLU B 277 -27.35 -6.61 -10.61
CA GLU B 277 -28.64 -6.17 -10.10
C GLU B 277 -28.35 -4.94 -9.16
N ILE B 278 -29.18 -3.92 -9.24
CA ILE B 278 -29.00 -2.74 -8.43
C ILE B 278 -29.45 -3.06 -7.01
N SER B 279 -28.57 -2.79 -6.04
CA SER B 279 -28.86 -3.09 -4.66
C SER B 279 -30.03 -2.26 -4.13
N PRO B 280 -30.78 -2.82 -3.18
CA PRO B 280 -31.85 -2.06 -2.56
C PRO B 280 -31.36 -0.71 -2.02
N MET B 281 -32.13 0.36 -2.24
CA MET B 281 -31.84 1.72 -1.82
C MET B 281 -30.83 2.44 -2.73
N CYS B 282 -30.27 1.74 -3.74
CA CYS B 282 -29.18 2.29 -4.56
C CYS B 282 -29.60 2.64 -5.99
N ASP B 283 -30.91 2.58 -6.28
CA ASP B 283 -31.39 2.85 -7.62
C ASP B 283 -32.07 4.19 -7.72
N LYS B 284 -31.40 5.15 -8.34
CA LYS B 284 -31.90 6.50 -8.41
C LYS B 284 -33.22 6.57 -9.21
N HIS B 285 -33.48 5.56 -10.01
CA HIS B 285 -34.72 5.51 -10.85
C HIS B 285 -35.90 4.89 -10.12
N ASN B 286 -35.65 4.30 -8.96
CA ASN B 286 -36.67 3.66 -8.18
C ASN B 286 -36.43 3.83 -6.69
N ALA B 287 -36.58 5.06 -6.24
CA ALA B 287 -36.25 5.42 -4.87
C ALA B 287 -37.47 5.99 -4.17
N SER B 288 -37.51 5.80 -2.86
CA SER B 288 -38.55 6.36 -2.03
CA SER B 288 -38.54 6.35 -2.02
C SER B 288 -37.89 6.88 -0.76
N VAL B 289 -37.32 8.07 -0.86
CA VAL B 289 -36.43 8.58 0.15
C VAL B 289 -37.12 8.72 1.49
N GLU B 290 -38.33 9.28 1.47
CA GLU B 290 -39.07 9.57 2.70
C GLU B 290 -39.56 8.29 3.38
N LYS B 291 -40.14 7.37 2.60
CA LYS B 291 -40.63 6.12 3.12
C LYS B 291 -39.46 5.30 3.71
N SER B 292 -38.31 5.39 3.06
CA SER B 292 -37.14 4.67 3.51
C SER B 292 -36.62 5.20 4.85
N GLN B 293 -36.63 6.51 5.05
CA GLN B 293 -36.23 7.08 6.34
C GLN B 293 -37.20 6.64 7.45
N VAL B 294 -38.51 6.62 7.15
CA VAL B 294 -39.46 6.15 8.16
C VAL B 294 -39.16 4.71 8.58
N GLY B 295 -38.88 3.84 7.62
CA GLY B 295 -38.53 2.44 7.88
C GLY B 295 -37.24 2.35 8.69
N PHE B 296 -36.24 3.16 8.31
CA PHE B 296 -34.96 3.23 9.05
C PHE B 296 -35.24 3.58 10.53
N ILE B 297 -36.09 4.57 10.76
CA ILE B 297 -36.39 5.00 12.14
C ILE B 297 -37.17 3.90 12.87
N ASP B 298 -38.22 3.38 12.24
CA ASP B 298 -39.07 2.42 12.91
C ASP B 298 -38.36 1.11 13.25
N TYR B 299 -37.49 0.61 12.35
CA TYR B 299 -36.90 -0.71 12.52
C TYR B 299 -35.53 -0.74 13.14
N ILE B 300 -34.79 0.35 12.98
CA ILE B 300 -33.39 0.42 13.43
C ILE B 300 -33.11 1.50 14.46
N VAL B 301 -33.39 2.77 14.12
CA VAL B 301 -32.92 3.89 14.91
C VAL B 301 -33.75 4.04 16.20
N HIS B 302 -35.07 3.97 16.08
CA HIS B 302 -35.91 4.11 17.29
C HIS B 302 -35.68 2.93 18.30
N PRO B 303 -35.65 1.67 17.84
CA PRO B 303 -35.33 0.58 18.76
C PRO B 303 -33.99 0.75 19.46
N LEU B 304 -32.97 1.22 18.74
CA LEU B 304 -31.67 1.42 19.37
C LEU B 304 -31.68 2.55 20.39
N TRP B 305 -32.25 3.68 20.01
CA TRP B 305 -32.22 4.84 20.88
C TRP B 305 -33.20 4.69 22.05
N GLU B 306 -34.28 3.95 21.85
CA GLU B 306 -35.19 3.66 23.00
C GLU B 306 -34.44 2.87 24.07
N THR B 307 -33.60 1.94 23.62
CA THR B 307 -32.79 1.13 24.51
C THR B 307 -31.69 1.92 25.20
N TRP B 308 -30.97 2.75 24.43
CA TRP B 308 -30.02 3.64 25.01
C TRP B 308 -30.70 4.52 26.08
N ALA B 309 -31.85 5.07 25.74
CA ALA B 309 -32.56 5.99 26.63
C ALA B 309 -32.91 5.24 27.95
N ASP B 310 -33.26 3.96 27.86
CA ASP B 310 -33.50 3.13 29.07
C ASP B 310 -32.23 3.02 29.91
N LEU B 311 -31.10 2.78 29.24
CA LEU B 311 -29.86 2.65 29.92
C LEU B 311 -29.51 3.90 30.75
N VAL B 312 -29.73 5.08 30.18
CA VAL B 312 -29.30 6.36 30.76
C VAL B 312 -30.47 7.16 31.29
N HIS B 313 -31.59 6.48 31.50
CA HIS B 313 -32.86 7.15 31.84
C HIS B 313 -32.67 8.13 33.00
N PRO B 314 -33.19 9.37 32.88
CA PRO B 314 -33.97 9.96 31.82
C PRO B 314 -33.18 10.84 30.86
N ASP B 315 -31.87 10.64 30.79
CA ASP B 315 -30.96 11.62 30.12
C ASP B 315 -31.26 11.83 28.64
N ALA B 316 -31.76 10.81 27.97
CA ALA B 316 -31.92 10.87 26.50
C ALA B 316 -33.34 11.10 26.02
N GLN B 317 -34.22 11.56 26.91
CA GLN B 317 -35.60 11.83 26.53
C GLN B 317 -35.75 12.83 25.37
N ASP B 318 -34.99 13.92 25.38
CA ASP B 318 -35.09 14.94 24.35
C ASP B 318 -34.65 14.39 23.00
N ILE B 319 -33.67 13.48 23.03
CA ILE B 319 -33.21 12.82 21.80
C ILE B 319 -34.34 12.01 21.19
N LEU B 320 -35.04 11.23 22.01
CA LEU B 320 -36.20 10.45 21.53
C LEU B 320 -37.34 11.32 21.00
N ASP B 321 -37.62 12.41 21.69
CA ASP B 321 -38.69 13.30 21.24
C ASP B 321 -38.39 13.87 19.86
N THR B 322 -37.14 14.25 19.63
CA THR B 322 -36.73 14.82 18.34
C THR B 322 -36.85 13.75 17.27
N LEU B 323 -36.37 12.55 17.61
CA LEU B 323 -36.45 11.43 16.70
C LEU B 323 -37.90 11.20 16.26
N GLU B 324 -38.83 11.21 17.21
CA GLU B 324 -40.24 10.98 16.89
C GLU B 324 -40.86 12.14 16.06
N ASP B 325 -40.48 13.38 16.35
CA ASP B 325 -40.89 14.51 15.52
C ASP B 325 -40.38 14.39 14.08
N ASN B 326 -39.14 13.96 13.96
CA ASN B 326 -38.52 13.82 12.64
C ASN B 326 -39.14 12.69 11.83
N ARG B 327 -39.52 11.61 12.48
CA ARG B 327 -40.21 10.51 11.83
C ARG B 327 -41.54 11.03 11.21
N GLU B 328 -42.26 11.83 11.99
CA GLU B 328 -43.52 12.43 11.54
C GLU B 328 -43.31 13.35 10.37
N TRP B 329 -42.25 14.15 10.41
CA TRP B 329 -41.95 14.96 9.25
C TRP B 329 -41.76 14.14 7.97
N TYR B 330 -40.92 13.11 8.01
CA TYR B 330 -40.73 12.28 6.83
C TYR B 330 -42.01 11.54 6.41
N GLN B 331 -42.75 11.02 7.37
CA GLN B 331 -44.01 10.34 7.09
C GLN B 331 -44.96 11.29 6.34
N SER B 332 -44.98 12.54 6.80
CA SER B 332 -45.88 13.59 6.27
C SER B 332 -45.48 14.10 4.88
N THR B 333 -44.23 13.89 4.50
CA THR B 333 -43.72 14.33 3.20
C THR B 333 -43.55 13.19 2.20
N ILE B 334 -44.05 12.00 2.52
CA ILE B 334 -44.15 10.93 1.52
C ILE B 334 -45.10 11.44 0.42
N PRO B 335 -44.62 11.53 -0.85
CA PRO B 335 -45.49 12.13 -1.91
C PRO B 335 -46.78 11.36 -2.24
N GLY B 351 -41.84 -0.49 0.88
CA GLY B 351 -41.64 -1.51 1.97
C GLY B 351 -40.70 -2.69 1.62
N ASN B 352 -40.70 -3.16 0.38
CA ASN B 352 -39.86 -4.31 -0.02
C ASN B 352 -38.36 -3.94 -0.08
N GLN B 353 -38.02 -2.82 -0.74
CA GLN B 353 -36.62 -2.30 -0.78
C GLN B 353 -36.11 -1.98 0.62
N VAL B 354 -36.95 -1.35 1.43
CA VAL B 354 -36.60 -1.07 2.82
C VAL B 354 -36.32 -2.36 3.56
N SER B 355 -37.23 -3.31 3.47
CA SER B 355 -37.09 -4.56 4.17
C SER B 355 -35.84 -5.30 3.73
N GLU B 356 -35.62 -5.33 2.42
CA GLU B 356 -34.45 -6.05 1.88
C GLU B 356 -33.12 -5.36 2.26
N PHE B 357 -33.13 -4.04 2.23
CA PHE B 357 -31.97 -3.25 2.66
C PHE B 357 -31.62 -3.56 4.10
N ILE B 358 -32.63 -3.55 4.96
CA ILE B 358 -32.42 -3.81 6.36
C ILE B 358 -31.86 -5.20 6.58
N SER B 359 -32.48 -6.21 5.95
CA SER B 359 -32.02 -7.60 6.09
C SER B 359 -30.56 -7.80 5.63
N ASN B 360 -30.19 -7.11 4.56
CA ASN B 360 -28.82 -7.20 4.02
C ASN B 360 -27.80 -6.36 4.78
N THR B 361 -28.27 -5.39 5.54
CA THR B 361 -27.36 -4.41 6.15
C THR B 361 -27.13 -4.59 7.65
N PHE B 362 -28.23 -4.81 8.41
CA PHE B 362 -28.17 -4.72 9.86
C PHE B 362 -28.20 -6.07 10.61
N LEU B 363 -28.18 -7.17 9.87
CA LEU B 363 -28.20 -8.54 10.42
C LEU B 363 -26.91 -9.25 10.05
N ASP B 364 -26.51 -10.19 10.88
CA ASP B 364 -25.19 -10.83 10.73
C ASP B 364 -25.13 -11.82 9.57
N GLN C 12 27.21 -23.26 13.75
CA GLN C 12 26.34 -22.12 14.03
C GLN C 12 27.16 -20.85 14.33
N GLU C 13 27.08 -20.31 15.55
CA GLU C 13 27.55 -18.96 15.84
C GLU C 13 29.06 -18.75 15.56
N ASP C 14 29.90 -19.71 15.94
CA ASP C 14 31.36 -19.59 15.74
C ASP C 14 31.73 -19.69 14.27
N VAL C 15 31.07 -20.57 13.54
CA VAL C 15 31.33 -20.76 12.13
C VAL C 15 30.90 -19.50 11.35
N LEU C 16 29.75 -18.94 11.73
CA LEU C 16 29.24 -17.71 11.09
C LEU C 16 30.20 -16.56 11.33
N ALA C 17 30.63 -16.41 12.59
CA ALA C 17 31.61 -15.38 12.95
C ALA C 17 32.88 -15.53 12.14
N LYS C 18 33.33 -16.77 11.95
CA LYS C 18 34.56 -17.01 11.17
C LYS C 18 34.41 -16.57 9.70
N GLU C 19 33.29 -16.90 9.07
CA GLU C 19 33.02 -16.45 7.70
C GLU C 19 32.97 -14.92 7.62
N LEU C 20 32.38 -14.31 8.64
CA LEU C 20 32.22 -12.84 8.67
C LEU C 20 33.53 -12.08 8.88
N GLU C 21 34.59 -12.80 9.28
CA GLU C 21 35.96 -12.25 9.24
C GLU C 21 36.41 -11.83 7.84
N ASP C 22 35.80 -12.38 6.79
CA ASP C 22 36.15 -12.06 5.39
C ASP C 22 35.34 -10.87 4.83
N VAL C 23 34.67 -10.15 5.71
CA VAL C 23 33.77 -9.07 5.27
C VAL C 23 34.49 -7.98 4.50
N ASN C 24 35.82 -7.87 4.70
CA ASN C 24 36.59 -6.87 3.92
C ASN C 24 37.20 -7.40 2.65
N LYS C 25 36.90 -8.65 2.29
CA LYS C 25 37.44 -9.30 1.11
C LYS C 25 36.48 -9.36 -0.05
N TRP C 26 36.99 -9.11 -1.25
CA TRP C 26 36.26 -9.37 -2.47
C TRP C 26 36.17 -10.87 -2.63
N GLY C 27 34.98 -11.41 -2.66
CA GLY C 27 34.89 -12.89 -2.70
C GLY C 27 34.45 -13.54 -1.40
N LEU C 28 33.94 -12.73 -0.47
CA LEU C 28 33.23 -13.25 0.68
C LEU C 28 32.28 -14.38 0.25
N HIS C 29 32.21 -15.43 1.08
CA HIS C 29 31.29 -16.56 0.82
C HIS C 29 29.86 -16.21 1.24
N VAL C 30 29.21 -15.40 0.42
CA VAL C 30 27.93 -14.80 0.83
C VAL C 30 26.78 -15.80 0.88
N PHE C 31 26.83 -16.83 0.02
CA PHE C 31 25.81 -17.90 0.04
C PHE C 31 25.98 -18.73 1.30
N ARG C 32 27.21 -19.01 1.69
CA ARG C 32 27.49 -19.72 2.97
C ARG C 32 26.97 -18.92 4.17
N ILE C 33 27.20 -17.61 4.14
CA ILE C 33 26.71 -16.73 5.18
C ILE C 33 25.18 -16.75 5.24
N ALA C 34 24.55 -16.77 4.07
CA ALA C 34 23.09 -16.81 4.02
C ALA C 34 22.58 -18.11 4.71
N GLU C 35 23.27 -19.22 4.42
CA GLU C 35 22.89 -20.53 5.02
C GLU C 35 23.11 -20.51 6.53
N LEU C 36 24.28 -20.09 6.93
CA LEU C 36 24.67 -20.10 8.35
C LEU C 36 23.88 -19.15 9.25
N SER C 37 23.36 -18.07 8.68
CA SER C 37 22.61 -17.09 9.43
C SER C 37 21.10 -17.34 9.46
N GLY C 38 20.66 -18.47 8.92
CA GLY C 38 19.24 -18.79 8.82
C GLY C 38 18.55 -17.84 7.86
N ASN C 39 19.20 -17.61 6.74
CA ASN C 39 18.73 -16.69 5.68
C ASN C 39 18.61 -15.25 6.14
N ARG C 40 19.61 -14.81 6.86
CA ARG C 40 19.72 -13.41 7.26
C ARG C 40 21.02 -12.76 6.78
N PRO C 41 21.42 -13.01 5.55
CA PRO C 41 22.76 -12.41 5.14
C PRO C 41 22.75 -10.88 5.17
N LEU C 42 21.67 -10.23 4.77
CA LEU C 42 21.68 -8.75 4.70
C LEU C 42 21.78 -8.17 6.12
N THR C 43 21.05 -8.74 7.07
CA THR C 43 21.11 -8.28 8.43
C THR C 43 22.50 -8.48 9.06
N VAL C 44 23.05 -9.66 8.89
CA VAL C 44 24.33 -9.94 9.55
C VAL C 44 25.49 -9.20 8.92
N ILE C 45 25.48 -9.10 7.59
CA ILE C 45 26.51 -8.36 6.89
C ILE C 45 26.42 -6.85 7.18
N MET C 46 25.20 -6.28 7.16
CA MET C 46 25.03 -4.87 7.47
C MET C 46 25.50 -4.58 8.87
N HIS C 47 25.08 -5.42 9.80
CA HIS C 47 25.46 -5.20 11.18
C HIS C 47 26.97 -5.23 11.35
N THR C 48 27.60 -6.20 10.74
CA THR C 48 29.07 -6.33 10.78
C THR C 48 29.77 -5.08 10.23
N ILE C 49 29.29 -4.61 9.09
CA ILE C 49 29.84 -3.43 8.43
C ILE C 49 29.62 -2.16 9.25
N PHE C 50 28.43 -2.00 9.82
CA PHE C 50 28.17 -0.86 10.67
C PHE C 50 29.08 -0.85 11.89
N GLN C 51 29.32 -2.02 12.46
CA GLN C 51 30.26 -2.14 13.62
C GLN C 51 31.69 -1.81 13.19
N GLU C 52 32.13 -2.42 12.11
CA GLU C 52 33.49 -2.22 11.58
CA GLU C 52 33.51 -2.20 11.59
C GLU C 52 33.80 -0.75 11.24
N ARG C 53 32.81 -0.05 10.68
CA ARG C 53 32.96 1.35 10.32
C ARG C 53 32.60 2.34 11.44
N ASP C 54 32.24 1.81 12.60
CA ASP C 54 31.84 2.60 13.75
C ASP C 54 30.66 3.52 13.50
N LEU C 55 29.74 3.09 12.64
CA LEU C 55 28.63 3.94 12.31
C LEU C 55 27.60 4.06 13.39
N LEU C 56 27.45 3.01 14.22
CA LEU C 56 26.50 3.10 15.31
C LEU C 56 26.89 4.22 16.30
N LYS C 57 28.17 4.29 16.62
CA LYS C 57 28.66 5.35 17.51
C LYS C 57 28.58 6.72 16.85
N THR C 58 29.05 6.83 15.61
CA THR C 58 29.10 8.13 14.91
C THR C 58 27.73 8.77 14.79
N PHE C 59 26.72 7.95 14.46
CA PHE C 59 25.38 8.46 14.23
C PHE C 59 24.38 8.13 15.32
N LYS C 60 24.90 7.68 16.48
CA LYS C 60 24.09 7.36 17.64
C LYS C 60 22.89 6.47 17.30
N ILE C 61 23.17 5.42 16.53
CA ILE C 61 22.14 4.46 16.14
C ILE C 61 22.06 3.37 17.20
N PRO C 62 20.92 3.23 17.86
CA PRO C 62 20.79 2.12 18.80
C PRO C 62 20.86 0.76 18.10
N VAL C 63 21.58 -0.18 18.69
CA VAL C 63 21.84 -1.45 18.03
C VAL C 63 20.55 -2.20 17.80
N ASP C 64 19.63 -2.15 18.77
CA ASP C 64 18.32 -2.83 18.64
C ASP C 64 17.48 -2.24 17.48
N THR C 65 17.58 -0.92 17.31
CA THR C 65 16.91 -0.20 16.20
C THR C 65 17.50 -0.64 14.87
N LEU C 66 18.82 -0.73 14.79
CA LEU C 66 19.48 -1.18 13.57
C LEU C 66 19.05 -2.59 13.20
N ILE C 67 19.07 -3.51 14.17
CA ILE C 67 18.67 -4.88 13.90
CA ILE C 67 18.68 -4.89 13.91
C ILE C 67 17.19 -5.00 13.54
N THR C 68 16.34 -4.22 14.22
CA THR C 68 14.91 -4.26 13.93
C THR C 68 14.63 -3.76 12.52
N TYR C 69 15.29 -2.68 12.14
CA TYR C 69 15.16 -2.16 10.73
C TYR C 69 15.67 -3.16 9.74
N LEU C 70 16.84 -3.72 9.99
CA LEU C 70 17.45 -4.66 9.06
C LEU C 70 16.58 -5.89 8.88
N MET C 71 16.03 -6.40 9.95
CA MET C 71 15.18 -7.57 9.83
C MET C 71 13.93 -7.27 9.00
N THR C 72 13.35 -6.11 9.19
CA THR C 72 12.15 -5.78 8.40
CA THR C 72 12.16 -5.65 8.46
C THR C 72 12.51 -5.49 6.95
N LEU C 73 13.65 -4.82 6.74
CA LEU C 73 14.14 -4.64 5.37
C LEU C 73 14.34 -5.99 4.68
N GLU C 74 15.04 -6.91 5.35
CA GLU C 74 15.36 -8.19 4.78
C GLU C 74 14.09 -9.00 4.50
N ASP C 75 13.10 -8.86 5.36
CA ASP C 75 11.79 -9.50 5.14
C ASP C 75 11.06 -9.02 3.88
N HIS C 76 11.36 -7.81 3.45
CA HIS C 76 10.76 -7.23 2.25
C HIS C 76 11.51 -7.55 0.96
N TYR C 77 12.60 -8.33 1.04
CA TYR C 77 13.20 -8.96 -0.11
C TYR C 77 12.57 -10.38 -0.19
N HIS C 78 12.30 -10.84 -1.40
CA HIS C 78 11.61 -12.15 -1.62
C HIS C 78 12.51 -13.28 -1.96
N ALA C 79 12.62 -14.28 -1.09
CA ALA C 79 13.50 -15.42 -1.31
C ALA C 79 13.12 -16.26 -2.51
N ASP C 80 11.86 -16.22 -2.91
CA ASP C 80 11.44 -16.94 -4.10
C ASP C 80 11.78 -16.24 -5.41
N VAL C 81 12.29 -15.01 -5.32
CA VAL C 81 12.85 -14.35 -6.46
C VAL C 81 14.30 -14.81 -6.56
N ALA C 82 14.68 -15.43 -7.70
CA ALA C 82 15.90 -16.19 -7.75
C ALA C 82 17.18 -15.34 -7.62
N TYR C 83 17.16 -14.17 -8.22
CA TYR C 83 18.34 -13.30 -8.22
C TYR C 83 18.14 -12.07 -7.31
N HIS C 84 17.07 -11.31 -7.56
CA HIS C 84 16.81 -10.06 -6.87
C HIS C 84 16.19 -10.28 -5.50
N ASN C 85 17.02 -10.80 -4.60
CA ASN C 85 16.60 -11.19 -3.24
C ASN C 85 17.62 -10.65 -2.21
N ASN C 86 17.42 -11.00 -0.95
CA ASN C 86 18.26 -10.52 0.11
C ASN C 86 19.73 -10.90 0.01
N ILE C 87 20.03 -12.00 -0.64
CA ILE C 87 21.42 -12.41 -0.85
C ILE C 87 22.08 -11.43 -1.81
N HIS C 88 21.39 -11.08 -2.88
CA HIS C 88 21.89 -10.05 -3.80
C HIS C 88 22.11 -8.73 -3.06
N ALA C 89 21.16 -8.35 -2.24
CA ALA C 89 21.27 -7.08 -1.53
C ALA C 89 22.50 -7.12 -0.65
N ALA C 90 22.66 -8.21 0.07
CA ALA C 90 23.82 -8.39 1.00
C ALA C 90 25.12 -8.31 0.22
N ASP C 91 25.14 -8.92 -0.95
CA ASP C 91 26.33 -8.90 -1.86
C ASP C 91 26.68 -7.51 -2.32
N VAL C 92 25.68 -6.74 -2.72
CA VAL C 92 25.93 -5.38 -3.18
C VAL C 92 26.41 -4.49 -2.05
N VAL C 93 25.82 -4.64 -0.87
CA VAL C 93 26.26 -3.92 0.36
C VAL C 93 27.72 -4.25 0.65
N GLN C 94 28.05 -5.52 0.63
CA GLN C 94 29.41 -5.93 1.02
C GLN C 94 30.40 -5.46 -0.03
N SER C 95 30.00 -5.55 -1.31
CA SER C 95 30.85 -5.11 -2.40
C SER C 95 31.10 -3.59 -2.36
N THR C 96 30.06 -2.83 -2.11
CA THR C 96 30.20 -1.40 -1.87
C THR C 96 31.15 -1.09 -0.69
N HIS C 97 31.00 -1.85 0.38
CA HIS C 97 31.89 -1.73 1.55
C HIS C 97 33.36 -1.93 1.19
N VAL C 98 33.65 -2.91 0.35
CA VAL C 98 35.00 -3.13 -0.09
C VAL C 98 35.48 -2.00 -1.01
N LEU C 99 34.64 -1.59 -1.94
CA LEU C 99 34.99 -0.49 -2.84
C LEU C 99 35.26 0.83 -2.07
N LEU C 100 34.53 1.07 -1.00
CA LEU C 100 34.72 2.27 -0.21
C LEU C 100 36.09 2.27 0.46
N SER C 101 36.70 1.12 0.62
CA SER C 101 38.01 1.01 1.29
CA SER C 101 38.02 1.05 1.30
C SER C 101 39.18 1.00 0.32
N THR C 102 38.92 1.22 -0.96
CA THR C 102 39.96 1.19 -1.98
C THR C 102 40.95 2.32 -1.65
N PRO C 103 42.28 2.04 -1.68
CA PRO C 103 43.24 3.10 -1.30
C PRO C 103 43.05 4.44 -1.97
N ALA C 104 42.73 4.45 -3.26
CA ALA C 104 42.50 5.72 -3.99
C ALA C 104 41.38 6.59 -3.44
N LEU C 105 40.49 6.01 -2.61
CA LEU C 105 39.37 6.75 -2.05
C LEU C 105 39.50 6.95 -0.56
N GLU C 106 40.67 6.65 0.01
CA GLU C 106 40.84 6.75 1.45
C GLU C 106 40.55 8.15 1.99
N ALA C 107 39.62 8.22 2.94
CA ALA C 107 39.22 9.47 3.59
C ALA C 107 38.57 10.50 2.67
N VAL C 108 38.25 10.12 1.44
CA VAL C 108 37.62 11.02 0.46
C VAL C 108 36.17 11.34 0.83
N PHE C 109 35.46 10.33 1.33
CA PHE C 109 34.07 10.46 1.72
C PHE C 109 33.85 10.63 3.22
N THR C 110 32.91 11.48 3.56
CA THR C 110 32.51 11.70 4.93
C THR C 110 31.76 10.48 5.45
N ASP C 111 31.62 10.40 6.76
CA ASP C 111 30.89 9.31 7.38
C ASP C 111 29.44 9.30 6.88
N LEU C 112 28.86 10.47 6.66
CA LEU C 112 27.48 10.53 6.15
C LEU C 112 27.38 9.98 4.72
N GLU C 113 28.37 10.30 3.90
CA GLU C 113 28.41 9.79 2.54
C GLU C 113 28.57 8.28 2.50
N ILE C 114 29.43 7.76 3.38
CA ILE C 114 29.62 6.34 3.55
C ILE C 114 28.29 5.67 3.98
N LEU C 115 27.64 6.23 4.99
CA LEU C 115 26.35 5.75 5.46
C LEU C 115 25.34 5.76 4.29
N ALA C 116 25.35 6.81 3.53
CA ALA C 116 24.44 6.90 2.33
C ALA C 116 24.69 5.77 1.37
N ALA C 117 25.95 5.55 0.98
CA ALA C 117 26.29 4.54 -0.01
C ALA C 117 25.91 3.13 0.46
N ILE C 118 26.18 2.87 1.73
CA ILE C 118 25.89 1.53 2.29
CA ILE C 118 25.91 1.53 2.29
C ILE C 118 24.39 1.32 2.43
N PHE C 119 23.71 2.31 2.93
CA PHE C 119 22.25 2.24 3.08
C PHE C 119 21.58 2.12 1.73
N ALA C 120 22.04 2.92 0.74
CA ALA C 120 21.48 2.82 -0.63
C ALA C 120 21.66 1.40 -1.17
N SER C 121 22.84 0.82 -0.97
CA SER C 121 23.09 -0.52 -1.40
C SER C 121 22.13 -1.54 -0.76
N ALA C 122 21.85 -1.34 0.50
CA ALA C 122 20.98 -2.27 1.24
C ALA C 122 19.55 -2.27 0.74
N ILE C 123 19.07 -1.09 0.41
CA ILE C 123 17.67 -0.93 -0.02
C ILE C 123 17.48 -1.02 -1.52
N HIS C 124 18.55 -1.10 -2.31
CA HIS C 124 18.43 -0.74 -3.69
C HIS C 124 17.55 -1.66 -4.55
N ASP C 125 17.23 -2.87 -4.08
CA ASP C 125 16.33 -3.80 -4.81
C ASP C 125 15.16 -4.29 -3.95
N VAL C 126 14.87 -3.59 -2.89
CA VAL C 126 13.85 -4.10 -1.94
C VAL C 126 12.46 -4.24 -2.58
N ASP C 127 11.77 -5.33 -2.25
CA ASP C 127 10.43 -5.63 -2.76
C ASP C 127 10.46 -5.84 -4.28
N HIS C 128 11.59 -6.32 -4.78
CA HIS C 128 11.68 -6.61 -6.21
C HIS C 128 10.76 -7.81 -6.49
N PRO C 129 9.85 -7.69 -7.47
CA PRO C 129 8.93 -8.75 -7.82
C PRO C 129 9.50 -9.84 -8.72
N GLY C 130 10.74 -9.68 -9.21
CA GLY C 130 11.37 -10.64 -10.11
C GLY C 130 10.97 -10.51 -11.60
N VAL C 131 10.48 -9.35 -11.98
CA VAL C 131 10.28 -9.00 -13.38
C VAL C 131 10.85 -7.61 -13.60
N SER C 132 11.12 -7.30 -14.86
CA SER C 132 11.73 -6.04 -15.25
C SER C 132 10.78 -4.83 -15.27
N ASN C 133 11.40 -3.65 -15.35
CA ASN C 133 10.62 -2.44 -15.56
C ASN C 133 9.77 -2.60 -16.80
N GLN C 134 10.36 -3.10 -17.86
CA GLN C 134 9.62 -3.19 -19.15
C GLN C 134 8.43 -4.13 -19.07
N PHE C 135 8.59 -5.24 -18.35
CA PHE C 135 7.43 -6.11 -18.08
C PHE C 135 6.32 -5.41 -17.33
N LEU C 136 6.71 -4.66 -16.30
CA LEU C 136 5.76 -3.91 -15.52
C LEU C 136 5.02 -2.89 -16.34
N ILE C 137 5.72 -2.25 -17.23
CA ILE C 137 5.13 -1.22 -18.09
C ILE C 137 4.20 -1.90 -19.10
N ASN C 138 4.66 -2.99 -19.71
CA ASN C 138 3.93 -3.66 -20.80
C ASN C 138 2.70 -4.38 -20.34
N THR C 139 2.65 -4.75 -19.08
CA THR C 139 1.50 -5.41 -18.45
C THR C 139 0.59 -4.43 -17.69
N ASN C 140 0.83 -3.13 -17.87
CA ASN C 140 0.00 -2.12 -17.23
C ASN C 140 -0.16 -2.35 -15.75
N SER C 141 0.96 -2.65 -15.10
CA SER C 141 0.97 -2.94 -13.71
C SER C 141 0.66 -1.71 -12.85
N GLU C 142 0.24 -1.98 -11.63
CA GLU C 142 -0.01 -0.88 -10.65
C GLU C 142 1.26 -0.07 -10.38
N LEU C 143 2.39 -0.73 -10.30
CA LEU C 143 3.63 -0.01 -10.04
C LEU C 143 4.00 0.94 -11.21
N ALA C 144 3.83 0.49 -12.41
CA ALA C 144 4.13 1.34 -13.58
C ALA C 144 3.15 2.54 -13.63
N LEU C 145 1.91 2.31 -13.25
CA LEU C 145 0.89 3.36 -13.18
C LEU C 145 1.24 4.39 -12.12
N MET C 146 1.69 3.92 -10.97
CA MET C 146 2.08 4.78 -9.87
CA MET C 146 2.08 4.78 -9.87
C MET C 146 3.24 5.68 -10.29
N TYR C 147 4.20 5.12 -11.01
CA TYR C 147 5.45 5.79 -11.31
C TYR C 147 5.63 6.30 -12.75
N ASN C 148 4.51 6.33 -13.51
CA ASN C 148 4.53 6.94 -14.82
C ASN C 148 5.63 6.41 -15.70
N ASP C 149 5.80 5.08 -15.60
CA ASP C 149 6.68 4.30 -16.46
C ASP C 149 8.18 4.65 -16.33
N SER C 150 8.56 5.47 -15.36
CA SER C 150 9.96 5.95 -15.32
CA SER C 150 9.91 6.02 -15.27
C SER C 150 10.66 5.42 -14.08
N SER C 151 11.73 4.70 -14.32
CA SER C 151 12.49 4.02 -13.26
C SER C 151 11.52 3.42 -12.23
N VAL C 152 10.65 2.56 -12.73
CA VAL C 152 9.52 2.09 -11.95
C VAL C 152 10.02 1.38 -10.66
N LEU C 153 10.83 0.36 -10.84
CA LEU C 153 11.29 -0.43 -9.72
C LEU C 153 12.15 0.41 -8.80
N GLU C 154 13.05 1.23 -9.36
CA GLU C 154 14.00 1.94 -8.56
C GLU C 154 13.35 2.98 -7.68
N ASN C 155 12.33 3.64 -8.21
CA ASN C 155 11.53 4.53 -7.38
C ASN C 155 10.83 3.75 -6.27
N HIS C 156 10.31 2.58 -6.59
CA HIS C 156 9.65 1.73 -5.61
C HIS C 156 10.62 1.26 -4.49
N HIS C 157 11.82 0.86 -4.88
CA HIS C 157 12.79 0.35 -3.88
C HIS C 157 13.07 1.50 -2.90
N LEU C 158 13.28 2.71 -3.40
CA LEU C 158 13.48 3.89 -2.51
C LEU C 158 12.31 4.11 -1.58
N ALA C 159 11.11 4.13 -2.14
CA ALA C 159 9.91 4.40 -1.36
C ALA C 159 9.74 3.39 -0.22
N VAL C 160 9.96 2.12 -0.52
CA VAL C 160 9.87 1.07 0.49
C VAL C 160 10.98 1.20 1.52
N GLY C 161 12.21 1.38 1.05
CA GLY C 161 13.34 1.46 1.99
C GLY C 161 13.19 2.60 2.97
N PHE C 162 12.67 3.73 2.51
CA PHE C 162 12.45 4.89 3.41
C PHE C 162 11.20 4.73 4.26
N LYS C 163 10.14 4.18 3.69
CA LYS C 163 8.91 3.99 4.45
C LYS C 163 9.14 3.05 5.63
N LEU C 164 10.00 2.05 5.48
CA LEU C 164 10.25 1.06 6.53
C LEU C 164 10.88 1.68 7.78
N LEU C 165 11.51 2.84 7.63
CA LEU C 165 12.09 3.55 8.73
C LEU C 165 11.03 3.98 9.74
N GLN C 166 9.77 4.09 9.27
CA GLN C 166 8.66 4.54 10.08
C GLN C 166 8.04 3.46 10.90
N GLU C 167 8.43 2.21 10.67
CA GLU C 167 7.86 1.09 11.44
CA GLU C 167 7.85 1.10 11.45
C GLU C 167 8.38 1.12 12.86
N GLU C 168 7.72 0.35 13.72
CA GLU C 168 8.10 0.32 15.15
C GLU C 168 9.60 0.06 15.39
N ASN C 169 10.24 1.04 16.03
CA ASN C 169 11.65 0.94 16.41
C ASN C 169 12.57 0.69 15.23
N CYS C 170 12.26 1.36 14.12
CA CYS C 170 13.02 1.16 12.86
C CYS C 170 13.81 2.38 12.41
N ASP C 171 13.68 3.50 13.11
CA ASP C 171 14.28 4.72 12.57
C ASP C 171 15.73 4.86 12.94
N ILE C 172 16.56 4.24 12.11
CA ILE C 172 17.98 4.23 12.31
C ILE C 172 18.61 5.63 12.13
N PHE C 173 17.85 6.56 11.53
CA PHE C 173 18.37 7.93 11.37
C PHE C 173 17.85 8.91 12.43
N GLN C 174 17.23 8.39 13.49
CA GLN C 174 16.52 9.25 14.45
C GLN C 174 17.42 10.30 15.12
N ASN C 175 18.69 10.02 15.21
CA ASN C 175 19.67 10.93 15.87
C ASN C 175 20.56 11.67 14.91
N LEU C 176 20.27 11.59 13.62
CA LEU C 176 20.80 12.56 12.67
C LEU C 176 20.09 13.90 12.83
N THR C 177 20.78 15.00 12.57
CA THR C 177 20.14 16.30 12.51
C THR C 177 19.24 16.39 11.28
N LYS C 178 18.35 17.37 11.27
CA LYS C 178 17.49 17.61 10.06
C LYS C 178 18.33 17.78 8.81
N LYS C 179 19.38 18.58 8.88
CA LYS C 179 20.26 18.78 7.74
C LYS C 179 20.96 17.47 7.30
N GLN C 180 21.46 16.68 8.25
CA GLN C 180 22.11 15.42 7.91
C GLN C 180 21.08 14.49 7.22
N ARG C 181 19.88 14.41 7.79
CA ARG C 181 18.82 13.56 7.26
C ARG C 181 18.47 13.96 5.83
N GLN C 182 18.37 15.26 5.59
CA GLN C 182 18.10 15.77 4.22
C GLN C 182 19.18 15.43 3.25
N SER C 183 20.43 15.62 3.66
CA SER C 183 21.55 15.36 2.79
CA SER C 183 21.56 15.37 2.80
C SER C 183 21.62 13.87 2.46
N LEU C 184 21.49 13.06 3.48
CA LEU C 184 21.55 11.59 3.31
C LEU C 184 20.44 11.14 2.34
N ARG C 185 19.24 11.66 2.56
CA ARG C 185 18.10 11.29 1.71
C ARG C 185 18.36 11.62 0.25
N LYS C 186 18.82 12.84 -0.02
CA LYS C 186 19.21 13.26 -1.36
C LYS C 186 20.24 12.34 -2.00
N MET C 187 21.30 12.00 -1.27
CA MET C 187 22.33 11.11 -1.80
C MET C 187 21.79 9.73 -2.10
N VAL C 188 20.98 9.21 -1.20
CA VAL C 188 20.45 7.84 -1.36
C VAL C 188 19.56 7.76 -2.57
N ILE C 189 18.72 8.75 -2.73
CA ILE C 189 17.86 8.80 -3.92
C ILE C 189 18.69 8.85 -5.17
N ASP C 190 19.70 9.73 -5.21
CA ASP C 190 20.52 9.86 -6.41
C ASP C 190 21.25 8.53 -6.73
N ILE C 191 21.71 7.84 -5.67
CA ILE C 191 22.38 6.58 -5.84
C ILE C 191 21.46 5.46 -6.33
N VAL C 192 20.31 5.28 -5.69
CA VAL C 192 19.43 4.20 -6.11
C VAL C 192 18.87 4.46 -7.50
N LEU C 193 18.53 5.70 -7.83
CA LEU C 193 17.98 5.93 -9.17
C LEU C 193 19.04 5.63 -10.24
N ALA C 194 20.30 5.78 -9.87
CA ALA C 194 21.43 5.45 -10.78
C ALA C 194 21.63 3.94 -10.97
N THR C 195 20.91 3.15 -10.19
CA THR C 195 20.99 1.69 -10.38
C THR C 195 20.02 1.18 -11.43
N ASP C 196 19.13 2.04 -11.95
CA ASP C 196 18.28 1.70 -13.10
C ASP C 196 19.20 1.36 -14.23
N MET C 197 19.12 0.12 -14.76
CA MET C 197 20.13 -0.30 -15.74
C MET C 197 20.10 0.52 -17.02
N SER C 198 18.94 1.07 -17.34
CA SER C 198 18.79 1.94 -18.53
C SER C 198 19.70 3.17 -18.48
N LYS C 199 20.23 3.51 -17.29
CA LYS C 199 21.12 4.67 -17.14
C LYS C 199 22.60 4.33 -17.29
N HIS C 200 22.89 3.06 -17.56
CA HIS C 200 24.22 2.58 -17.53
C HIS C 200 25.14 3.36 -18.51
N MET C 201 24.67 3.51 -19.74
CA MET C 201 25.57 4.10 -20.77
C MET C 201 25.87 5.55 -20.43
N ASN C 202 24.89 6.26 -19.89
CA ASN C 202 25.13 7.68 -19.48
C ASN C 202 26.05 7.76 -18.30
N LEU C 203 25.89 6.87 -17.34
CA LEU C 203 26.71 6.84 -16.18
C LEU C 203 28.17 6.57 -16.57
N LEU C 204 28.35 5.62 -17.45
CA LEU C 204 29.68 5.25 -17.89
C LEU C 204 30.36 6.42 -18.67
N ALA C 205 29.58 7.06 -19.52
CA ALA C 205 30.13 8.19 -20.36
C ALA C 205 30.61 9.27 -19.44
N ASP C 206 29.79 9.55 -18.45
CA ASP C 206 30.10 10.59 -17.51
C ASP C 206 31.33 10.17 -16.65
N LEU C 207 31.46 8.87 -16.32
CA LEU C 207 32.59 8.40 -15.53
C LEU C 207 33.91 8.51 -16.32
N LYS C 208 33.85 8.20 -17.59
CA LYS C 208 35.01 8.36 -18.45
C LYS C 208 35.47 9.81 -18.45
N THR C 209 34.51 10.72 -18.54
CA THR C 209 34.81 12.18 -18.57
C THR C 209 35.47 12.59 -17.27
N MET C 210 34.94 12.09 -16.18
CA MET C 210 35.55 12.34 -14.88
C MET C 210 36.97 11.79 -14.76
N VAL C 211 37.23 10.61 -15.31
CA VAL C 211 38.56 10.01 -15.30
C VAL C 211 39.55 10.86 -16.14
N GLU C 212 39.07 11.37 -17.27
CA GLU C 212 39.96 12.18 -18.18
C GLU C 212 40.48 13.45 -17.49
N THR C 213 39.75 13.98 -16.51
CA THR C 213 40.17 15.22 -15.83
C THR C 213 40.46 15.02 -14.35
N LYS C 214 40.77 13.80 -13.95
CA LYS C 214 40.90 13.52 -12.53
C LYS C 214 42.18 14.13 -11.93
N LYS C 215 42.06 14.53 -10.68
CA LYS C 215 43.16 15.08 -9.90
C LYS C 215 43.35 14.19 -8.68
N VAL C 216 44.60 14.08 -8.23
CA VAL C 216 44.88 13.39 -6.96
C VAL C 216 45.35 14.44 -5.94
N THR C 217 45.12 14.18 -4.66
CA THR C 217 45.45 15.14 -3.61
C THR C 217 46.84 14.87 -3.08
N SER C 218 47.24 15.69 -2.11
CA SER C 218 48.50 15.55 -1.43
C SER C 218 48.68 14.19 -0.78
N SER C 219 47.57 13.49 -0.48
CA SER C 219 47.60 12.16 0.14
CA SER C 219 47.66 12.16 0.13
C SER C 219 47.58 11.01 -0.88
N GLY C 220 47.55 11.33 -2.17
CA GLY C 220 47.52 10.29 -3.23
C GLY C 220 46.12 9.76 -3.58
N VAL C 221 45.09 10.32 -2.95
CA VAL C 221 43.73 9.88 -3.20
C VAL C 221 43.07 10.84 -4.17
N LEU C 222 42.00 10.34 -4.74
CA LEU C 222 41.23 11.09 -5.69
C LEU C 222 40.69 12.41 -5.10
N LEU C 223 40.85 13.50 -5.85
CA LEU C 223 40.41 14.81 -5.38
C LEU C 223 39.01 15.05 -5.92
N LEU C 224 38.05 15.16 -4.99
CA LEU C 224 36.67 15.40 -5.33
C LEU C 224 36.11 16.64 -4.59
N ASP C 225 35.97 17.73 -5.35
CA ASP C 225 35.75 19.13 -4.82
C ASP C 225 34.33 19.54 -4.53
N ASN C 226 33.38 18.85 -5.14
CA ASN C 226 32.02 19.34 -5.19
C ASN C 226 31.06 18.18 -5.10
N TYR C 227 29.80 18.49 -4.77
CA TYR C 227 28.76 17.44 -4.63
C TYR C 227 28.67 16.62 -5.91
N SER C 228 28.67 17.31 -7.05
CA SER C 228 28.49 16.65 -8.30
C SER C 228 29.51 15.53 -8.52
N ASP C 229 30.79 15.80 -8.25
CA ASP C 229 31.80 14.80 -8.46
C ASP C 229 31.68 13.65 -7.45
N ARG C 230 31.40 14.00 -6.20
CA ARG C 230 31.32 13.00 -5.13
CA ARG C 230 31.32 13.00 -5.13
C ARG C 230 30.16 12.04 -5.39
N ILE C 231 29.01 12.61 -5.71
CA ILE C 231 27.81 11.76 -5.98
C ILE C 231 27.98 10.92 -7.20
N GLN C 232 28.66 11.45 -8.24
CA GLN C 232 28.94 10.67 -9.39
CA GLN C 232 28.97 10.67 -9.43
C GLN C 232 29.82 9.44 -9.11
N VAL C 233 30.85 9.63 -8.28
CA VAL C 233 31.68 8.50 -7.89
C VAL C 233 30.87 7.46 -7.06
N LEU C 234 30.04 7.93 -6.15
CA LEU C 234 29.19 7.00 -5.34
C LEU C 234 28.18 6.26 -6.22
N GLN C 235 27.55 6.98 -7.15
CA GLN C 235 26.63 6.33 -8.09
C GLN C 235 27.30 5.24 -8.86
N ASN C 236 28.47 5.54 -9.45
CA ASN C 236 29.19 4.55 -10.20
C ASN C 236 29.71 3.42 -9.36
N MET C 237 30.05 3.72 -8.11
CA MET C 237 30.54 2.72 -7.16
C MET C 237 29.48 1.65 -6.87
N VAL C 238 28.30 2.13 -6.56
CA VAL C 238 27.18 1.22 -6.30
C VAL C 238 26.76 0.49 -7.57
N HIS C 239 26.75 1.15 -8.72
CA HIS C 239 26.42 0.48 -9.97
C HIS C 239 27.45 -0.61 -10.25
N CYS C 240 28.72 -0.33 -9.98
CA CYS C 240 29.77 -1.30 -10.14
C CYS C 240 29.51 -2.49 -9.22
N ALA C 241 29.16 -2.21 -7.98
CA ALA C 241 28.80 -3.29 -7.03
C ALA C 241 27.63 -4.14 -7.56
N ASP C 242 26.61 -3.49 -8.11
CA ASP C 242 25.45 -4.15 -8.69
C ASP C 242 25.85 -5.02 -9.86
N LEU C 243 26.88 -4.60 -10.61
CA LEU C 243 27.38 -5.34 -11.77
C LEU C 243 28.73 -6.00 -11.47
N SER C 244 28.87 -6.49 -10.25
CA SER C 244 30.17 -7.07 -9.81
C SER C 244 30.24 -8.56 -9.94
N ASN C 245 29.13 -9.23 -10.24
CA ASN C 245 29.12 -10.71 -10.20
C ASN C 245 30.25 -11.36 -11.06
N PRO C 246 30.45 -10.88 -12.29
CA PRO C 246 31.50 -11.51 -13.12
C PRO C 246 32.92 -11.22 -12.69
N THR C 247 33.11 -10.31 -11.73
CA THR C 247 34.41 -10.01 -11.18
C THR C 247 34.76 -10.80 -9.94
N LYS C 248 33.81 -11.64 -9.49
CA LYS C 248 34.01 -12.42 -8.30
C LYS C 248 34.63 -13.77 -8.60
N PRO C 249 35.13 -14.46 -7.56
CA PRO C 249 35.58 -15.85 -7.79
C PRO C 249 34.55 -16.65 -8.55
N LEU C 250 35.03 -17.45 -9.49
CA LEU C 250 34.14 -18.15 -10.40
C LEU C 250 33.00 -18.93 -9.75
N GLN C 251 33.26 -19.59 -8.61
CA GLN C 251 32.23 -20.38 -7.92
C GLN C 251 31.04 -19.51 -7.55
N LEU C 252 31.33 -18.27 -7.18
CA LEU C 252 30.27 -17.29 -6.85
C LEU C 252 29.58 -16.83 -8.14
N TYR C 253 30.37 -16.43 -9.12
CA TYR C 253 29.84 -15.93 -10.38
C TYR C 253 28.87 -16.95 -11.00
N ARG C 254 29.26 -18.22 -11.04
CA ARG C 254 28.41 -19.21 -11.70
C ARG C 254 27.05 -19.31 -11.00
N GLN C 255 27.05 -19.18 -9.67
CA GLN C 255 25.79 -19.21 -8.90
C GLN C 255 24.93 -17.99 -9.25
N TRP C 256 25.56 -16.83 -9.40
CA TRP C 256 24.79 -15.64 -9.79
C TRP C 256 24.19 -15.80 -11.18
N THR C 257 24.96 -16.32 -12.12
CA THR C 257 24.45 -16.59 -13.46
C THR C 257 23.24 -17.51 -13.46
N ASP C 258 23.34 -18.58 -12.71
CA ASP C 258 22.28 -19.54 -12.67
C ASP C 258 20.97 -18.92 -12.10
N ARG C 259 21.16 -18.10 -11.05
CA ARG C 259 20.03 -17.39 -10.43
C ARG C 259 19.41 -16.39 -11.37
N ILE C 260 20.22 -15.59 -12.09
CA ILE C 260 19.58 -14.58 -12.96
C ILE C 260 18.82 -15.25 -14.09
N MET C 261 19.37 -16.36 -14.62
CA MET C 261 18.67 -17.05 -15.70
C MET C 261 17.35 -17.66 -15.22
N GLU C 262 17.34 -18.21 -14.03
CA GLU C 262 16.08 -18.73 -13.45
C GLU C 262 15.05 -17.62 -13.36
N GLU C 263 15.50 -16.45 -12.88
CA GLU C 263 14.60 -15.32 -12.75
C GLU C 263 14.05 -14.83 -14.11
N PHE C 264 14.95 -14.72 -15.10
CA PHE C 264 14.55 -14.27 -16.42
C PHE C 264 13.61 -15.28 -17.08
N PHE C 265 13.90 -16.58 -16.95
CA PHE C 265 13.01 -17.59 -17.52
C PHE C 265 11.63 -17.59 -16.88
N ARG C 266 11.58 -17.33 -15.58
CA ARG C 266 10.28 -17.18 -14.88
C ARG C 266 9.47 -16.01 -15.43
N GLN C 267 10.14 -14.88 -15.75
CA GLN C 267 9.44 -13.79 -16.43
C GLN C 267 8.93 -14.20 -17.82
N GLY C 268 9.80 -14.87 -18.56
CA GLY C 268 9.41 -15.38 -19.90
C GLY C 268 8.21 -16.31 -19.85
N ASP C 269 8.15 -17.12 -18.82
CA ASP C 269 7.00 -18.01 -18.63
C ASP C 269 5.70 -17.20 -18.40
N ARG C 270 5.76 -16.10 -17.63
CA ARG C 270 4.61 -15.23 -17.51
C ARG C 270 4.21 -14.60 -18.84
N GLU C 271 5.21 -14.16 -19.61
CA GLU C 271 4.97 -13.55 -20.90
C GLU C 271 4.27 -14.54 -21.83
N ARG C 272 4.75 -15.76 -21.79
CA ARG C 272 4.18 -16.88 -22.63
C ARG C 272 2.74 -17.11 -22.27
N GLU C 273 2.43 -17.16 -20.97
CA GLU C 273 1.03 -17.32 -20.53
C GLU C 273 0.12 -16.19 -20.97
N ARG C 274 0.67 -14.97 -21.08
CA ARG C 274 -0.11 -13.81 -21.48
C ARG C 274 -0.21 -13.65 -23.01
N GLY C 275 0.40 -14.56 -23.72
CA GLY C 275 0.48 -14.48 -25.21
C GLY C 275 1.36 -13.38 -25.74
N MET C 276 2.27 -12.88 -24.89
CA MET C 276 3.24 -11.85 -25.31
C MET C 276 4.41 -12.48 -26.02
N GLU C 277 5.11 -11.69 -26.83
CA GLU C 277 6.39 -12.09 -27.35
C GLU C 277 7.35 -12.30 -26.14
N ILE C 278 8.12 -13.37 -26.16
CA ILE C 278 9.06 -13.65 -25.06
C ILE C 278 10.27 -12.74 -25.19
N SER C 279 10.58 -12.02 -24.12
CA SER C 279 11.63 -11.02 -24.14
C SER C 279 12.98 -11.70 -24.33
N PRO C 280 13.92 -10.97 -24.93
CA PRO C 280 15.25 -11.52 -25.10
C PRO C 280 15.83 -11.95 -23.77
N MET C 281 16.52 -13.11 -23.75
CA MET C 281 17.15 -13.72 -22.58
C MET C 281 16.17 -14.40 -21.63
N CYS C 282 14.87 -14.32 -21.92
CA CYS C 282 13.82 -14.84 -21.00
C CYS C 282 13.16 -16.12 -21.48
N ASP C 283 13.65 -16.69 -22.61
CA ASP C 283 13.00 -17.88 -23.19
C ASP C 283 13.82 -19.12 -22.85
N LYS C 284 13.34 -19.93 -21.92
CA LYS C 284 14.06 -21.12 -21.51
C LYS C 284 14.24 -22.12 -22.66
N HIS C 285 13.40 -22.01 -23.69
CA HIS C 285 13.48 -22.94 -24.87
C HIS C 285 14.45 -22.46 -25.93
N ASN C 286 14.95 -21.24 -25.79
CA ASN C 286 15.89 -20.67 -26.73
C ASN C 286 16.90 -19.79 -26.01
N ALA C 287 17.75 -20.43 -25.26
CA ALA C 287 18.70 -19.71 -24.41
C ALA C 287 20.11 -20.09 -24.76
N SER C 288 21.01 -19.14 -24.58
CA SER C 288 22.42 -19.38 -24.76
CA SER C 288 22.44 -19.41 -24.73
C SER C 288 23.14 -18.75 -23.57
N VAL C 289 23.12 -19.43 -22.44
CA VAL C 289 23.57 -18.85 -21.20
C VAL C 289 25.02 -18.40 -21.26
N GLU C 290 25.90 -19.26 -21.78
CA GLU C 290 27.31 -18.98 -21.80
C GLU C 290 27.68 -17.84 -22.76
N LYS C 291 27.15 -17.86 -23.96
CA LYS C 291 27.39 -16.80 -24.93
C LYS C 291 26.87 -15.47 -24.44
N SER C 292 25.76 -15.53 -23.71
CA SER C 292 25.16 -14.31 -23.17
C SER C 292 26.02 -13.68 -22.08
N GLN C 293 26.64 -14.50 -21.23
CA GLN C 293 27.58 -13.97 -20.23
C GLN C 293 28.79 -13.32 -20.91
N VAL C 294 29.31 -13.95 -21.96
CA VAL C 294 30.45 -13.35 -22.65
C VAL C 294 30.09 -11.95 -23.22
N GLY C 295 28.88 -11.83 -23.79
CA GLY C 295 28.36 -10.56 -24.31
C GLY C 295 28.21 -9.54 -23.20
N PHE C 296 27.66 -9.99 -22.06
CA PHE C 296 27.53 -9.14 -20.88
C PHE C 296 28.87 -8.56 -20.46
N ILE C 297 29.89 -9.42 -20.42
CA ILE C 297 31.23 -8.99 -19.99
C ILE C 297 31.80 -8.04 -21.03
N ASP C 298 31.73 -8.43 -22.31
CA ASP C 298 32.40 -7.63 -23.35
C ASP C 298 31.77 -6.25 -23.55
N TYR C 299 30.45 -6.15 -23.46
CA TYR C 299 29.74 -4.93 -23.80
C TYR C 299 29.40 -4.04 -22.62
N ILE C 300 29.29 -4.63 -21.43
CA ILE C 300 28.80 -3.93 -20.28
C ILE C 300 29.78 -3.94 -19.12
N VAL C 301 30.13 -5.14 -18.62
CA VAL C 301 30.88 -5.25 -17.36
C VAL C 301 32.35 -4.83 -17.55
N HIS C 302 32.99 -5.32 -18.61
CA HIS C 302 34.42 -4.98 -18.82
C HIS C 302 34.63 -3.47 -19.10
N PRO C 303 33.78 -2.85 -19.96
CA PRO C 303 33.91 -1.40 -20.16
C PRO C 303 33.75 -0.63 -18.86
N LEU C 304 32.76 -1.01 -18.03
CA LEU C 304 32.54 -0.30 -16.79
C LEU C 304 33.71 -0.49 -15.83
N TRP C 305 34.15 -1.72 -15.62
CA TRP C 305 35.20 -1.97 -14.64
C TRP C 305 36.59 -1.49 -15.14
N GLU C 306 36.79 -1.47 -16.45
CA GLU C 306 38.07 -0.91 -16.97
C GLU C 306 38.15 0.57 -16.61
N THR C 307 37.01 1.26 -16.73
CA THR C 307 36.90 2.66 -16.39
C THR C 307 37.07 2.93 -14.90
N TRP C 308 36.37 2.13 -14.07
CA TRP C 308 36.59 2.21 -12.64
C TRP C 308 38.06 2.00 -12.29
N ALA C 309 38.66 1.02 -12.90
CA ALA C 309 40.07 0.66 -12.60
C ALA C 309 40.99 1.85 -12.95
N ASP C 310 40.66 2.57 -14.03
CA ASP C 310 41.42 3.81 -14.37
C ASP C 310 41.25 4.86 -13.29
N LEU C 311 40.04 5.03 -12.81
CA LEU C 311 39.76 6.00 -11.79
C LEU C 311 40.60 5.75 -10.52
N VAL C 312 40.71 4.49 -10.12
CA VAL C 312 41.31 4.13 -8.84
C VAL C 312 42.66 3.48 -9.03
N HIS C 313 43.25 3.69 -10.20
CA HIS C 313 44.47 2.97 -10.59
C HIS C 313 45.56 3.10 -9.53
N PRO C 314 46.22 1.99 -9.16
CA PRO C 314 46.13 0.62 -9.69
C PRO C 314 45.27 -0.31 -8.80
N ASP C 315 44.38 0.26 -7.99
CA ASP C 315 43.69 -0.51 -6.93
C ASP C 315 42.83 -1.69 -7.44
N ALA C 316 42.27 -1.58 -8.63
CA ALA C 316 41.29 -2.58 -9.13
C ALA C 316 41.86 -3.53 -10.18
N GLN C 317 43.19 -3.60 -10.28
CA GLN C 317 43.79 -4.54 -11.24
C GLN C 317 43.39 -6.02 -11.06
N ASP C 318 43.34 -6.48 -9.83
CA ASP C 318 42.98 -7.88 -9.56
C ASP C 318 41.55 -8.16 -10.01
N ILE C 319 40.69 -7.16 -9.84
CA ILE C 319 39.28 -7.30 -10.23
C ILE C 319 39.20 -7.53 -11.73
N LEU C 320 39.95 -6.75 -12.49
CA LEU C 320 40.00 -6.92 -13.94
C LEU C 320 40.59 -8.25 -14.40
N ASP C 321 41.66 -8.70 -13.77
CA ASP C 321 42.25 -10.00 -14.11
C ASP C 321 41.26 -11.12 -13.92
N THR C 322 40.48 -11.04 -12.84
CA THR C 322 39.49 -12.09 -12.52
C THR C 322 38.40 -12.07 -13.55
N LEU C 323 37.93 -10.87 -13.85
CA LEU C 323 36.93 -10.69 -14.85
C LEU C 323 37.33 -11.29 -16.19
N GLU C 324 38.60 -11.07 -16.60
CA GLU C 324 39.08 -11.66 -17.84
C GLU C 324 39.22 -13.22 -17.82
N ASP C 325 39.63 -13.77 -16.69
CA ASP C 325 39.61 -15.24 -16.49
C ASP C 325 38.19 -15.83 -16.56
N ASN C 326 37.25 -15.11 -15.98
CA ASN C 326 35.89 -15.59 -15.98
C ASN C 326 35.24 -15.53 -17.36
N ARG C 327 35.59 -14.51 -18.15
CA ARG C 327 35.14 -14.43 -19.50
C ARG C 327 35.57 -15.67 -20.29
N GLU C 328 36.83 -16.05 -20.10
CA GLU C 328 37.40 -17.26 -20.75
C GLU C 328 36.65 -18.52 -20.33
N TRP C 329 36.29 -18.65 -19.06
CA TRP C 329 35.47 -19.78 -18.62
C TRP C 329 34.19 -19.90 -19.42
N TYR C 330 33.43 -18.82 -19.49
CA TYR C 330 32.18 -18.87 -20.25
C TYR C 330 32.37 -19.08 -21.74
N GLN C 331 33.37 -18.41 -22.32
CA GLN C 331 33.69 -18.57 -23.73
C GLN C 331 34.00 -20.06 -24.02
N SER C 332 34.75 -20.66 -23.10
CA SER C 332 35.23 -22.07 -23.22
C SER C 332 34.12 -23.11 -23.02
N THR C 333 33.03 -22.72 -22.38
CA THR C 333 31.91 -23.65 -22.12
C THR C 333 30.70 -23.39 -23.03
N ILE C 334 30.85 -22.53 -24.04
CA ILE C 334 29.81 -22.41 -25.08
C ILE C 334 29.71 -23.77 -25.81
N PRO C 335 28.51 -24.41 -25.81
CA PRO C 335 28.34 -25.66 -26.58
C PRO C 335 28.33 -25.36 -28.09
N GLY C 351 24.09 -13.46 -29.57
CA GLY C 351 24.22 -12.73 -30.86
C GLY C 351 23.09 -11.73 -30.95
N ASN C 352 21.97 -12.13 -31.56
CA ASN C 352 20.82 -11.25 -31.73
C ASN C 352 20.11 -11.02 -30.39
N GLN C 353 19.85 -12.09 -29.62
CA GLN C 353 19.22 -11.97 -28.28
C GLN C 353 20.08 -11.16 -27.33
N VAL C 354 21.38 -11.39 -27.36
CA VAL C 354 22.32 -10.59 -26.55
C VAL C 354 22.26 -9.12 -26.92
N SER C 355 22.38 -8.84 -28.21
CA SER C 355 22.33 -7.49 -28.69
C SER C 355 21.02 -6.80 -28.36
N GLU C 356 19.92 -7.51 -28.57
CA GLU C 356 18.59 -6.96 -28.29
C GLU C 356 18.38 -6.70 -26.78
N PHE C 357 18.83 -7.67 -25.99
CA PHE C 357 18.76 -7.52 -24.50
C PHE C 357 19.51 -6.29 -24.04
N ILE C 358 20.72 -6.14 -24.55
CA ILE C 358 21.54 -5.01 -24.17
C ILE C 358 20.91 -3.71 -24.56
N SER C 359 20.45 -3.60 -25.80
CA SER C 359 19.77 -2.40 -26.28
CA SER C 359 19.79 -2.40 -26.29
C SER C 359 18.55 -2.02 -25.46
N ASN C 360 17.79 -3.02 -25.03
CA ASN C 360 16.58 -2.81 -24.27
C ASN C 360 16.83 -2.56 -22.79
N THR C 361 18.00 -2.96 -22.31
CA THR C 361 18.28 -2.92 -20.85
C THR C 361 19.16 -1.78 -20.41
N PHE C 362 20.25 -1.54 -21.16
CA PHE C 362 21.33 -0.68 -20.65
C PHE C 362 21.42 0.71 -21.30
N LEU C 363 20.48 1.01 -22.19
CA LEU C 363 20.41 2.31 -22.89
C LEU C 363 19.15 3.06 -22.49
N ASP C 364 19.21 4.38 -22.56
CA ASP C 364 18.14 5.21 -22.02
C ASP C 364 16.91 5.24 -22.92
N GLN D 12 -30.82 28.27 -16.91
CA GLN D 12 -30.19 26.96 -16.87
C GLN D 12 -29.60 26.57 -18.25
N GLU D 13 -30.21 25.61 -18.94
CA GLU D 13 -29.58 24.98 -20.12
C GLU D 13 -29.27 25.95 -21.28
N ASP D 14 -30.20 26.86 -21.57
CA ASP D 14 -30.01 27.81 -22.68
C ASP D 14 -28.92 28.81 -22.36
N VAL D 15 -28.90 29.28 -21.11
CA VAL D 15 -27.92 30.27 -20.69
C VAL D 15 -26.51 29.62 -20.70
N LEU D 16 -26.43 28.37 -20.24
CA LEU D 16 -25.15 27.63 -20.24
C LEU D 16 -24.65 27.46 -21.67
N ALA D 17 -25.55 27.04 -22.57
CA ALA D 17 -25.20 26.87 -23.99
C ALA D 17 -24.70 28.16 -24.62
N LYS D 18 -25.32 29.27 -24.26
CA LYS D 18 -24.91 30.59 -24.73
C LYS D 18 -23.48 30.93 -24.28
N GLU D 19 -23.17 30.71 -23.01
CA GLU D 19 -21.80 30.96 -22.53
C GLU D 19 -20.80 30.08 -23.28
N LEU D 20 -21.18 28.83 -23.55
CA LEU D 20 -20.28 27.84 -24.16
C LEU D 20 -19.97 28.16 -25.61
N GLU D 21 -20.73 29.09 -26.19
CA GLU D 21 -20.40 29.65 -27.51
C GLU D 21 -19.07 30.39 -27.53
N ASP D 22 -18.59 30.81 -26.36
CA ASP D 22 -17.28 31.49 -26.24
C ASP D 22 -16.11 30.52 -25.98
N VAL D 23 -16.32 29.23 -26.17
CA VAL D 23 -15.30 28.22 -25.83
C VAL D 23 -14.02 28.44 -26.63
N ASN D 24 -14.11 29.10 -27.78
CA ASN D 24 -12.91 29.36 -28.58
C ASN D 24 -12.29 30.72 -28.35
N LYS D 25 -12.77 31.44 -27.34
CA LYS D 25 -12.32 32.78 -27.00
C LYS D 25 -11.44 32.80 -25.77
N TRP D 26 -10.35 33.57 -25.86
CA TRP D 26 -9.55 33.87 -24.69
C TRP D 26 -10.36 34.77 -23.82
N GLY D 27 -10.66 34.35 -22.61
CA GLY D 27 -11.57 35.18 -21.80
C GLY D 27 -12.98 34.64 -21.63
N LEU D 28 -13.20 33.39 -22.03
CA LEU D 28 -14.38 32.65 -21.60
C LEU D 28 -14.75 32.93 -20.16
N HIS D 29 -16.03 33.10 -19.89
CA HIS D 29 -16.52 33.31 -18.51
C HIS D 29 -16.58 32.00 -17.72
N VAL D 30 -15.42 31.50 -17.30
CA VAL D 30 -15.34 30.13 -16.78
C VAL D 30 -16.00 29.98 -15.41
N PHE D 31 -15.98 31.07 -14.60
CA PHE D 31 -16.63 31.03 -13.30
C PHE D 31 -18.14 31.01 -13.47
N ARG D 32 -18.65 31.74 -14.44
CA ARG D 32 -20.10 31.70 -14.78
C ARG D 32 -20.49 30.30 -15.23
N ILE D 33 -19.65 29.69 -16.07
CA ILE D 33 -19.90 28.32 -16.54
C ILE D 33 -19.93 27.34 -15.36
N ALA D 34 -19.03 27.53 -14.41
CA ALA D 34 -18.99 26.69 -13.23
C ALA D 34 -20.31 26.80 -12.44
N GLU D 35 -20.81 28.02 -12.31
CA GLU D 35 -22.09 28.25 -11.59
C GLU D 35 -23.23 27.59 -12.35
N LEU D 36 -23.31 27.89 -13.64
CA LEU D 36 -24.42 27.44 -14.49
C LEU D 36 -24.51 25.93 -14.67
N SER D 37 -23.36 25.26 -14.58
CA SER D 37 -23.31 23.80 -14.78
C SER D 37 -23.45 23.00 -13.50
N GLY D 38 -23.75 23.67 -12.38
CA GLY D 38 -23.81 23.00 -11.10
C GLY D 38 -22.43 22.49 -10.64
N ASN D 39 -21.45 23.36 -10.79
CA ASN D 39 -20.03 23.10 -10.48
C ASN D 39 -19.43 21.96 -11.27
N ARG D 40 -19.76 21.94 -12.54
CA ARG D 40 -19.17 20.95 -13.50
C ARG D 40 -18.49 21.63 -14.68
N PRO D 41 -17.72 22.69 -14.44
CA PRO D 41 -17.06 23.31 -15.58
C PRO D 41 -16.14 22.41 -16.35
N LEU D 42 -15.39 21.53 -15.67
CA LEU D 42 -14.44 20.68 -16.41
C LEU D 42 -15.14 19.70 -17.33
N THR D 43 -16.22 19.14 -16.84
CA THR D 43 -16.99 18.20 -17.60
C THR D 43 -17.63 18.86 -18.84
N VAL D 44 -18.26 20.00 -18.63
CA VAL D 44 -18.97 20.62 -19.73
C VAL D 44 -18.02 21.20 -20.77
N ILE D 45 -16.94 21.78 -20.29
CA ILE D 45 -15.94 22.37 -21.20
C ILE D 45 -15.23 21.24 -22.00
N MET D 46 -14.77 20.20 -21.33
CA MET D 46 -14.17 19.06 -22.02
C MET D 46 -15.11 18.44 -23.03
N HIS D 47 -16.34 18.23 -22.64
CA HIS D 47 -17.34 17.65 -23.58
C HIS D 47 -17.48 18.54 -24.83
N THR D 48 -17.62 19.84 -24.62
CA THR D 48 -17.73 20.81 -25.75
C THR D 48 -16.53 20.72 -26.69
N ILE D 49 -15.34 20.68 -26.09
CA ILE D 49 -14.10 20.65 -26.88
C ILE D 49 -13.96 19.36 -27.64
N PHE D 50 -14.27 18.23 -26.99
CA PHE D 50 -14.18 16.97 -27.65
C PHE D 50 -15.14 16.90 -28.85
N GLN D 51 -16.33 17.47 -28.70
CA GLN D 51 -17.30 17.51 -29.81
C GLN D 51 -16.75 18.39 -30.93
N GLU D 52 -16.34 19.60 -30.58
CA GLU D 52 -15.85 20.58 -31.58
C GLU D 52 -14.66 20.05 -32.36
N ARG D 53 -13.77 19.33 -31.67
CA ARG D 53 -12.58 18.78 -32.32
C ARG D 53 -12.80 17.42 -32.93
N ASP D 54 -14.02 16.92 -32.83
CA ASP D 54 -14.41 15.61 -33.37
C ASP D 54 -13.64 14.42 -32.78
N LEU D 55 -13.27 14.55 -31.51
CA LEU D 55 -12.42 13.56 -30.90
C LEU D 55 -13.17 12.28 -30.56
N LEU D 56 -14.47 12.39 -30.31
CA LEU D 56 -15.25 11.19 -30.04
C LEU D 56 -15.27 10.27 -31.27
N LYS D 57 -15.52 10.85 -32.44
CA LYS D 57 -15.52 10.06 -33.69
C LYS D 57 -14.16 9.51 -34.04
N THR D 58 -13.13 10.36 -33.99
CA THR D 58 -11.79 9.96 -34.40
C THR D 58 -11.25 8.81 -33.57
N PHE D 59 -11.53 8.85 -32.26
CA PHE D 59 -10.99 7.88 -31.34
C PHE D 59 -12.04 6.90 -30.80
N LYS D 60 -13.22 6.90 -31.44
CA LYS D 60 -14.32 5.98 -31.10
C LYS D 60 -14.61 5.96 -29.61
N ILE D 61 -14.72 7.14 -29.04
CA ILE D 61 -15.01 7.28 -27.61
C ILE D 61 -16.49 7.33 -27.43
N PRO D 62 -17.09 6.34 -26.74
CA PRO D 62 -18.51 6.48 -26.45
C PRO D 62 -18.81 7.69 -25.58
N VAL D 63 -19.89 8.40 -25.91
CA VAL D 63 -20.18 9.66 -25.24
C VAL D 63 -20.46 9.44 -23.75
N ASP D 64 -21.17 8.34 -23.42
CA ASP D 64 -21.46 8.02 -22.01
C ASP D 64 -20.17 7.71 -21.20
N THR D 65 -19.22 7.05 -21.84
CA THR D 65 -17.91 6.78 -21.26
C THR D 65 -17.15 8.10 -21.01
N LEU D 66 -17.17 8.98 -22.00
CA LEU D 66 -16.51 10.29 -21.84
C LEU D 66 -17.09 11.06 -20.64
N ILE D 67 -18.43 11.16 -20.57
CA ILE D 67 -19.08 11.89 -19.49
CA ILE D 67 -19.09 11.89 -19.50
C ILE D 67 -18.81 11.24 -18.13
N THR D 68 -18.87 9.90 -18.08
CA THR D 68 -18.63 9.18 -16.83
C THR D 68 -17.17 9.40 -16.36
N TYR D 69 -16.23 9.33 -17.28
CA TYR D 69 -14.83 9.64 -16.92
C TYR D 69 -14.66 11.07 -16.45
N LEU D 70 -15.23 12.01 -17.19
CA LEU D 70 -15.08 13.41 -16.85
C LEU D 70 -15.66 13.72 -15.49
N MET D 71 -16.83 13.19 -15.21
CA MET D 71 -17.45 13.41 -13.91
CA MET D 71 -17.45 13.42 -13.92
C MET D 71 -16.59 12.86 -12.77
N THR D 72 -16.00 11.70 -13.00
CA THR D 72 -15.11 11.05 -12.05
C THR D 72 -13.87 11.89 -11.83
N LEU D 73 -13.28 12.31 -12.95
CA LEU D 73 -12.10 13.17 -12.86
C LEU D 73 -12.39 14.44 -12.10
N GLU D 74 -13.49 15.09 -12.45
CA GLU D 74 -13.86 16.35 -11.82
C GLU D 74 -14.08 16.17 -10.32
N ASP D 75 -14.68 15.03 -9.94
CA ASP D 75 -14.91 14.69 -8.53
C ASP D 75 -13.60 14.61 -7.74
N HIS D 76 -12.49 14.25 -8.40
CA HIS D 76 -11.18 14.08 -7.73
C HIS D 76 -10.37 15.38 -7.66
N TYR D 77 -10.92 16.47 -8.18
CA TYR D 77 -10.44 17.78 -7.86
C TYR D 77 -11.13 18.20 -6.54
N HIS D 78 -10.35 18.77 -5.61
CA HIS D 78 -10.89 19.14 -4.30
C HIS D 78 -11.66 20.46 -4.39
N ALA D 79 -12.96 20.43 -4.17
CA ALA D 79 -13.76 21.66 -4.17
C ALA D 79 -13.35 22.65 -3.05
N ASP D 80 -12.76 22.16 -1.97
CA ASP D 80 -12.31 23.00 -0.85
C ASP D 80 -10.97 23.72 -1.07
N VAL D 81 -10.26 23.37 -2.14
CA VAL D 81 -9.02 24.02 -2.45
C VAL D 81 -9.34 25.25 -3.31
N ALA D 82 -8.86 26.42 -2.89
CA ALA D 82 -9.32 27.68 -3.48
C ALA D 82 -8.91 27.90 -4.92
N TYR D 83 -7.68 27.50 -5.26
CA TYR D 83 -7.17 27.73 -6.60
C TYR D 83 -7.08 26.39 -7.42
N HIS D 84 -6.34 25.43 -6.87
CA HIS D 84 -6.10 24.15 -7.56
C HIS D 84 -7.28 23.22 -7.46
N ASN D 85 -8.36 23.64 -8.10
CA ASN D 85 -9.61 22.89 -8.13
C ASN D 85 -10.08 22.66 -9.57
N ASN D 86 -11.30 22.15 -9.72
CA ASN D 86 -11.84 21.84 -11.05
C ASN D 86 -12.07 23.02 -11.98
N ILE D 87 -12.24 24.22 -11.40
CA ILE D 87 -12.36 25.44 -12.23
C ILE D 87 -11.02 25.76 -12.86
N HIS D 88 -9.93 25.64 -12.08
CA HIS D 88 -8.59 25.82 -12.64
C HIS D 88 -8.34 24.80 -13.74
N ALA D 89 -8.72 23.56 -13.50
CA ALA D 89 -8.49 22.51 -14.51
C ALA D 89 -9.23 22.86 -15.81
N ALA D 90 -10.49 23.29 -15.66
CA ALA D 90 -11.32 23.67 -16.79
C ALA D 90 -10.72 24.82 -17.58
N ASP D 91 -10.20 25.78 -16.85
CA ASP D 91 -9.52 26.94 -17.43
C ASP D 91 -8.29 26.60 -18.22
N VAL D 92 -7.45 25.72 -17.68
CA VAL D 92 -6.24 25.31 -18.38
C VAL D 92 -6.60 24.50 -19.62
N VAL D 93 -7.58 23.62 -19.50
CA VAL D 93 -8.10 22.87 -20.67
C VAL D 93 -8.52 23.86 -21.78
N GLN D 94 -9.32 24.82 -21.39
CA GLN D 94 -9.91 25.75 -22.40
C GLN D 94 -8.86 26.63 -23.02
N SER D 95 -7.89 27.03 -22.20
CA SER D 95 -6.79 27.86 -22.67
C SER D 95 -5.90 27.09 -23.64
N THR D 96 -5.61 25.85 -23.33
CA THR D 96 -4.88 24.97 -24.25
C THR D 96 -5.64 24.81 -25.57
N HIS D 97 -6.95 24.63 -25.46
CA HIS D 97 -7.82 24.51 -26.63
C HIS D 97 -7.72 25.75 -27.55
N VAL D 98 -7.69 26.92 -26.95
CA VAL D 98 -7.49 28.16 -27.78
C VAL D 98 -6.10 28.21 -28.38
N LEU D 99 -5.08 27.90 -27.57
CA LEU D 99 -3.69 27.98 -28.07
C LEU D 99 -3.47 27.00 -29.19
N LEU D 100 -4.14 25.85 -29.14
CA LEU D 100 -3.97 24.83 -30.21
C LEU D 100 -4.48 25.34 -31.57
N SER D 101 -5.38 26.30 -31.53
CA SER D 101 -6.00 26.85 -32.75
C SER D 101 -5.33 28.11 -33.26
N THR D 102 -4.18 28.46 -32.68
CA THR D 102 -3.47 29.68 -33.09
CA THR D 102 -3.45 29.66 -33.09
C THR D 102 -3.06 29.47 -34.56
N PRO D 103 -3.22 30.52 -35.41
CA PRO D 103 -2.92 30.33 -36.84
C PRO D 103 -1.57 29.75 -37.16
N ALA D 104 -0.56 30.16 -36.40
CA ALA D 104 0.82 29.65 -36.62
C ALA D 104 0.98 28.16 -36.46
N LEU D 105 0.02 27.51 -35.79
CA LEU D 105 0.09 26.08 -35.52
C LEU D 105 -0.92 25.28 -36.33
N GLU D 106 -1.57 25.94 -37.30
CA GLU D 106 -2.61 25.28 -38.10
C GLU D 106 -2.10 24.02 -38.81
N ALA D 107 -2.82 22.93 -38.60
CA ALA D 107 -2.51 21.60 -39.17
C ALA D 107 -1.19 20.98 -38.70
N VAL D 108 -0.51 21.59 -37.73
CA VAL D 108 0.79 21.11 -37.27
C VAL D 108 0.67 19.81 -36.47
N PHE D 109 -0.30 19.76 -35.55
CA PHE D 109 -0.42 18.59 -34.63
C PHE D 109 -1.45 17.59 -35.10
N THR D 110 -1.15 16.32 -34.90
CA THR D 110 -2.07 15.23 -35.18
C THR D 110 -3.20 15.22 -34.18
N ASP D 111 -4.28 14.52 -34.52
CA ASP D 111 -5.41 14.40 -33.58
C ASP D 111 -4.97 13.75 -32.27
N LEU D 112 -4.05 12.81 -32.33
CA LEU D 112 -3.57 12.16 -31.10
C LEU D 112 -2.78 13.13 -30.24
N GLU D 113 -1.96 13.98 -30.86
CA GLU D 113 -1.22 15.02 -30.13
C GLU D 113 -2.16 16.03 -29.50
N ILE D 114 -3.23 16.38 -30.23
CA ILE D 114 -4.26 17.27 -29.71
C ILE D 114 -4.97 16.65 -28.48
N LEU D 115 -5.33 15.40 -28.64
CA LEU D 115 -5.96 14.64 -27.51
C LEU D 115 -5.04 14.61 -26.30
N ALA D 116 -3.77 14.34 -26.55
CA ALA D 116 -2.77 14.35 -25.47
C ALA D 116 -2.71 15.68 -24.72
N ALA D 117 -2.65 16.78 -25.46
CA ALA D 117 -2.54 18.08 -24.85
C ALA D 117 -3.78 18.42 -24.02
N ILE D 118 -4.94 18.10 -24.55
CA ILE D 118 -6.21 18.44 -23.91
CA ILE D 118 -6.23 18.43 -23.91
C ILE D 118 -6.39 17.53 -22.67
N PHE D 119 -6.12 16.25 -22.83
CA PHE D 119 -6.23 15.30 -21.69
C PHE D 119 -5.22 15.66 -20.60
N ALA D 120 -3.97 15.94 -20.99
CA ALA D 120 -2.95 16.36 -20.02
C ALA D 120 -3.42 17.56 -19.26
N SER D 121 -4.00 18.56 -19.97
CA SER D 121 -4.51 19.76 -19.28
C SER D 121 -5.61 19.43 -18.29
N ALA D 122 -6.47 18.51 -18.65
CA ALA D 122 -7.61 18.15 -17.78
C ALA D 122 -7.17 17.48 -16.48
N ILE D 123 -6.13 16.65 -16.58
CA ILE D 123 -5.67 15.87 -15.39
C ILE D 123 -4.54 16.55 -14.62
N HIS D 124 -4.03 17.66 -15.12
CA HIS D 124 -2.70 18.10 -14.72
C HIS D 124 -2.58 18.49 -13.26
N ASP D 125 -3.70 18.80 -12.58
CA ASP D 125 -3.68 19.12 -11.12
C ASP D 125 -4.61 18.23 -10.29
N VAL D 126 -5.04 17.10 -10.82
CA VAL D 126 -6.06 16.31 -10.14
C VAL D 126 -5.59 15.84 -8.73
N ASP D 127 -6.51 15.86 -7.76
CA ASP D 127 -6.22 15.45 -6.39
C ASP D 127 -5.13 16.34 -5.75
N HIS D 128 -5.07 17.61 -6.16
CA HIS D 128 -4.15 18.55 -5.55
C HIS D 128 -4.64 18.84 -4.12
N PRO D 129 -3.75 18.76 -3.14
CA PRO D 129 -4.12 18.98 -1.72
C PRO D 129 -4.13 20.43 -1.29
N GLY D 130 -3.70 21.34 -2.15
CA GLY D 130 -3.63 22.75 -1.83
C GLY D 130 -2.37 23.19 -1.11
N VAL D 131 -1.32 22.37 -1.15
CA VAL D 131 -0.02 22.76 -0.65
C VAL D 131 1.01 22.42 -1.73
N SER D 132 2.17 23.03 -1.60
CA SER D 132 3.26 22.91 -2.59
C SER D 132 4.09 21.65 -2.47
N ASN D 133 4.84 21.36 -3.53
CA ASN D 133 5.82 20.27 -3.49
C ASN D 133 6.77 20.48 -2.31
N GLN D 134 7.19 21.72 -2.10
CA GLN D 134 8.18 21.97 -1.06
C GLN D 134 7.59 21.72 0.33
N PHE D 135 6.35 22.09 0.55
CA PHE D 135 5.65 21.74 1.80
C PHE D 135 5.62 20.23 2.01
N LEU D 136 5.23 19.50 0.95
CA LEU D 136 5.19 18.05 1.03
C LEU D 136 6.55 17.42 1.34
N ILE D 137 7.60 17.95 0.73
CA ILE D 137 8.95 17.46 0.95
C ILE D 137 9.40 17.79 2.39
N ASN D 138 9.16 19.04 2.80
CA ASN D 138 9.67 19.55 4.09
C ASN D 138 8.99 18.94 5.28
N THR D 139 7.78 18.47 5.08
CA THR D 139 7.03 17.75 6.09
C THR D 139 7.17 16.25 6.03
N ASN D 140 8.04 15.76 5.16
CA ASN D 140 8.21 14.31 5.02
C ASN D 140 6.91 13.58 4.79
N SER D 141 6.06 14.16 3.92
CA SER D 141 4.75 13.64 3.64
C SER D 141 4.76 12.32 2.93
N GLU D 142 3.62 11.61 3.03
CA GLU D 142 3.47 10.31 2.37
C GLU D 142 3.72 10.42 0.86
N LEU D 143 3.19 11.48 0.23
CA LEU D 143 3.40 11.62 -1.19
C LEU D 143 4.86 11.86 -1.55
N ALA D 144 5.57 12.67 -0.77
CA ALA D 144 6.98 12.92 -1.04
C ALA D 144 7.81 11.68 -0.82
N LEU D 145 7.44 10.87 0.18
CA LEU D 145 8.09 9.57 0.40
C LEU D 145 7.83 8.61 -0.80
N MET D 146 6.62 8.61 -1.31
CA MET D 146 6.26 7.74 -2.45
CA MET D 146 6.26 7.74 -2.45
C MET D 146 7.05 8.11 -3.68
N TYR D 147 7.22 9.40 -3.90
CA TYR D 147 7.84 9.91 -5.12
C TYR D 147 9.28 10.45 -5.01
N ASN D 148 9.93 10.15 -3.91
CA ASN D 148 11.34 10.45 -3.79
C ASN D 148 11.68 11.92 -4.02
N ASP D 149 10.78 12.78 -3.54
CA ASP D 149 10.92 14.24 -3.59
C ASP D 149 10.95 14.87 -4.98
N SER D 150 10.65 14.09 -6.04
CA SER D 150 10.86 14.53 -7.39
C SER D 150 9.54 14.73 -8.11
N SER D 151 9.25 15.98 -8.49
CA SER D 151 7.95 16.33 -9.05
C SER D 151 6.81 15.59 -8.38
N VAL D 152 6.75 15.77 -7.06
CA VAL D 152 5.88 14.96 -6.23
C VAL D 152 4.40 15.08 -6.70
N LEU D 153 3.88 16.30 -6.73
CA LEU D 153 2.48 16.50 -7.09
C LEU D 153 2.20 16.06 -8.53
N GLU D 154 3.12 16.37 -9.44
CA GLU D 154 2.89 16.14 -10.83
C GLU D 154 2.85 14.66 -11.15
N ASN D 155 3.74 13.89 -10.53
CA ASN D 155 3.66 12.44 -10.66
C ASN D 155 2.36 11.89 -10.11
N HIS D 156 1.90 12.47 -9.00
CA HIS D 156 0.64 12.06 -8.41
C HIS D 156 -0.58 12.40 -9.31
N HIS D 157 -0.57 13.58 -9.92
CA HIS D 157 -1.69 13.99 -10.78
C HIS D 157 -1.79 12.97 -11.95
N LEU D 158 -0.65 12.63 -12.53
CA LEU D 158 -0.62 11.64 -13.61
C LEU D 158 -1.17 10.30 -13.17
N ALA D 159 -0.66 9.81 -12.05
CA ALA D 159 -1.09 8.52 -11.52
C ALA D 159 -2.60 8.44 -11.30
N VAL D 160 -3.16 9.48 -10.70
CA VAL D 160 -4.58 9.57 -10.47
C VAL D 160 -5.37 9.68 -11.80
N GLY D 161 -4.94 10.58 -12.69
CA GLY D 161 -5.64 10.80 -13.93
C GLY D 161 -5.71 9.52 -14.78
N PHE D 162 -4.64 8.73 -14.78
CA PHE D 162 -4.66 7.44 -15.46
C PHE D 162 -5.42 6.33 -14.69
N LYS D 163 -5.26 6.29 -13.38
CA LYS D 163 -5.96 5.25 -12.61
C LYS D 163 -7.46 5.36 -12.74
N LEU D 164 -7.98 6.58 -12.83
CA LEU D 164 -9.42 6.79 -12.91
C LEU D 164 -10.03 6.16 -14.16
N LEU D 165 -9.21 5.95 -15.19
CA LEU D 165 -9.67 5.32 -16.42
C LEU D 165 -10.20 3.92 -16.13
N GLN D 166 -9.74 3.32 -15.02
CA GLN D 166 -10.07 1.95 -14.64
C GLN D 166 -11.40 1.80 -13.93
N GLU D 167 -12.03 2.90 -13.55
CA GLU D 167 -13.33 2.83 -12.85
C GLU D 167 -14.41 2.45 -13.85
N GLU D 168 -15.58 2.09 -13.33
CA GLU D 168 -16.69 1.62 -14.18
C GLU D 168 -17.02 2.60 -15.32
N ASN D 169 -16.94 2.07 -16.55
CA ASN D 169 -17.30 2.80 -17.75
C ASN D 169 -16.53 4.10 -17.88
N CYS D 170 -15.26 4.07 -17.48
CA CYS D 170 -14.40 5.27 -17.54
C CYS D 170 -13.29 5.23 -18.57
N ASP D 171 -13.11 4.12 -19.27
CA ASP D 171 -11.94 4.04 -20.13
C ASP D 171 -12.18 4.67 -21.49
N ILE D 172 -11.91 5.96 -21.55
CA ILE D 172 -12.08 6.72 -22.78
C ILE D 172 -11.09 6.35 -23.87
N PHE D 173 -10.02 5.62 -23.51
CA PHE D 173 -9.04 5.22 -24.52
C PHE D 173 -9.22 3.76 -24.96
N GLN D 174 -10.36 3.17 -24.64
CA GLN D 174 -10.56 1.73 -24.86
C GLN D 174 -10.45 1.33 -26.34
N ASN D 175 -10.75 2.27 -27.26
CA ASN D 175 -10.71 2.00 -28.69
C ASN D 175 -9.52 2.58 -29.44
N LEU D 176 -8.55 3.10 -28.70
CA LEU D 176 -7.26 3.39 -29.28
C LEU D 176 -6.55 2.07 -29.56
N THR D 177 -5.72 2.05 -30.57
CA THR D 177 -4.82 0.93 -30.78
C THR D 177 -3.74 0.91 -29.69
N LYS D 178 -3.08 -0.24 -29.52
CA LYS D 178 -1.99 -0.34 -28.55
C LYS D 178 -0.96 0.76 -28.80
N LYS D 179 -0.59 0.97 -30.07
CA LYS D 179 0.42 1.97 -30.40
C LYS D 179 -0.03 3.40 -30.08
N GLN D 180 -1.29 3.69 -30.39
CA GLN D 180 -1.85 5.00 -30.06
C GLN D 180 -1.83 5.22 -28.55
N ARG D 181 -2.27 4.21 -27.81
CA ARG D 181 -2.32 4.32 -26.35
C ARG D 181 -0.94 4.56 -25.76
N GLN D 182 0.07 3.85 -26.30
CA GLN D 182 1.44 4.03 -25.82
C GLN D 182 1.96 5.42 -26.11
N SER D 183 1.68 5.91 -27.30
CA SER D 183 2.15 7.22 -27.68
CA SER D 183 2.14 7.24 -27.72
C SER D 183 1.48 8.30 -26.86
N LEU D 184 0.18 8.18 -26.71
CA LEU D 184 -0.59 9.18 -25.96
CA LEU D 184 -0.61 9.17 -25.94
C LEU D 184 -0.09 9.23 -24.51
N ARG D 185 0.09 8.06 -23.92
CA ARG D 185 0.54 7.99 -22.51
C ARG D 185 1.89 8.69 -22.37
N LYS D 186 2.86 8.36 -23.24
CA LYS D 186 4.17 9.01 -23.20
C LYS D 186 4.04 10.53 -23.32
N MET D 187 3.21 11.02 -24.27
CA MET D 187 3.08 12.48 -24.45
C MET D 187 2.45 13.14 -23.23
N VAL D 188 1.46 12.50 -22.67
CA VAL D 188 0.74 13.07 -21.52
C VAL D 188 1.65 13.16 -20.31
N ILE D 189 2.42 12.10 -20.08
CA ILE D 189 3.42 12.13 -19.00
C ILE D 189 4.42 13.27 -19.21
N ASP D 190 5.00 13.39 -20.41
CA ASP D 190 5.95 14.44 -20.69
C ASP D 190 5.35 15.83 -20.47
N ILE D 191 4.10 16.00 -20.85
CA ILE D 191 3.41 17.28 -20.69
C ILE D 191 3.08 17.61 -19.24
N VAL D 192 2.47 16.69 -18.51
CA VAL D 192 2.18 16.98 -17.08
C VAL D 192 3.46 17.17 -16.25
N LEU D 193 4.49 16.36 -16.51
CA LEU D 193 5.73 16.59 -15.75
C LEU D 193 6.35 17.98 -16.01
N ALA D 194 6.09 18.51 -17.20
CA ALA D 194 6.58 19.85 -17.55
C ALA D 194 5.78 20.97 -16.87
N THR D 195 4.69 20.63 -16.19
CA THR D 195 3.95 21.60 -15.41
C THR D 195 4.50 21.85 -14.03
N ASP D 196 5.45 21.02 -13.60
CA ASP D 196 6.15 21.25 -12.36
C ASP D 196 6.82 22.62 -12.46
N MET D 197 6.47 23.54 -11.55
CA MET D 197 6.91 24.94 -11.72
C MET D 197 8.41 25.10 -11.60
N SER D 198 9.06 24.16 -10.90
CA SER D 198 10.52 24.20 -10.76
C SER D 198 11.24 24.01 -12.09
N LYS D 199 10.55 23.49 -13.12
CA LYS D 199 11.13 23.30 -14.43
C LYS D 199 10.99 24.51 -15.36
N HIS D 200 10.38 25.58 -14.86
CA HIS D 200 10.01 26.72 -15.68
C HIS D 200 11.23 27.31 -16.42
N MET D 201 12.29 27.57 -15.66
CA MET D 201 13.42 28.30 -16.27
C MET D 201 14.05 27.48 -17.35
N ASN D 202 14.17 26.18 -17.13
CA ASN D 202 14.72 25.28 -18.18
C ASN D 202 13.81 25.18 -19.37
N LEU D 203 12.50 25.10 -19.15
CA LEU D 203 11.56 24.99 -20.22
C LEU D 203 11.62 26.26 -21.11
N LEU D 204 11.67 27.40 -20.45
CA LEU D 204 11.74 28.67 -21.15
C LEU D 204 13.03 28.82 -21.95
N ALA D 205 14.13 28.42 -21.32
CA ALA D 205 15.47 28.54 -21.96
C ALA D 205 15.46 27.72 -23.21
N ASP D 206 14.92 26.51 -23.08
CA ASP D 206 14.83 25.62 -24.22
C ASP D 206 13.85 26.13 -25.28
N LEU D 207 12.74 26.77 -24.88
CA LEU D 207 11.83 27.35 -25.84
C LEU D 207 12.48 28.52 -26.64
N LYS D 208 13.22 29.36 -25.94
CA LYS D 208 13.91 30.48 -26.59
C LYS D 208 14.80 29.96 -27.66
N THR D 209 15.56 28.93 -27.32
CA THR D 209 16.51 28.32 -28.26
C THR D 209 15.77 27.76 -29.46
N MET D 210 14.63 27.11 -29.23
CA MET D 210 13.75 26.67 -30.33
C MET D 210 13.27 27.80 -31.23
N VAL D 211 12.88 28.92 -30.63
CA VAL D 211 12.40 30.07 -31.38
C VAL D 211 13.53 30.61 -32.30
N GLU D 212 14.74 30.60 -31.77
CA GLU D 212 15.90 31.12 -32.52
C GLU D 212 16.14 30.42 -33.81
N THR D 213 15.76 29.15 -33.88
CA THR D 213 16.03 28.33 -35.07
C THR D 213 14.75 27.84 -35.72
N LYS D 214 13.65 28.55 -35.50
CA LYS D 214 12.37 28.11 -36.03
C LYS D 214 12.27 28.25 -37.56
N LYS D 215 11.51 27.35 -38.18
CA LYS D 215 11.26 27.36 -39.61
C LYS D 215 9.74 27.55 -39.82
N VAL D 216 9.38 28.46 -40.73
CA VAL D 216 7.95 28.69 -41.09
C VAL D 216 7.71 28.37 -42.58
N THR D 217 6.46 28.16 -42.95
CA THR D 217 6.08 28.01 -44.37
C THR D 217 6.06 29.38 -45.06
N VAL D 221 3.14 29.78 -40.84
CA VAL D 221 2.89 28.47 -40.18
C VAL D 221 4.16 27.69 -39.82
N LEU D 222 4.24 27.28 -38.55
CA LEU D 222 5.44 26.67 -37.98
C LEU D 222 5.68 25.28 -38.58
N LEU D 223 6.94 24.96 -38.81
CA LEU D 223 7.37 23.63 -39.25
C LEU D 223 8.04 22.86 -38.12
N LEU D 224 7.46 21.73 -37.71
CA LEU D 224 8.00 20.92 -36.60
C LEU D 224 8.22 19.46 -37.06
N ASP D 225 9.51 19.11 -37.24
CA ASP D 225 9.96 17.93 -37.99
C ASP D 225 10.05 16.63 -37.21
N ASN D 226 10.14 16.74 -35.89
CA ASN D 226 10.52 15.60 -35.05
C ASN D 226 9.73 15.60 -33.75
N TYR D 227 9.66 14.45 -33.06
CA TYR D 227 8.94 14.32 -31.78
C TYR D 227 9.45 15.37 -30.81
N SER D 228 10.76 15.53 -30.73
CA SER D 228 11.34 16.39 -29.75
C SER D 228 10.79 17.83 -29.87
N ASP D 229 10.72 18.37 -31.08
CA ASP D 229 10.25 19.73 -31.27
C ASP D 229 8.73 19.81 -30.96
N ARG D 230 7.99 18.84 -31.42
CA ARG D 230 6.54 18.81 -31.24
CA ARG D 230 6.54 18.85 -31.23
C ARG D 230 6.18 18.74 -29.76
N ILE D 231 6.80 17.82 -29.05
CA ILE D 231 6.51 17.67 -27.61
C ILE D 231 6.95 18.92 -26.85
N GLN D 232 8.06 19.51 -27.24
CA GLN D 232 8.51 20.72 -26.59
C GLN D 232 7.49 21.85 -26.74
N VAL D 233 6.93 22.00 -27.94
CA VAL D 233 5.91 23.01 -28.13
C VAL D 233 4.65 22.72 -27.27
N LEU D 234 4.23 21.47 -27.22
CA LEU D 234 3.06 21.09 -26.39
C LEU D 234 3.30 21.28 -24.89
N GLN D 235 4.51 20.91 -24.43
CA GLN D 235 4.88 21.18 -23.04
C GLN D 235 4.78 22.64 -22.71
N ASN D 236 5.35 23.49 -23.56
CA ASN D 236 5.32 24.92 -23.31
C ASN D 236 3.95 25.50 -23.47
N MET D 237 3.15 24.90 -24.34
CA MET D 237 1.76 25.37 -24.58
C MET D 237 0.93 25.20 -23.30
N VAL D 238 1.02 24.01 -22.72
CA VAL D 238 0.27 23.70 -21.52
C VAL D 238 0.83 24.49 -20.32
N HIS D 239 2.16 24.65 -20.22
CA HIS D 239 2.74 25.50 -19.22
C HIS D 239 2.24 26.95 -19.33
N CYS D 240 2.16 27.45 -20.57
CA CYS D 240 1.64 28.79 -20.82
C CYS D 240 0.18 28.87 -20.38
N ALA D 241 -0.61 27.85 -20.72
CA ALA D 241 -2.01 27.78 -20.25
C ALA D 241 -2.10 27.80 -18.73
N ASP D 242 -1.24 27.05 -18.05
CA ASP D 242 -1.21 26.98 -16.60
C ASP D 242 -0.81 28.37 -16.02
N LEU D 243 0.02 29.12 -16.74
CA LEU D 243 0.47 30.45 -16.33
C LEU D 243 -0.20 31.55 -17.16
N SER D 244 -1.46 31.34 -17.48
CA SER D 244 -2.19 32.26 -18.35
C SER D 244 -3.05 33.27 -17.59
N ASN D 245 -3.21 33.13 -16.28
CA ASN D 245 -4.21 33.98 -15.57
C ASN D 245 -3.96 35.49 -15.79
N PRO D 246 -2.69 35.94 -15.74
CA PRO D 246 -2.49 37.39 -15.88
C PRO D 246 -2.69 37.92 -17.29
N THR D 247 -2.86 37.03 -18.26
CA THR D 247 -3.12 37.38 -19.65
C THR D 247 -4.62 37.45 -19.97
N LYS D 248 -5.45 37.14 -19.00
CA LYS D 248 -6.88 37.12 -19.22
C LYS D 248 -7.48 38.49 -18.94
N PRO D 249 -8.74 38.66 -19.35
CA PRO D 249 -9.46 39.88 -18.87
C PRO D 249 -9.35 40.08 -17.39
N LEU D 250 -9.12 41.34 -17.00
CA LEU D 250 -8.87 41.65 -15.65
C LEU D 250 -9.85 41.07 -14.64
N GLN D 251 -11.18 41.05 -14.95
CA GLN D 251 -12.19 40.51 -14.02
C GLN D 251 -11.91 39.05 -13.68
N LEU D 252 -11.41 38.31 -14.67
CA LEU D 252 -10.99 36.92 -14.44
C LEU D 252 -9.69 36.85 -13.65
N TYR D 253 -8.69 37.59 -14.11
CA TYR D 253 -7.38 37.61 -13.45
C TYR D 253 -7.50 37.92 -11.95
N ARG D 254 -8.28 38.95 -11.60
CA ARG D 254 -8.40 39.31 -10.20
C ARG D 254 -8.99 38.19 -9.33
N GLN D 255 -9.90 37.43 -9.90
CA GLN D 255 -10.48 36.28 -9.19
C GLN D 255 -9.42 35.20 -8.99
N TRP D 256 -8.60 34.98 -10.00
CA TRP D 256 -7.51 33.95 -9.88
C TRP D 256 -6.52 34.36 -8.83
N THR D 257 -6.15 35.65 -8.81
CA THR D 257 -5.25 36.15 -7.76
C THR D 257 -5.82 35.93 -6.38
N ASP D 258 -7.08 36.28 -6.19
CA ASP D 258 -7.69 36.17 -4.88
C ASP D 258 -7.71 34.69 -4.41
N ARG D 259 -7.98 33.79 -5.36
CA ARG D 259 -8.01 32.35 -5.09
C ARG D 259 -6.64 31.79 -4.73
N ILE D 260 -5.60 32.18 -5.48
CA ILE D 260 -4.27 31.64 -5.16
C ILE D 260 -3.77 32.13 -3.82
N MET D 261 -4.06 33.41 -3.49
CA MET D 261 -3.66 33.92 -2.18
C MET D 261 -4.37 33.22 -1.05
N GLU D 262 -5.66 32.95 -1.23
CA GLU D 262 -6.43 32.22 -0.20
C GLU D 262 -5.78 30.85 0.02
N GLU D 263 -5.42 30.21 -1.07
CA GLU D 263 -4.79 28.88 -0.96
C GLU D 263 -3.41 28.92 -0.29
N PHE D 264 -2.59 29.89 -0.70
CA PHE D 264 -1.28 30.09 -0.10
C PHE D 264 -1.39 30.40 1.39
N PHE D 265 -2.30 31.29 1.76
CA PHE D 265 -2.46 31.63 3.18
C PHE D 265 -2.90 30.45 4.00
N ARG D 266 -3.71 29.58 3.42
CA ARG D 266 -4.08 28.36 4.13
C ARG D 266 -2.90 27.45 4.37
N GLN D 267 -1.99 27.36 3.41
CA GLN D 267 -0.76 26.60 3.62
C GLN D 267 0.03 27.21 4.76
N GLY D 268 0.16 28.54 4.74
CA GLY D 268 0.87 29.26 5.80
C GLY D 268 0.27 29.03 7.18
N ASP D 269 -1.05 28.98 7.24
CA ASP D 269 -1.75 28.66 8.49
C ASP D 269 -1.38 27.26 9.02
N ARG D 270 -1.29 26.26 8.11
CA ARG D 270 -0.89 24.92 8.48
C ARG D 270 0.59 24.92 8.98
N GLU D 271 1.45 25.69 8.31
CA GLU D 271 2.85 25.82 8.71
C GLU D 271 2.96 26.42 10.11
N ARG D 272 2.20 27.49 10.32
CA ARG D 272 2.17 28.19 11.61
C ARG D 272 1.77 27.23 12.74
N GLU D 273 0.72 26.45 12.52
CA GLU D 273 0.26 25.48 13.53
C GLU D 273 1.31 24.41 13.85
N ARG D 274 2.14 24.08 12.88
CA ARG D 274 3.18 23.06 13.05
C ARG D 274 4.47 23.62 13.62
N GLY D 275 4.49 24.92 13.89
CA GLY D 275 5.70 25.59 14.33
C GLY D 275 6.79 25.67 13.28
N MET D 276 6.40 25.62 12.00
CA MET D 276 7.33 25.80 10.89
C MET D 276 7.48 27.27 10.55
N GLU D 277 8.59 27.61 9.92
CA GLU D 277 8.75 28.94 9.34
C GLU D 277 7.66 29.09 8.26
N ILE D 278 7.02 30.25 8.20
CA ILE D 278 5.97 30.49 7.20
C ILE D 278 6.63 30.76 5.86
N SER D 279 6.19 30.02 4.83
CA SER D 279 6.82 30.14 3.53
C SER D 279 6.55 31.50 2.89
N PRO D 280 7.45 31.97 2.03
CA PRO D 280 7.20 33.22 1.32
C PRO D 280 5.86 33.19 0.59
N MET D 281 5.10 34.29 0.66
CA MET D 281 3.80 34.45 0.00
C MET D 281 2.66 33.78 0.73
N CYS D 282 2.95 33.05 1.82
CA CYS D 282 1.96 32.27 2.52
C CYS D 282 1.53 32.83 3.89
N ASP D 283 2.01 34.03 4.21
CA ASP D 283 1.71 34.63 5.52
C ASP D 283 0.66 35.74 5.35
N LYS D 284 -0.55 35.44 5.78
CA LYS D 284 -1.65 36.41 5.66
C LYS D 284 -1.40 37.69 6.46
N HIS D 285 -0.49 37.61 7.45
CA HIS D 285 -0.17 38.79 8.29
C HIS D 285 0.91 39.66 7.70
N ASN D 286 1.57 39.17 6.66
CA ASN D 286 2.66 39.89 6.04
C ASN D 286 2.65 39.66 4.54
N ALA D 287 1.64 40.19 3.89
CA ALA D 287 1.41 39.94 2.46
C ALA D 287 1.44 41.23 1.69
N SER D 288 1.84 41.12 0.44
CA SER D 288 1.78 42.24 -0.47
CA SER D 288 1.78 42.25 -0.49
C SER D 288 1.26 41.72 -1.81
N VAL D 289 -0.06 41.54 -1.86
CA VAL D 289 -0.67 40.86 -3.00
C VAL D 289 -0.35 41.53 -4.33
N GLU D 290 -0.49 42.88 -4.38
CA GLU D 290 -0.35 43.58 -5.65
C GLU D 290 1.09 43.61 -6.13
N LYS D 291 2.02 43.93 -5.23
CA LYS D 291 3.42 43.95 -5.57
C LYS D 291 3.87 42.58 -6.04
N SER D 292 3.29 41.54 -5.42
CA SER D 292 3.67 40.16 -5.76
C SER D 292 3.22 39.79 -7.16
N GLN D 293 2.03 40.23 -7.56
CA GLN D 293 1.58 40.00 -8.95
C GLN D 293 2.46 40.74 -9.95
N VAL D 294 2.87 41.96 -9.63
CA VAL D 294 3.77 42.64 -10.52
C VAL D 294 5.08 41.86 -10.71
N GLY D 295 5.65 41.35 -9.61
CA GLY D 295 6.86 40.55 -9.67
C GLY D 295 6.67 39.28 -10.49
N PHE D 296 5.52 38.62 -10.26
CA PHE D 296 5.15 37.42 -11.03
C PHE D 296 5.12 37.72 -12.52
N ILE D 297 4.50 38.82 -12.90
CA ILE D 297 4.48 39.20 -14.31
C ILE D 297 5.88 39.53 -14.85
N ASP D 298 6.60 40.38 -14.12
CA ASP D 298 7.89 40.88 -14.63
C ASP D 298 8.93 39.78 -14.76
N TYR D 299 8.95 38.82 -13.85
CA TYR D 299 10.02 37.81 -13.80
C TYR D 299 9.68 36.46 -14.41
N ILE D 300 8.38 36.15 -14.48
CA ILE D 300 7.92 34.84 -14.92
C ILE D 300 6.99 34.88 -16.11
N VAL D 301 5.85 35.55 -15.95
CA VAL D 301 4.76 35.46 -16.97
C VAL D 301 5.08 36.25 -18.23
N HIS D 302 5.59 37.48 -18.07
CA HIS D 302 5.94 38.25 -19.29
C HIS D 302 7.10 37.64 -20.10
N PRO D 303 8.21 37.22 -19.44
CA PRO D 303 9.27 36.52 -20.19
C PRO D 303 8.76 35.29 -20.93
N LEU D 304 7.88 34.49 -20.28
CA LEU D 304 7.35 33.32 -20.97
C LEU D 304 6.47 33.68 -22.15
N TRP D 305 5.50 34.58 -21.94
CA TRP D 305 4.56 34.89 -22.98
C TRP D 305 5.21 35.69 -24.13
N GLU D 306 6.24 36.48 -23.80
CA GLU D 306 6.96 37.21 -24.88
C GLU D 306 7.61 36.21 -25.83
N THR D 307 8.13 35.12 -25.25
CA THR D 307 8.73 34.04 -26.03
C THR D 307 7.71 33.23 -26.82
N TRP D 308 6.59 32.87 -26.17
CA TRP D 308 5.50 32.23 -26.93
C TRP D 308 5.03 33.11 -28.10
N ALA D 309 4.91 34.40 -27.83
CA ALA D 309 4.43 35.35 -28.85
C ALA D 309 5.41 35.39 -30.04
N ASP D 310 6.71 35.28 -29.76
CA ASP D 310 7.75 35.19 -30.82
C ASP D 310 7.54 33.92 -31.64
N LEU D 311 7.28 32.80 -30.96
CA LEU D 311 7.09 31.52 -31.62
C LEU D 311 5.95 31.57 -32.62
N VAL D 312 4.85 32.21 -32.23
CA VAL D 312 3.60 32.21 -33.03
C VAL D 312 3.32 33.57 -33.68
N HIS D 313 4.36 34.40 -33.76
CA HIS D 313 4.19 35.80 -34.21
C HIS D 313 3.40 35.87 -35.52
N PRO D 314 2.38 36.75 -35.62
CA PRO D 314 1.91 37.75 -34.65
C PRO D 314 0.69 37.32 -33.82
N ASP D 315 0.44 36.03 -33.73
CA ASP D 315 -0.85 35.54 -33.21
C ASP D 315 -1.17 35.97 -31.77
N ALA D 316 -0.15 36.12 -30.94
CA ALA D 316 -0.39 36.32 -29.50
C ALA D 316 -0.23 37.76 -29.06
N GLN D 317 -0.22 38.70 -30.01
CA GLN D 317 -0.02 40.11 -29.66
C GLN D 317 -1.08 40.64 -28.67
N ASP D 318 -2.34 40.27 -28.86
CA ASP D 318 -3.39 40.74 -27.96
C ASP D 318 -3.22 40.18 -26.56
N ILE D 319 -2.70 38.96 -26.45
CA ILE D 319 -2.41 38.36 -25.13
C ILE D 319 -1.37 39.20 -24.40
N LEU D 320 -0.30 39.58 -25.11
CA LEU D 320 0.73 40.43 -24.51
C LEU D 320 0.22 41.81 -24.10
N ASP D 321 -0.60 42.43 -24.95
CA ASP D 321 -1.15 43.74 -24.63
C ASP D 321 -1.98 43.72 -23.38
N THR D 322 -2.79 42.66 -23.23
CA THR D 322 -3.61 42.49 -22.03
C THR D 322 -2.72 42.33 -20.79
N LEU D 323 -1.73 41.46 -20.94
CA LEU D 323 -0.81 41.20 -19.86
C LEU D 323 -0.19 42.50 -19.37
N GLU D 324 0.24 43.35 -20.32
CA GLU D 324 0.87 44.62 -19.95
C GLU D 324 -0.11 45.59 -19.30
N ASP D 325 -1.35 45.64 -19.77
CA ASP D 325 -2.41 46.42 -19.11
C ASP D 325 -2.68 45.92 -17.69
N ASN D 326 -2.68 44.60 -17.52
CA ASN D 326 -2.96 44.02 -16.19
C ASN D 326 -1.84 44.27 -15.20
N ARG D 327 -0.60 44.27 -15.69
CA ARG D 327 0.54 44.62 -14.87
C ARG D 327 0.39 46.05 -14.32
N GLU D 328 -0.03 46.96 -15.19
CA GLU D 328 -0.27 48.37 -14.81
C GLU D 328 -1.37 48.47 -13.79
N TRP D 329 -2.43 47.68 -13.93
CA TRP D 329 -3.47 47.61 -12.91
C TRP D 329 -2.90 47.29 -11.53
N TYR D 330 -2.16 46.18 -11.43
CA TYR D 330 -1.63 45.78 -10.12
C TYR D 330 -0.60 46.78 -9.60
N GLN D 331 0.25 47.29 -10.48
CA GLN D 331 1.24 48.29 -10.09
C GLN D 331 0.53 49.53 -9.50
N SER D 332 -0.56 49.92 -10.16
CA SER D 332 -1.34 51.12 -9.78
C SER D 332 -2.13 50.95 -8.48
N THR D 333 -2.37 49.70 -8.05
CA THR D 333 -3.14 49.44 -6.85
C THR D 333 -2.29 48.97 -5.66
N ILE D 334 -0.97 49.06 -5.79
CA ILE D 334 -0.07 48.87 -4.65
C ILE D 334 -0.37 50.01 -3.64
N PRO D 335 -0.74 49.68 -2.38
CA PRO D 335 -1.19 50.75 -1.45
C PRO D 335 -0.11 51.75 -1.03
N GLY D 351 9.18 42.19 -2.84
CA GLY D 351 10.64 42.48 -2.80
C GLY D 351 11.38 41.22 -2.40
N ASN D 352 11.63 41.06 -1.11
CA ASN D 352 12.36 39.89 -0.59
C ASN D 352 11.49 38.62 -0.67
N GLN D 353 10.23 38.71 -0.20
CA GLN D 353 9.28 37.57 -0.30
C GLN D 353 9.06 37.15 -1.76
N VAL D 354 8.88 38.13 -2.64
CA VAL D 354 8.71 37.84 -4.08
C VAL D 354 9.92 37.12 -4.61
N SER D 355 11.09 37.69 -4.34
CA SER D 355 12.33 37.11 -4.83
CA SER D 355 12.35 37.11 -4.84
C SER D 355 12.53 35.70 -4.30
N GLU D 356 12.26 35.51 -3.01
CA GLU D 356 12.46 34.20 -2.39
C GLU D 356 11.46 33.19 -2.94
N PHE D 357 10.21 33.63 -3.11
CA PHE D 357 9.16 32.75 -3.68
C PHE D 357 9.53 32.29 -5.08
N ILE D 358 9.96 33.23 -5.89
CA ILE D 358 10.39 32.91 -7.27
C ILE D 358 11.55 31.95 -7.30
N SER D 359 12.59 32.24 -6.51
CA SER D 359 13.73 31.31 -6.43
C SER D 359 13.36 29.90 -5.99
N ASN D 360 12.47 29.80 -5.02
CA ASN D 360 12.07 28.51 -4.49
C ASN D 360 11.10 27.77 -5.40
N THR D 361 10.42 28.51 -6.25
CA THR D 361 9.31 27.96 -7.03
C THR D 361 9.64 27.60 -8.48
N PHE D 362 10.35 28.49 -9.16
CA PHE D 362 10.47 28.42 -10.62
C PHE D 362 11.84 27.99 -11.16
N LEU D 363 12.74 27.67 -10.22
CA LEU D 363 14.09 27.21 -10.56
C LEU D 363 14.26 25.78 -10.09
N ASP D 364 15.14 25.05 -10.78
CA ASP D 364 15.29 23.63 -10.54
C ASP D 364 15.99 23.35 -9.20
ZN ZN E . 0.20 -25.48 10.09
MG MG F . -0.81 -21.80 11.08
C E31 G . 5.73 -31.66 17.13
N E31 G . 5.39 -29.02 18.67
O E31 G . 3.94 -20.56 15.57
C12 E31 G . 3.52 -20.68 16.71
N4 E31 G . 4.23 -20.37 17.82
C11 E31 G . 2.16 -21.24 16.93
C8 E31 G . 2.19 -22.76 16.93
C9 E31 G . 2.20 -23.43 18.13
C10 E31 G . 2.16 -24.80 18.17
C7 E31 G . 2.17 -23.46 15.77
C6 E31 G . 2.14 -24.86 15.77
C5 E31 G . 2.13 -25.53 16.98
C19 E31 G . 2.07 -27.05 16.99
C4 E31 G . 3.26 -27.76 17.56
C20 E31 G . 3.99 -28.66 16.81
C2 E31 G . 5.09 -29.29 17.39
C1 E31 G . 5.91 -30.24 16.62
N1 E31 G . 3.57 -27.53 18.83
C3 E31 G . 4.65 -28.14 19.34
C13 E31 G . 5.00 -27.85 20.76
C18 E31 G . 4.01 -27.73 21.71
C17 E31 G . 4.34 -27.48 23.02
CL E31 G . 3.03 -27.33 24.18
C14 E31 G . 6.33 -27.78 21.10
C15 E31 G . 6.62 -27.49 22.44
C16 E31 G . 5.66 -27.38 23.42
ZN ZN H . 4.87 -13.29 -4.84
CL CL I . 10.70 -39.12 5.20
ZN ZN J . -19.85 6.07 10.28
MG MG K . -18.56 2.61 8.91
C E31 L . -29.92 9.51 7.64
N E31 L . -29.71 6.75 6.24
O E31 L . -22.33 1.99 3.43
C12 E31 L . -23.30 1.26 3.65
N4 E31 L . -24.14 0.86 2.72
C11 E31 L . -23.60 0.75 5.05
C8 E31 L . -24.41 1.75 5.83
C9 E31 L . -25.76 1.56 6.02
C10 E31 L . -26.55 2.47 6.76
C7 E31 L . -23.80 2.86 6.41
C6 E31 L . -24.57 3.78 7.16
C5 E31 L . -25.96 3.57 7.36
C19 E31 L . -26.75 4.56 8.21
C4 E31 L . -27.79 5.38 7.50
C20 E31 L . -27.76 6.75 7.53
C2 E31 L . -28.77 7.47 6.87
C1 E31 L . -28.74 8.96 6.85
N1 E31 L . -28.76 4.67 6.90
C3 E31 L . -29.70 5.40 6.26
C13 E31 L . -30.76 4.69 5.57
C18 E31 L . -31.29 3.56 6.18
C17 E31 L . -32.31 2.89 5.54
CL E31 L . -32.99 1.48 6.34
C14 E31 L . -31.23 5.15 4.38
C15 E31 L . -32.26 4.46 3.74
C16 E31 L . -32.82 3.35 4.32
CL CL M . -24.77 23.33 9.99
C1 MPD N . -11.50 -0.11 -6.14
C2 MPD N . -12.31 -0.07 -4.86
O2 MPD N . -12.65 -1.50 -4.61
CM MPD N . -11.47 0.46 -3.71
C3 MPD N . -13.55 0.84 -4.84
C4 MPD N . -14.15 1.33 -6.13
O4 MPD N . -15.48 1.86 -5.88
C5 MPD N . -13.32 2.42 -6.79
ZN ZN O . 20.69 -4.99 -7.71
MG MG P . 17.71 -2.96 -9.28
C E31 Q . 25.80 -12.63 -13.66
N E31 Q . 23.72 -11.52 -15.66
O E31 Q . 15.71 -7.28 -13.98
C12 E31 Q . 16.15 -6.99 -15.09
N4 E31 Q . 15.81 -7.59 -16.25
C11 E31 Q . 17.16 -5.88 -15.27
C8 E31 Q . 18.56 -6.39 -14.98
C9 E31 Q . 19.43 -6.58 -16.02
C10 E31 Q . 20.76 -7.01 -15.80
C7 E31 Q . 19.04 -6.65 -13.69
C6 E31 Q . 20.34 -7.08 -13.45
C5 E31 Q . 21.24 -7.26 -14.53
C19 E31 Q . 22.62 -7.70 -14.23
C4 E31 Q . 22.98 -9.06 -14.74
C20 E31 Q . 23.46 -10.01 -13.88
C2 E31 Q . 23.81 -11.28 -14.35
C1 E31 Q . 24.34 -12.31 -13.38
N1 E31 Q . 22.83 -9.32 -16.05
C3 E31 Q . 23.18 -10.55 -16.46
C13 E31 Q . 23.04 -10.84 -17.91
C18 E31 Q . 23.39 -9.87 -18.83
C17 E31 Q . 23.29 -10.16 -20.17
CL E31 Q . 23.76 -8.90 -21.30
C14 E31 Q . 22.62 -12.08 -18.32
C15 E31 Q . 22.50 -12.34 -19.66
C16 E31 Q . 22.84 -11.39 -20.61
CL CL R . 29.46 -19.01 -0.81
C1 MPD S . 2.00 -7.33 -10.08
C2 MPD S . 3.26 -7.78 -9.35
O2 MPD S . 4.02 -6.69 -8.82
CM MPD S . 2.89 -8.54 -8.08
C3 MPD S . 4.10 -8.46 -10.45
C4 MPD S . 4.19 -9.95 -10.32
O4 MPD S . 2.94 -10.58 -10.02
C5 MPD S . 4.82 -10.58 -11.53
ZN ZN T . -2.32 24.04 -12.81
MG MG U . 0.28 21.77 -10.93
C E31 V . -2.65 34.70 -10.80
N E31 V . -0.40 33.81 -8.87
O E31 V . 1.29 25.47 -5.46
C12 E31 V . 2.31 26.18 -5.53
N4 E31 V . 2.80 26.92 -4.55
C11 E31 V . 3.08 26.25 -6.82
C8 E31 V . 2.48 27.25 -7.78
C9 E31 V . 3.15 28.45 -7.95
C10 E31 V . 2.68 29.39 -8.83
C7 E31 V . 1.32 26.99 -8.55
C6 E31 V . 0.84 27.95 -9.44
C5 E31 V . 1.53 29.15 -9.56
C19 E31 V . 1.06 30.18 -10.56
C4 E31 V . 0.53 31.43 -9.94
C20 E31 V . -0.79 31.84 -10.18
C2 E31 V . -1.25 33.05 -9.61
C1 E31 V . -2.66 33.48 -9.88
N1 E31 V . 1.36 32.19 -9.22
C3 E31 V . 0.86 33.35 -8.66
C13 E31 V . 1.80 34.17 -7.82
C18 E31 V . 3.12 34.24 -8.22
C17 E31 V . 4.00 35.00 -7.47
CL E31 V . 5.67 35.12 -8.03
C14 E31 V . 1.34 34.80 -6.69
C15 E31 V . 2.25 35.58 -5.97
C16 E31 V . 3.56 35.66 -6.36
ZN ZN W . -11.61 8.05 -5.81
CL CL X . -16.76 34.32 -15.21
#